data_2DB2
#
_entry.id   2DB2
#
_entity_poly.entity_id   1
_entity_poly.type   'polypeptide(L)'
_entity_poly.pdbx_seq_one_letter_code
;GSSGSSGASRDLLKEFPQPKNLLNSVIGRALGISHAKDKLVYVHTNGPKKKKVTLHIKWPKSVEVEGYGSKKIDAERQAA
AAACQLFKGWGLLGPRNELFDAAKYRVLADRFGSGPSSG
;
_entity_poly.pdbx_strand_id   A
#
# COMPACT_ATOMS: atom_id res chain seq x y z
N GLY A 1 -9.60 2.96 -19.92
CA GLY A 1 -9.15 1.59 -20.04
C GLY A 1 -10.27 0.64 -20.44
N SER A 2 -9.92 -0.39 -21.20
CA SER A 2 -10.90 -1.37 -21.65
C SER A 2 -11.02 -2.52 -20.65
N SER A 3 -9.89 -3.14 -20.35
CA SER A 3 -9.86 -4.27 -19.42
C SER A 3 -9.66 -3.77 -17.99
N GLY A 4 -10.09 -4.58 -17.02
CA GLY A 4 -9.96 -4.22 -15.63
C GLY A 4 -10.74 -5.12 -14.70
N SER A 5 -10.28 -6.36 -14.57
CA SER A 5 -10.95 -7.34 -13.72
C SER A 5 -10.10 -7.66 -12.49
N SER A 6 -10.74 -8.21 -11.47
CA SER A 6 -10.05 -8.55 -10.23
C SER A 6 -9.25 -9.85 -10.40
N GLY A 7 -7.96 -9.79 -10.07
CA GLY A 7 -7.11 -10.95 -10.19
C GLY A 7 -5.79 -10.64 -10.87
N ALA A 8 -4.70 -10.76 -10.14
CA ALA A 8 -3.37 -10.50 -10.68
C ALA A 8 -2.58 -11.78 -10.88
N SER A 9 -2.60 -12.29 -12.10
CA SER A 9 -1.88 -13.53 -12.42
C SER A 9 -0.39 -13.38 -12.15
N ARG A 10 0.19 -12.28 -12.63
CA ARG A 10 1.61 -12.01 -12.44
C ARG A 10 1.91 -11.65 -11.00
N ASP A 11 3.11 -11.98 -10.55
CA ASP A 11 3.52 -11.67 -9.17
C ASP A 11 3.78 -10.19 -9.00
N LEU A 12 3.08 -9.58 -8.05
CA LEU A 12 3.24 -8.14 -7.79
C LEU A 12 4.63 -7.84 -7.25
N LEU A 13 5.11 -8.69 -6.36
CA LEU A 13 6.44 -8.52 -5.77
C LEU A 13 7.45 -8.13 -6.83
N LYS A 14 7.36 -8.77 -7.99
CA LYS A 14 8.28 -8.49 -9.09
C LYS A 14 8.53 -6.99 -9.22
N GLU A 15 7.46 -6.20 -9.12
CA GLU A 15 7.57 -4.75 -9.23
C GLU A 15 7.87 -4.13 -7.86
N PHE A 16 7.27 -4.70 -6.82
CA PHE A 16 7.47 -4.20 -5.46
C PHE A 16 8.20 -5.23 -4.61
N PRO A 17 9.54 -5.19 -4.64
CA PRO A 17 10.37 -6.11 -3.87
C PRO A 17 10.30 -5.84 -2.37
N GLN A 18 10.42 -4.58 -1.99
CA GLN A 18 10.38 -4.18 -0.59
C GLN A 18 9.13 -3.34 -0.30
N PRO A 19 7.97 -4.00 -0.25
CA PRO A 19 6.70 -3.33 0.02
C PRO A 19 6.59 -2.83 1.45
N LYS A 20 7.29 -3.50 2.36
CA LYS A 20 7.29 -3.12 3.77
C LYS A 20 7.98 -1.79 3.99
N ASN A 21 9.03 -1.54 3.20
CA ASN A 21 9.78 -0.30 3.30
C ASN A 21 9.25 0.75 2.32
N LEU A 22 8.93 0.29 1.10
CA LEU A 22 8.42 1.18 0.07
C LEU A 22 7.09 1.80 0.50
N LEU A 23 6.11 0.95 0.78
CA LEU A 23 4.79 1.42 1.20
C LEU A 23 4.90 2.36 2.40
N ASN A 24 5.50 1.88 3.48
CA ASN A 24 5.68 2.68 4.68
C ASN A 24 6.29 4.03 4.35
N SER A 25 7.34 4.02 3.52
CA SER A 25 8.03 5.24 3.13
C SER A 25 7.04 6.26 2.58
N VAL A 26 6.05 5.78 1.83
CA VAL A 26 5.04 6.65 1.24
C VAL A 26 4.31 7.45 2.32
N ILE A 27 3.44 6.77 3.06
CA ILE A 27 2.69 7.42 4.12
C ILE A 27 3.61 8.15 5.09
N GLY A 28 4.81 7.60 5.28
CA GLY A 28 5.77 8.21 6.18
C GLY A 28 6.21 9.59 5.72
N ARG A 29 6.15 9.81 4.40
CA ARG A 29 6.55 11.09 3.83
C ARG A 29 5.37 12.05 3.75
N ALA A 30 4.21 11.53 3.34
CA ALA A 30 3.00 12.33 3.23
C ALA A 30 2.54 12.82 4.60
N LEU A 31 2.36 11.89 5.52
CA LEU A 31 1.90 12.22 6.87
C LEU A 31 3.06 12.17 7.85
N GLY A 32 3.61 10.98 8.08
CA GLY A 32 4.72 10.82 8.99
C GLY A 32 4.93 9.39 9.42
N ILE A 33 6.15 8.90 9.29
CA ILE A 33 6.48 7.53 9.67
C ILE A 33 5.80 7.15 10.99
N SER A 34 5.84 8.08 11.94
CA SER A 34 5.23 7.83 13.25
C SER A 34 3.74 7.54 13.12
N HIS A 35 3.06 8.34 12.29
CA HIS A 35 1.63 8.16 12.08
C HIS A 35 1.35 6.91 11.26
N ALA A 36 2.06 6.76 10.15
CA ALA A 36 1.88 5.61 9.28
C ALA A 36 1.64 4.34 10.09
N LYS A 37 2.32 4.23 11.22
CA LYS A 37 2.18 3.07 12.10
C LYS A 37 0.74 2.60 12.14
N ASP A 38 -0.18 3.50 12.45
CA ASP A 38 -1.59 3.17 12.53
C ASP A 38 -2.21 3.11 11.14
N LYS A 39 -1.78 4.02 10.26
CA LYS A 39 -2.29 4.06 8.90
C LYS A 39 -2.30 2.67 8.28
N LEU A 40 -1.22 1.93 8.46
CA LEU A 40 -1.11 0.59 7.93
C LEU A 40 -1.30 -0.46 9.02
N VAL A 41 -2.45 -1.13 9.01
CA VAL A 41 -2.75 -2.15 10.00
C VAL A 41 -2.68 -3.55 9.38
N TYR A 42 -2.13 -4.50 10.14
CA TYR A 42 -2.01 -5.87 9.66
C TYR A 42 -2.83 -6.82 10.53
N VAL A 43 -3.73 -7.57 9.89
CA VAL A 43 -4.57 -8.51 10.60
C VAL A 43 -4.27 -9.95 10.17
N HIS A 44 -3.88 -10.77 11.14
CA HIS A 44 -3.56 -12.17 10.87
C HIS A 44 -4.77 -13.06 11.12
N THR A 45 -4.91 -14.09 10.29
CA THR A 45 -6.04 -15.02 10.42
C THR A 45 -5.54 -16.43 10.72
N ASN A 46 -6.47 -17.30 11.13
CA ASN A 46 -6.13 -18.68 11.45
C ASN A 46 -7.24 -19.64 10.99
N GLY A 47 -6.84 -20.69 10.30
CA GLY A 47 -7.81 -21.66 9.82
C GLY A 47 -7.36 -22.35 8.54
N PRO A 48 -7.15 -21.54 7.48
CA PRO A 48 -6.72 -22.06 6.17
C PRO A 48 -5.29 -22.57 6.20
N LYS A 49 -5.00 -23.57 5.37
CA LYS A 49 -3.67 -24.15 5.28
C LYS A 49 -2.60 -23.07 5.42
N LYS A 50 -2.56 -22.16 4.46
CA LYS A 50 -1.58 -21.08 4.47
C LYS A 50 -2.11 -19.87 5.26
N LYS A 51 -1.22 -19.17 5.92
CA LYS A 51 -1.58 -17.99 6.70
C LYS A 51 -1.85 -16.79 5.80
N LYS A 52 -2.83 -15.98 6.17
CA LYS A 52 -3.17 -14.80 5.40
C LYS A 52 -3.14 -13.55 6.26
N VAL A 53 -2.80 -12.42 5.66
CA VAL A 53 -2.73 -11.15 6.37
C VAL A 53 -3.48 -10.05 5.64
N THR A 54 -4.46 -9.46 6.31
CA THR A 54 -5.26 -8.39 5.71
C THR A 54 -4.73 -7.02 6.11
N LEU A 55 -4.06 -6.36 5.18
CA LEU A 55 -3.50 -5.03 5.43
C LEU A 55 -4.57 -3.95 5.29
N HIS A 56 -5.02 -3.42 6.42
CA HIS A 56 -6.04 -2.37 6.42
C HIS A 56 -5.40 -0.99 6.34
N ILE A 57 -5.46 -0.39 5.15
CA ILE A 57 -4.89 0.94 4.93
C ILE A 57 -5.95 2.02 5.08
N LYS A 58 -5.53 3.19 5.55
CA LYS A 58 -6.44 4.31 5.74
C LYS A 58 -6.07 5.47 4.81
N TRP A 59 -4.78 5.73 4.69
CA TRP A 59 -4.30 6.82 3.83
C TRP A 59 -3.81 6.27 2.50
N PRO A 60 -4.13 6.97 1.40
CA PRO A 60 -4.94 8.20 1.47
C PRO A 60 -6.39 7.93 1.86
N LYS A 61 -6.95 6.86 1.30
CA LYS A 61 -8.33 6.49 1.58
C LYS A 61 -8.39 5.17 2.36
N SER A 62 -9.58 4.83 2.85
CA SER A 62 -9.77 3.60 3.61
C SER A 62 -9.85 2.39 2.67
N VAL A 63 -8.78 1.60 2.64
CA VAL A 63 -8.72 0.42 1.79
C VAL A 63 -8.10 -0.77 2.53
N GLU A 64 -8.24 -1.95 1.94
CA GLU A 64 -7.68 -3.16 2.54
C GLU A 64 -7.22 -4.14 1.47
N VAL A 65 -6.26 -4.98 1.82
CA VAL A 65 -5.72 -5.97 0.88
C VAL A 65 -5.34 -7.26 1.61
N GLU A 66 -5.25 -8.35 0.85
CA GLU A 66 -4.89 -9.64 1.42
C GLU A 66 -3.46 -10.03 1.05
N GLY A 67 -2.78 -10.71 1.95
CA GLY A 67 -1.42 -11.13 1.70
C GLY A 67 -1.17 -12.57 2.08
N TYR A 68 -0.80 -13.39 1.10
CA TYR A 68 -0.54 -14.81 1.33
C TYR A 68 0.96 -15.07 1.46
N GLY A 69 1.30 -16.18 2.09
CA GLY A 69 2.70 -16.53 2.28
C GLY A 69 2.88 -17.71 3.22
N SER A 70 4.05 -18.33 3.15
CA SER A 70 4.35 -19.47 4.01
C SER A 70 4.52 -19.05 5.47
N LYS A 71 5.43 -18.11 5.69
CA LYS A 71 5.68 -17.61 7.04
C LYS A 71 5.00 -16.25 7.25
N LYS A 72 5.05 -15.76 8.48
CA LYS A 72 4.44 -14.49 8.83
C LYS A 72 4.93 -13.38 7.90
N ILE A 73 6.25 -13.27 7.76
CA ILE A 73 6.85 -12.26 6.90
C ILE A 73 6.41 -12.44 5.45
N ASP A 74 6.41 -13.68 4.99
CA ASP A 74 6.01 -14.00 3.62
C ASP A 74 4.62 -13.43 3.33
N ALA A 75 3.67 -13.69 4.21
CA ALA A 75 2.31 -13.20 4.04
C ALA A 75 2.26 -11.68 4.13
N GLU A 76 2.78 -11.14 5.23
CA GLU A 76 2.80 -9.70 5.44
C GLU A 76 3.34 -8.97 4.20
N ARG A 77 4.42 -9.49 3.65
CA ARG A 77 5.03 -8.89 2.47
C ARG A 77 4.00 -8.70 1.35
N GLN A 78 3.37 -9.79 0.95
CA GLN A 78 2.36 -9.75 -0.11
C GLN A 78 1.37 -8.62 0.14
N ALA A 79 0.64 -8.71 1.27
CA ALA A 79 -0.33 -7.70 1.62
C ALA A 79 0.12 -6.31 1.19
N ALA A 80 1.23 -5.85 1.77
CA ALA A 80 1.77 -4.54 1.44
C ALA A 80 1.92 -4.36 -0.06
N ALA A 81 2.56 -5.33 -0.70
CA ALA A 81 2.77 -5.29 -2.14
C ALA A 81 1.44 -5.14 -2.89
N ALA A 82 0.40 -5.77 -2.36
CA ALA A 82 -0.92 -5.71 -2.97
C ALA A 82 -1.45 -4.28 -2.98
N ALA A 83 -0.94 -3.46 -2.07
CA ALA A 83 -1.36 -2.07 -1.96
C ALA A 83 -0.47 -1.16 -2.81
N CYS A 84 0.81 -1.48 -2.88
CA CYS A 84 1.76 -0.70 -3.65
C CYS A 84 1.21 -0.36 -5.03
N GLN A 85 0.53 -1.34 -5.64
CA GLN A 85 -0.04 -1.15 -6.96
C GLN A 85 -1.07 -0.03 -6.95
N LEU A 86 -1.85 0.05 -5.88
CA LEU A 86 -2.86 1.08 -5.73
C LEU A 86 -2.23 2.47 -5.65
N PHE A 87 -1.15 2.57 -4.88
CA PHE A 87 -0.45 3.84 -4.72
C PHE A 87 0.16 4.31 -6.03
N LYS A 88 0.61 3.34 -6.83
CA LYS A 88 1.22 3.64 -8.12
C LYS A 88 0.19 4.24 -9.09
N GLY A 89 -0.92 3.54 -9.25
CA GLY A 89 -1.97 4.01 -10.14
C GLY A 89 -2.60 5.30 -9.67
N TRP A 90 -2.76 5.43 -8.36
CA TRP A 90 -3.36 6.64 -7.78
C TRP A 90 -2.52 7.87 -8.10
N GLY A 91 -1.19 7.71 -8.02
CA GLY A 91 -0.31 8.82 -8.30
C GLY A 91 0.51 9.25 -7.09
N LEU A 92 0.74 8.30 -6.18
CA LEU A 92 1.52 8.58 -4.97
C LEU A 92 2.95 8.10 -5.12
N LEU A 93 3.17 7.14 -6.00
CA LEU A 93 4.50 6.59 -6.24
C LEU A 93 5.06 7.10 -7.57
N GLY A 94 4.40 6.73 -8.67
CA GLY A 94 4.84 7.16 -9.98
C GLY A 94 5.17 5.99 -10.88
N PRO A 95 5.72 6.30 -12.07
CA PRO A 95 6.09 5.28 -13.06
C PRO A 95 7.28 4.44 -12.60
N ARG A 96 8.26 5.10 -11.99
CA ARG A 96 9.45 4.42 -11.51
C ARG A 96 9.50 4.41 -9.99
N ASN A 97 8.33 4.37 -9.36
CA ASN A 97 8.23 4.35 -7.91
C ASN A 97 9.01 5.52 -7.30
N GLU A 98 8.85 6.70 -7.88
CA GLU A 98 9.53 7.89 -7.40
C GLU A 98 8.59 8.76 -6.56
N LEU A 99 8.75 8.70 -5.25
CA LEU A 99 7.91 9.48 -4.34
C LEU A 99 7.85 10.94 -4.79
N PHE A 100 7.04 11.73 -4.08
CA PHE A 100 6.90 13.14 -4.40
C PHE A 100 7.16 14.00 -3.18
N ASP A 101 6.98 15.31 -3.32
CA ASP A 101 7.21 16.25 -2.23
C ASP A 101 6.03 16.23 -1.26
N ALA A 102 6.33 16.42 0.03
CA ALA A 102 5.31 16.44 1.06
C ALA A 102 4.08 17.23 0.61
N ALA A 103 4.28 18.50 0.32
CA ALA A 103 3.19 19.37 -0.13
C ALA A 103 2.26 18.63 -1.07
N LYS A 104 2.83 18.06 -2.13
CA LYS A 104 2.04 17.33 -3.13
C LYS A 104 1.21 16.25 -2.45
N TYR A 105 1.85 15.46 -1.59
CA TYR A 105 1.17 14.38 -0.89
C TYR A 105 -0.07 14.91 -0.16
N ARG A 106 0.07 16.08 0.47
CA ARG A 106 -1.04 16.68 1.21
C ARG A 106 -2.27 16.83 0.32
N VAL A 107 -2.05 17.28 -0.91
CA VAL A 107 -3.13 17.47 -1.86
C VAL A 107 -3.62 16.13 -2.42
N LEU A 108 -2.68 15.24 -2.70
CA LEU A 108 -3.02 13.91 -3.22
C LEU A 108 -3.97 13.18 -2.30
N ALA A 109 -3.84 13.43 -0.99
CA ALA A 109 -4.69 12.79 -0.01
C ALA A 109 -6.00 13.55 0.15
N ASP A 110 -5.97 14.84 -0.12
CA ASP A 110 -7.15 15.69 -0.02
C ASP A 110 -8.23 15.25 -1.01
N ARG A 111 -7.83 15.12 -2.28
CA ARG A 111 -8.76 14.71 -3.33
C ARG A 111 -9.41 13.37 -2.97
N PHE A 112 -8.75 12.59 -2.13
CA PHE A 112 -9.26 11.29 -1.72
C PHE A 112 -10.20 11.43 -0.53
N GLY A 113 -9.82 12.30 0.42
CA GLY A 113 -10.63 12.50 1.60
C GLY A 113 -10.14 13.67 2.43
N SER A 114 -11.05 14.25 3.22
CA SER A 114 -10.72 15.40 4.07
C SER A 114 -11.09 15.12 5.52
N GLY A 115 -10.11 14.68 6.30
CA GLY A 115 -10.36 14.38 7.70
C GLY A 115 -10.87 15.58 8.46
N PRO A 116 -10.68 15.57 9.80
CA PRO A 116 -11.13 16.66 10.66
C PRO A 116 -10.32 17.94 10.46
N SER A 117 -9.26 17.83 9.66
CA SER A 117 -8.39 18.97 9.39
C SER A 117 -8.84 19.72 8.14
N SER A 118 -8.85 21.04 8.21
CA SER A 118 -9.27 21.87 7.09
C SER A 118 -8.09 22.14 6.15
N GLY A 119 -6.88 22.07 6.69
CA GLY A 119 -5.70 22.30 5.88
C GLY A 119 -5.30 23.77 5.86
N GLY A 1 -5.99 11.86 -15.31
CA GLY A 1 -7.05 10.89 -15.09
C GLY A 1 -6.51 9.53 -14.69
N SER A 2 -7.41 8.62 -14.33
CA SER A 2 -7.02 7.28 -13.92
C SER A 2 -7.53 6.24 -14.91
N SER A 3 -6.69 5.89 -15.87
CA SER A 3 -7.05 4.90 -16.88
C SER A 3 -6.12 3.70 -16.84
N GLY A 4 -6.59 2.57 -17.37
CA GLY A 4 -5.78 1.36 -17.37
C GLY A 4 -6.55 0.15 -16.91
N SER A 5 -6.02 -1.03 -17.18
CA SER A 5 -6.67 -2.28 -16.80
C SER A 5 -5.63 -3.38 -16.55
N SER A 6 -6.04 -4.41 -15.82
CA SER A 6 -5.15 -5.53 -15.51
C SER A 6 -5.82 -6.86 -15.84
N GLY A 7 -5.45 -7.43 -16.99
CA GLY A 7 -6.03 -8.70 -17.40
C GLY A 7 -5.20 -9.88 -16.94
N ALA A 8 -3.93 -9.91 -17.37
CA ALA A 8 -3.03 -11.00 -17.00
C ALA A 8 -2.81 -11.05 -15.49
N SER A 9 -2.23 -12.14 -15.02
CA SER A 9 -1.96 -12.32 -13.59
C SER A 9 -0.51 -12.69 -13.35
N ARG A 10 0.12 -12.03 -12.37
CA ARG A 10 1.51 -12.30 -12.04
C ARG A 10 1.80 -11.94 -10.59
N ASP A 11 3.05 -12.07 -10.18
CA ASP A 11 3.46 -11.78 -8.82
C ASP A 11 3.77 -10.29 -8.66
N LEU A 12 2.85 -9.55 -8.06
CA LEU A 12 3.03 -8.13 -7.85
C LEU A 12 4.42 -7.82 -7.31
N LEU A 13 4.90 -8.69 -6.43
CA LEU A 13 6.22 -8.52 -5.83
C LEU A 13 7.26 -8.18 -6.91
N LYS A 14 7.15 -8.80 -8.07
CA LYS A 14 8.06 -8.56 -9.17
C LYS A 14 8.37 -7.07 -9.30
N GLU A 15 7.34 -6.25 -9.16
CA GLU A 15 7.51 -4.80 -9.27
C GLU A 15 7.85 -4.20 -7.91
N PHE A 16 7.28 -4.76 -6.85
CA PHE A 16 7.54 -4.28 -5.50
C PHE A 16 8.31 -5.31 -4.69
N PRO A 17 9.65 -5.16 -4.67
CA PRO A 17 10.54 -6.07 -3.95
C PRO A 17 10.41 -5.92 -2.43
N GLN A 18 10.35 -4.67 -1.97
CA GLN A 18 10.22 -4.39 -0.54
C GLN A 18 8.97 -3.57 -0.27
N PRO A 19 7.81 -4.24 -0.25
CA PRO A 19 6.53 -3.58 0.02
C PRO A 19 6.39 -3.11 1.46
N LYS A 20 7.00 -3.85 2.37
CA LYS A 20 6.94 -3.52 3.79
C LYS A 20 7.64 -2.19 4.06
N ASN A 21 8.69 -1.90 3.28
CA ASN A 21 9.43 -0.66 3.44
C ASN A 21 8.89 0.41 2.50
N LEU A 22 8.65 0.03 1.25
CA LEU A 22 8.13 0.96 0.25
C LEU A 22 6.83 1.60 0.73
N LEU A 23 5.82 0.78 0.95
CA LEU A 23 4.52 1.28 1.42
C LEU A 23 4.69 2.23 2.59
N ASN A 24 5.33 1.75 3.65
CA ASN A 24 5.55 2.56 4.84
C ASN A 24 6.20 3.89 4.48
N SER A 25 7.21 3.84 3.61
CA SER A 25 7.92 5.03 3.18
C SER A 25 6.95 6.06 2.60
N VAL A 26 6.00 5.59 1.81
CA VAL A 26 5.00 6.46 1.19
C VAL A 26 4.31 7.33 2.25
N ILE A 27 3.46 6.70 3.05
CA ILE A 27 2.74 7.41 4.11
C ILE A 27 3.70 8.16 5.02
N GLY A 28 4.86 7.56 5.27
CA GLY A 28 5.85 8.19 6.13
C GLY A 28 6.34 9.52 5.59
N ARG A 29 6.27 9.68 4.27
CA ARG A 29 6.71 10.91 3.63
C ARG A 29 5.55 11.89 3.48
N ALA A 30 4.35 11.35 3.30
CA ALA A 30 3.16 12.18 3.14
C ALA A 30 2.70 12.72 4.50
N LEU A 31 2.42 11.82 5.43
CA LEU A 31 1.97 12.21 6.76
C LEU A 31 3.13 12.20 7.76
N GLY A 32 3.63 11.00 8.05
CA GLY A 32 4.73 10.87 8.99
C GLY A 32 4.95 9.44 9.43
N ILE A 33 6.17 8.94 9.24
CA ILE A 33 6.51 7.58 9.63
C ILE A 33 5.84 7.19 10.95
N SER A 34 5.68 8.18 11.83
CA SER A 34 5.06 7.95 13.13
C SER A 34 3.57 7.67 12.98
N HIS A 35 2.87 8.58 12.31
CA HIS A 35 1.43 8.42 12.10
C HIS A 35 1.13 7.18 11.27
N ALA A 36 1.96 6.95 10.26
CA ALA A 36 1.78 5.79 9.37
C ALA A 36 1.51 4.53 10.18
N LYS A 37 2.19 4.39 11.32
CA LYS A 37 2.02 3.23 12.18
C LYS A 37 0.56 2.78 12.21
N ASP A 38 -0.33 3.69 12.60
CA ASP A 38 -1.75 3.38 12.66
C ASP A 38 -2.35 3.29 11.27
N LYS A 39 -1.98 4.23 10.40
CA LYS A 39 -2.49 4.24 9.04
C LYS A 39 -2.40 2.86 8.40
N LEU A 40 -1.34 2.13 8.75
CA LEU A 40 -1.13 0.78 8.21
C LEU A 40 -1.36 -0.27 9.30
N VAL A 41 -2.45 -1.03 9.16
CA VAL A 41 -2.78 -2.07 10.12
C VAL A 41 -2.70 -3.46 9.48
N TYR A 42 -2.19 -4.43 10.23
CA TYR A 42 -2.06 -5.79 9.73
C TYR A 42 -2.90 -6.75 10.57
N VAL A 43 -3.90 -7.35 9.94
CA VAL A 43 -4.77 -8.30 10.62
C VAL A 43 -4.45 -9.74 10.22
N HIS A 44 -3.86 -10.49 11.15
CA HIS A 44 -3.50 -11.88 10.89
C HIS A 44 -4.72 -12.79 11.02
N THR A 45 -4.74 -13.84 10.21
CA THR A 45 -5.86 -14.78 10.23
C THR A 45 -5.35 -16.22 10.26
N ASN A 46 -6.17 -17.12 10.79
CA ASN A 46 -5.81 -18.53 10.87
C ASN A 46 -6.92 -19.42 10.31
N GLY A 47 -6.54 -20.44 9.54
CA GLY A 47 -7.52 -21.34 8.96
C GLY A 47 -6.93 -22.18 7.86
N PRO A 48 -6.64 -21.54 6.71
CA PRO A 48 -6.07 -22.22 5.54
C PRO A 48 -4.63 -22.67 5.78
N LYS A 49 -4.08 -23.40 4.80
CA LYS A 49 -2.71 -23.89 4.91
C LYS A 49 -1.73 -22.73 5.04
N LYS A 50 -1.74 -21.82 4.06
CA LYS A 50 -0.85 -20.67 4.08
C LYS A 50 -1.44 -19.54 4.91
N LYS A 51 -0.57 -18.81 5.60
CA LYS A 51 -1.00 -17.69 6.44
C LYS A 51 -1.55 -16.56 5.58
N LYS A 52 -2.50 -15.80 6.15
CA LYS A 52 -3.10 -14.68 5.44
C LYS A 52 -3.15 -13.44 6.33
N VAL A 53 -2.71 -12.31 5.79
CA VAL A 53 -2.71 -11.05 6.54
C VAL A 53 -3.39 -9.95 5.74
N THR A 54 -4.47 -9.40 6.31
CA THR A 54 -5.21 -8.33 5.66
C THR A 54 -4.70 -6.97 6.10
N LEU A 55 -4.03 -6.27 5.18
CA LEU A 55 -3.49 -4.94 5.47
C LEU A 55 -4.57 -3.88 5.33
N HIS A 56 -4.99 -3.31 6.46
CA HIS A 56 -6.01 -2.28 6.47
C HIS A 56 -5.39 -0.90 6.38
N ILE A 57 -5.47 -0.29 5.20
CA ILE A 57 -4.92 1.04 4.98
C ILE A 57 -5.99 2.11 5.08
N LYS A 58 -5.59 3.31 5.49
CA LYS A 58 -6.52 4.43 5.63
C LYS A 58 -6.14 5.57 4.68
N TRP A 59 -4.84 5.87 4.61
CA TRP A 59 -4.36 6.93 3.74
C TRP A 59 -3.78 6.37 2.45
N PRO A 60 -4.08 7.04 1.32
CA PRO A 60 -4.90 8.26 1.33
C PRO A 60 -6.36 7.96 1.65
N LYS A 61 -6.88 6.87 1.10
CA LYS A 61 -8.27 6.48 1.33
C LYS A 61 -8.34 5.18 2.11
N SER A 62 -9.54 4.84 2.58
CA SER A 62 -9.74 3.62 3.35
C SER A 62 -9.80 2.40 2.43
N VAL A 63 -8.75 1.58 2.49
CA VAL A 63 -8.68 0.38 1.67
C VAL A 63 -8.04 -0.77 2.43
N GLU A 64 -8.18 -1.98 1.89
CA GLU A 64 -7.61 -3.17 2.53
C GLU A 64 -7.17 -4.19 1.47
N VAL A 65 -6.11 -4.92 1.79
CA VAL A 65 -5.58 -5.93 0.87
C VAL A 65 -5.17 -7.19 1.62
N GLU A 66 -5.15 -8.31 0.91
CA GLU A 66 -4.77 -9.59 1.51
C GLU A 66 -3.32 -9.92 1.20
N GLY A 67 -2.66 -10.57 2.16
CA GLY A 67 -1.26 -10.94 1.97
C GLY A 67 -1.01 -12.41 2.22
N TYR A 68 -0.61 -13.13 1.17
CA TYR A 68 -0.33 -14.55 1.29
C TYR A 68 1.16 -14.82 1.38
N GLY A 69 1.52 -15.99 1.90
CA GLY A 69 2.91 -16.35 2.05
C GLY A 69 3.12 -17.58 2.90
N SER A 70 4.34 -18.09 2.92
CA SER A 70 4.66 -19.28 3.71
C SER A 70 4.80 -18.93 5.18
N LYS A 71 5.63 -17.93 5.48
CA LYS A 71 5.85 -17.50 6.85
C LYS A 71 5.11 -16.20 7.14
N LYS A 72 5.06 -15.82 8.41
CA LYS A 72 4.38 -14.59 8.81
C LYS A 72 4.89 -13.39 8.01
N ILE A 73 6.21 -13.30 7.86
CA ILE A 73 6.81 -12.21 7.11
C ILE A 73 6.41 -12.27 5.64
N ASP A 74 6.30 -13.48 5.11
CA ASP A 74 5.92 -13.68 3.71
C ASP A 74 4.47 -13.24 3.47
N ALA A 75 3.59 -13.63 4.38
CA ALA A 75 2.18 -13.27 4.28
C ALA A 75 1.99 -11.76 4.30
N GLU A 76 2.67 -11.10 5.23
CA GLU A 76 2.57 -9.65 5.37
C GLU A 76 3.10 -8.95 4.11
N ARG A 77 4.33 -9.28 3.75
CA ARG A 77 4.97 -8.70 2.57
C ARG A 77 3.95 -8.53 1.43
N GLN A 78 3.23 -9.60 1.14
CA GLN A 78 2.23 -9.59 0.08
C GLN A 78 1.19 -8.48 0.32
N ALA A 79 0.60 -8.49 1.51
CA ALA A 79 -0.41 -7.50 1.86
C ALA A 79 0.03 -6.11 1.43
N ALA A 80 1.21 -5.70 1.87
CA ALA A 80 1.75 -4.38 1.52
C ALA A 80 1.88 -4.22 0.01
N ALA A 81 2.45 -5.24 -0.64
CA ALA A 81 2.64 -5.20 -2.09
C ALA A 81 1.31 -4.98 -2.80
N ALA A 82 0.27 -5.67 -2.35
CA ALA A 82 -1.05 -5.55 -2.95
C ALA A 82 -1.53 -4.09 -2.92
N ALA A 83 -0.95 -3.30 -2.01
CA ALA A 83 -1.32 -1.90 -1.88
C ALA A 83 -0.42 -1.01 -2.73
N CYS A 84 0.86 -1.39 -2.82
CA CYS A 84 1.83 -0.63 -3.60
C CYS A 84 1.27 -0.26 -4.97
N GLN A 85 0.50 -1.18 -5.56
CA GLN A 85 -0.10 -0.96 -6.87
C GLN A 85 -1.20 0.09 -6.79
N LEU A 86 -1.90 0.12 -5.66
CA LEU A 86 -2.99 1.07 -5.45
C LEU A 86 -2.45 2.49 -5.29
N PHE A 87 -1.36 2.62 -4.53
CA PHE A 87 -0.74 3.92 -4.30
C PHE A 87 -0.18 4.49 -5.60
N LYS A 88 0.57 3.67 -6.32
CA LYS A 88 1.17 4.10 -7.58
C LYS A 88 0.09 4.38 -8.63
N GLY A 89 -0.90 3.49 -8.71
CA GLY A 89 -1.98 3.67 -9.67
C GLY A 89 -2.73 4.96 -9.45
N TRP A 90 -2.87 5.37 -8.20
CA TRP A 90 -3.59 6.60 -7.87
C TRP A 90 -2.75 7.82 -8.22
N GLY A 91 -1.45 7.61 -8.41
CA GLY A 91 -0.57 8.71 -8.75
C GLY A 91 0.17 9.26 -7.55
N LEU A 92 0.40 8.40 -6.56
CA LEU A 92 1.11 8.81 -5.35
C LEU A 92 2.61 8.56 -5.49
N LEU A 93 2.97 7.55 -6.26
CA LEU A 93 4.38 7.22 -6.47
C LEU A 93 4.77 7.42 -7.93
N GLY A 94 4.20 6.59 -8.82
CA GLY A 94 4.50 6.71 -10.23
C GLY A 94 4.75 5.36 -10.87
N PRO A 95 5.50 5.37 -11.99
CA PRO A 95 5.83 4.14 -12.72
C PRO A 95 6.82 3.25 -11.96
N ARG A 96 7.84 3.87 -11.40
CA ARG A 96 8.85 3.14 -10.64
C ARG A 96 8.87 3.58 -9.17
N ASN A 97 7.69 3.62 -8.56
CA ASN A 97 7.56 4.02 -7.17
C ASN A 97 8.37 5.29 -6.90
N GLU A 98 8.15 6.31 -7.71
CA GLU A 98 8.86 7.58 -7.56
C GLU A 98 8.12 8.50 -6.61
N LEU A 99 8.36 8.33 -5.32
CA LEU A 99 7.70 9.16 -4.31
C LEU A 99 7.73 10.64 -4.71
N PHE A 100 6.96 11.45 -3.99
CA PHE A 100 6.89 12.88 -4.27
C PHE A 100 7.14 13.69 -3.01
N ASP A 101 7.18 15.02 -3.16
CA ASP A 101 7.42 15.90 -2.03
C ASP A 101 6.26 15.84 -1.04
N ALA A 102 6.59 15.86 0.24
CA ALA A 102 5.57 15.80 1.29
C ALA A 102 4.40 16.73 0.98
N ALA A 103 4.73 17.97 0.63
CA ALA A 103 3.71 18.96 0.30
C ALA A 103 2.70 18.41 -0.70
N LYS A 104 3.19 17.97 -1.86
CA LYS A 104 2.33 17.42 -2.89
C LYS A 104 1.46 16.30 -2.33
N TYR A 105 2.06 15.43 -1.52
CA TYR A 105 1.34 14.31 -0.92
C TYR A 105 0.13 14.80 -0.14
N ARG A 106 0.33 15.88 0.63
CA ARG A 106 -0.75 16.45 1.43
C ARG A 106 -1.95 16.79 0.56
N VAL A 107 -1.69 17.36 -0.61
CA VAL A 107 -2.75 17.74 -1.54
C VAL A 107 -3.32 16.52 -2.25
N LEU A 108 -2.43 15.62 -2.66
CA LEU A 108 -2.84 14.40 -3.36
C LEU A 108 -3.88 13.64 -2.55
N ALA A 109 -3.54 13.34 -1.30
CA ALA A 109 -4.44 12.62 -0.42
C ALA A 109 -5.81 13.29 -0.35
N ASP A 110 -5.81 14.61 -0.24
CA ASP A 110 -7.05 15.38 -0.17
C ASP A 110 -8.01 14.97 -1.28
N ARG A 111 -7.54 15.09 -2.53
CA ARG A 111 -8.36 14.74 -3.69
C ARG A 111 -9.18 13.48 -3.41
N PHE A 112 -8.66 12.62 -2.54
CA PHE A 112 -9.34 11.38 -2.19
C PHE A 112 -10.21 11.57 -0.95
N GLY A 113 -9.70 12.32 0.02
CA GLY A 113 -10.45 12.58 1.24
C GLY A 113 -9.61 12.36 2.48
N SER A 114 -8.87 13.39 2.87
CA SER A 114 -8.01 13.32 4.05
C SER A 114 -8.79 13.69 5.31
N GLY A 115 -10.04 13.24 5.38
CA GLY A 115 -10.88 13.53 6.54
C GLY A 115 -11.07 15.01 6.74
N PRO A 116 -11.93 15.36 7.72
CA PRO A 116 -12.22 16.77 8.05
C PRO A 116 -11.04 17.47 8.69
N SER A 117 -9.94 16.75 8.87
CA SER A 117 -8.74 17.31 9.46
C SER A 117 -7.87 18.00 8.42
N SER A 118 -7.50 17.26 7.38
CA SER A 118 -6.67 17.80 6.31
C SER A 118 -5.51 18.60 6.88
N GLY A 119 -4.89 18.08 7.93
CA GLY A 119 -3.78 18.76 8.55
C GLY A 119 -3.74 18.58 10.05
N GLY A 1 -4.76 -15.30 -23.74
CA GLY A 1 -4.78 -13.99 -24.37
C GLY A 1 -3.55 -13.17 -24.03
N SER A 2 -3.23 -12.19 -24.88
CA SER A 2 -2.07 -11.34 -24.67
C SER A 2 -2.42 -10.15 -23.79
N SER A 3 -3.09 -10.41 -22.68
CA SER A 3 -3.50 -9.35 -21.75
C SER A 3 -2.33 -8.93 -20.87
N GLY A 4 -1.76 -7.77 -21.17
CA GLY A 4 -0.64 -7.27 -20.39
C GLY A 4 -0.02 -6.03 -21.01
N SER A 5 -0.11 -4.91 -20.28
CA SER A 5 0.44 -3.65 -20.76
C SER A 5 0.65 -2.68 -19.61
N SER A 6 1.65 -1.81 -19.75
CA SER A 6 1.95 -0.82 -18.71
C SER A 6 2.27 -1.51 -17.39
N GLY A 7 3.02 -2.61 -17.46
CA GLY A 7 3.38 -3.34 -16.25
C GLY A 7 2.64 -4.64 -16.13
N ALA A 8 3.07 -5.64 -16.90
CA ALA A 8 2.43 -6.95 -16.87
C ALA A 8 3.36 -8.00 -16.25
N SER A 9 2.98 -8.50 -15.08
CA SER A 9 3.78 -9.50 -14.38
C SER A 9 2.88 -10.45 -13.59
N ARG A 10 3.19 -11.74 -13.67
CA ARG A 10 2.41 -12.75 -12.96
C ARG A 10 2.34 -12.44 -11.46
N ASP A 11 3.48 -12.05 -10.89
CA ASP A 11 3.55 -11.72 -9.48
C ASP A 11 3.83 -10.23 -9.28
N LEU A 12 3.03 -9.59 -8.43
CA LEU A 12 3.19 -8.17 -8.14
C LEU A 12 4.57 -7.88 -7.58
N LEU A 13 5.00 -8.69 -6.63
CA LEU A 13 6.31 -8.52 -6.01
C LEU A 13 7.37 -8.20 -7.06
N LYS A 14 7.23 -8.80 -8.23
CA LYS A 14 8.18 -8.58 -9.32
C LYS A 14 8.52 -7.10 -9.45
N GLU A 15 7.49 -6.25 -9.43
CA GLU A 15 7.68 -4.81 -9.55
C GLU A 15 8.03 -4.20 -8.18
N PHE A 16 7.42 -4.72 -7.13
CA PHE A 16 7.67 -4.23 -5.79
C PHE A 16 8.53 -5.22 -4.99
N PRO A 17 9.85 -4.98 -4.99
CA PRO A 17 10.81 -5.83 -4.29
C PRO A 17 10.68 -5.70 -2.77
N GLN A 18 10.55 -4.47 -2.29
CA GLN A 18 10.42 -4.20 -0.86
C GLN A 18 9.16 -3.39 -0.57
N PRO A 19 8.00 -4.07 -0.56
CA PRO A 19 6.71 -3.43 -0.29
C PRO A 19 6.58 -2.99 1.16
N LYS A 20 7.06 -3.82 2.07
CA LYS A 20 6.99 -3.52 3.50
C LYS A 20 7.63 -2.17 3.80
N ASN A 21 8.66 -1.81 3.02
CA ASN A 21 9.35 -0.54 3.21
C ASN A 21 8.81 0.51 2.24
N LEU A 22 8.61 0.12 1.00
CA LEU A 22 8.10 1.04 -0.03
C LEU A 22 6.80 1.68 0.43
N LEU A 23 5.79 0.85 0.71
CA LEU A 23 4.50 1.33 1.16
C LEU A 23 4.65 2.26 2.36
N ASN A 24 5.15 1.71 3.46
CA ASN A 24 5.35 2.48 4.69
C ASN A 24 5.90 3.86 4.36
N SER A 25 7.02 3.90 3.65
CA SER A 25 7.66 5.16 3.29
C SER A 25 6.63 6.15 2.78
N VAL A 26 5.85 5.73 1.78
CA VAL A 26 4.83 6.60 1.20
C VAL A 26 4.13 7.43 2.28
N ILE A 27 3.31 6.76 3.09
CA ILE A 27 2.58 7.44 4.16
C ILE A 27 3.55 8.15 5.11
N GLY A 28 4.71 7.53 5.35
CA GLY A 28 5.69 8.11 6.24
C GLY A 28 6.17 9.47 5.77
N ARG A 29 6.00 9.74 4.48
CA ARG A 29 6.42 11.02 3.90
C ARG A 29 5.24 11.97 3.80
N ALA A 30 4.09 11.47 3.36
CA ALA A 30 2.89 12.28 3.23
C ALA A 30 2.44 12.82 4.59
N LEU A 31 2.15 11.91 5.51
CA LEU A 31 1.70 12.30 6.84
C LEU A 31 2.86 12.27 7.83
N GLY A 32 3.38 11.07 8.10
CA GLY A 32 4.48 10.94 9.03
C GLY A 32 4.69 9.51 9.49
N ILE A 33 5.90 8.99 9.30
CA ILE A 33 6.21 7.62 9.71
C ILE A 33 5.51 7.25 11.01
N SER A 34 5.60 8.14 12.00
CA SER A 34 4.98 7.90 13.29
C SER A 34 3.50 7.60 13.14
N HIS A 35 2.78 8.50 12.47
CA HIS A 35 1.34 8.32 12.25
C HIS A 35 1.08 7.07 11.41
N ALA A 36 1.79 6.95 10.30
CA ALA A 36 1.63 5.81 9.40
C ALA A 36 1.40 4.53 10.20
N LYS A 37 1.98 4.45 11.39
CA LYS A 37 1.83 3.29 12.24
C LYS A 37 0.44 2.69 12.12
N ASP A 38 -0.58 3.48 12.48
CA ASP A 38 -1.96 3.03 12.41
C ASP A 38 -2.43 2.96 10.96
N LYS A 39 -2.10 3.99 10.18
CA LYS A 39 -2.50 4.04 8.78
C LYS A 39 -2.38 2.66 8.14
N LEU A 40 -1.38 1.89 8.56
CA LEU A 40 -1.16 0.55 8.03
C LEU A 40 -1.36 -0.51 9.11
N VAL A 41 -2.52 -1.16 9.08
CA VAL A 41 -2.82 -2.20 10.05
C VAL A 41 -2.74 -3.59 9.43
N TYR A 42 -2.16 -4.53 10.17
CA TYR A 42 -2.02 -5.89 9.68
C TYR A 42 -2.81 -6.87 10.54
N VAL A 43 -3.79 -7.53 9.93
CA VAL A 43 -4.63 -8.48 10.63
C VAL A 43 -4.32 -9.91 10.21
N HIS A 44 -3.72 -10.68 11.11
CA HIS A 44 -3.36 -12.06 10.83
C HIS A 44 -4.53 -13.00 11.13
N THR A 45 -4.59 -14.11 10.41
CA THR A 45 -5.65 -15.08 10.59
C THR A 45 -5.09 -16.49 10.74
N ASN A 46 -5.72 -17.28 11.62
CA ASN A 46 -5.28 -18.65 11.87
C ASN A 46 -6.37 -19.65 11.49
N GLY A 47 -5.96 -20.84 11.07
CA GLY A 47 -6.91 -21.86 10.68
C GLY A 47 -6.43 -22.69 9.51
N PRO A 48 -6.44 -22.10 8.31
CA PRO A 48 -6.01 -22.76 7.08
C PRO A 48 -4.50 -23.00 7.05
N LYS A 49 -4.07 -23.99 6.29
CA LYS A 49 -2.66 -24.31 6.17
C LYS A 49 -1.83 -23.06 5.93
N LYS A 50 -2.23 -22.27 4.95
CA LYS A 50 -1.53 -21.02 4.62
C LYS A 50 -2.01 -19.88 5.50
N LYS A 51 -1.14 -18.90 5.72
CA LYS A 51 -1.49 -17.74 6.54
C LYS A 51 -1.97 -16.58 5.67
N LYS A 52 -2.91 -15.81 6.19
CA LYS A 52 -3.46 -14.66 5.46
C LYS A 52 -3.34 -13.39 6.29
N VAL A 53 -2.85 -12.33 5.67
CA VAL A 53 -2.69 -11.04 6.35
C VAL A 53 -3.43 -9.94 5.61
N THR A 54 -4.46 -9.39 6.25
CA THR A 54 -5.26 -8.32 5.66
C THR A 54 -4.72 -6.95 6.06
N LEU A 55 -4.05 -6.28 5.14
CA LEU A 55 -3.49 -4.96 5.40
C LEU A 55 -4.56 -3.88 5.26
N HIS A 56 -5.03 -3.37 6.40
CA HIS A 56 -6.05 -2.34 6.41
C HIS A 56 -5.42 -0.95 6.31
N ILE A 57 -5.52 -0.34 5.13
CA ILE A 57 -4.95 0.98 4.91
C ILE A 57 -6.02 2.06 4.99
N LYS A 58 -5.64 3.25 5.44
CA LYS A 58 -6.57 4.36 5.56
C LYS A 58 -6.18 5.50 4.63
N TRP A 59 -4.88 5.78 4.55
CA TRP A 59 -4.38 6.84 3.69
C TRP A 59 -3.83 6.28 2.38
N PRO A 60 -4.12 6.95 1.27
CA PRO A 60 -4.93 8.17 1.27
C PRO A 60 -6.40 7.89 1.60
N LYS A 61 -6.93 6.80 1.05
CA LYS A 61 -8.32 6.43 1.29
C LYS A 61 -8.40 5.13 2.09
N SER A 62 -9.60 4.78 2.53
CA SER A 62 -9.80 3.57 3.31
C SER A 62 -9.85 2.34 2.40
N VAL A 63 -8.80 1.53 2.44
CA VAL A 63 -8.73 0.32 1.62
C VAL A 63 -8.10 -0.82 2.39
N GLU A 64 -8.22 -2.03 1.85
CA GLU A 64 -7.66 -3.22 2.49
C GLU A 64 -7.18 -4.22 1.45
N VAL A 65 -6.08 -4.91 1.75
CA VAL A 65 -5.53 -5.90 0.84
C VAL A 65 -5.15 -7.18 1.58
N GLU A 66 -5.18 -8.30 0.87
CA GLU A 66 -4.83 -9.59 1.45
C GLU A 66 -3.40 -9.98 1.10
N GLY A 67 -2.71 -10.61 2.06
CA GLY A 67 -1.35 -11.04 1.83
C GLY A 67 -1.10 -12.48 2.22
N TYR A 68 -0.90 -13.33 1.22
CA TYR A 68 -0.67 -14.75 1.46
C TYR A 68 0.82 -15.06 1.52
N GLY A 69 1.17 -16.18 2.13
CA GLY A 69 2.56 -16.57 2.24
C GLY A 69 2.76 -17.75 3.18
N SER A 70 3.73 -18.61 2.84
CA SER A 70 4.02 -19.78 3.65
C SER A 70 4.27 -19.39 5.11
N LYS A 71 5.16 -18.42 5.31
CA LYS A 71 5.48 -17.96 6.65
C LYS A 71 4.74 -16.66 6.97
N LYS A 72 5.05 -16.08 8.13
CA LYS A 72 4.41 -14.83 8.55
C LYS A 72 5.05 -13.63 7.86
N ILE A 73 6.26 -13.82 7.36
CA ILE A 73 6.98 -12.76 6.67
C ILE A 73 6.53 -12.64 5.22
N ASP A 74 6.13 -13.77 4.63
CA ASP A 74 5.66 -13.79 3.24
C ASP A 74 4.23 -13.29 3.15
N ALA A 75 3.44 -13.54 4.19
CA ALA A 75 2.05 -13.12 4.22
C ALA A 75 1.93 -11.61 4.35
N GLU A 76 2.72 -11.04 5.27
CA GLU A 76 2.70 -9.59 5.48
C GLU A 76 3.16 -8.85 4.24
N ARG A 77 4.26 -9.31 3.64
CA ARG A 77 4.81 -8.69 2.45
C ARG A 77 3.75 -8.58 1.36
N GLN A 78 3.25 -9.73 0.91
CA GLN A 78 2.23 -9.77 -0.14
C GLN A 78 1.17 -8.70 0.10
N ALA A 79 0.59 -8.69 1.29
CA ALA A 79 -0.45 -7.72 1.64
C ALA A 79 0.00 -6.31 1.26
N ALA A 80 1.17 -5.91 1.74
CA ALA A 80 1.70 -4.58 1.46
C ALA A 80 1.82 -4.36 -0.05
N ALA A 81 2.38 -5.34 -0.75
CA ALA A 81 2.55 -5.25 -2.19
C ALA A 81 1.22 -4.97 -2.89
N ALA A 82 0.19 -5.73 -2.51
CA ALA A 82 -1.13 -5.57 -3.09
C ALA A 82 -1.59 -4.12 -3.02
N ALA A 83 -1.03 -3.36 -2.08
CA ALA A 83 -1.38 -1.96 -1.91
C ALA A 83 -0.49 -1.06 -2.77
N CYS A 84 0.79 -1.40 -2.84
CA CYS A 84 1.75 -0.63 -3.61
C CYS A 84 1.17 -0.29 -5.00
N GLN A 85 0.55 -1.29 -5.62
CA GLN A 85 -0.04 -1.09 -6.94
C GLN A 85 -1.12 -0.02 -6.91
N LEU A 86 -1.81 0.09 -5.77
CA LEU A 86 -2.86 1.08 -5.62
C LEU A 86 -2.29 2.48 -5.51
N PHE A 87 -1.14 2.61 -4.85
CA PHE A 87 -0.48 3.90 -4.68
C PHE A 87 0.18 4.35 -5.99
N LYS A 88 0.57 3.38 -6.80
CA LYS A 88 1.22 3.66 -8.07
C LYS A 88 0.22 4.22 -9.08
N GLY A 89 -0.90 3.53 -9.25
CA GLY A 89 -1.92 3.98 -10.18
C GLY A 89 -2.57 5.29 -9.75
N TRP A 90 -2.85 5.41 -8.45
CA TRP A 90 -3.46 6.62 -7.91
C TRP A 90 -2.62 7.85 -8.24
N GLY A 91 -1.34 7.64 -8.51
CA GLY A 91 -0.45 8.74 -8.84
C GLY A 91 0.24 9.30 -7.61
N LEU A 92 0.61 8.42 -6.68
CA LEU A 92 1.28 8.83 -5.46
C LEU A 92 2.79 8.58 -5.55
N LEU A 93 3.16 7.62 -6.39
CA LEU A 93 4.58 7.29 -6.58
C LEU A 93 5.01 7.56 -8.02
N GLY A 94 4.41 6.82 -8.95
CA GLY A 94 4.75 7.00 -10.35
C GLY A 94 5.19 5.70 -11.01
N PRO A 95 5.74 5.81 -12.23
CA PRO A 95 6.21 4.65 -12.99
C PRO A 95 7.46 4.02 -12.37
N ARG A 96 8.33 4.86 -11.83
CA ARG A 96 9.56 4.39 -11.20
C ARG A 96 9.44 4.39 -9.68
N ASN A 97 8.22 4.23 -9.19
CA ASN A 97 7.96 4.21 -7.76
C ASN A 97 8.77 5.30 -7.05
N GLU A 98 8.69 6.52 -7.57
CA GLU A 98 9.42 7.65 -6.99
C GLU A 98 8.50 8.48 -6.10
N LEU A 99 8.92 8.70 -4.86
CA LEU A 99 8.14 9.48 -3.91
C LEU A 99 8.05 10.94 -4.35
N PHE A 100 7.30 11.74 -3.60
CA PHE A 100 7.13 13.15 -3.92
C PHE A 100 7.37 14.01 -2.68
N ASP A 101 7.30 15.33 -2.87
CA ASP A 101 7.50 16.26 -1.77
C ASP A 101 6.34 16.21 -0.78
N ALA A 102 6.65 16.06 0.50
CA ALA A 102 5.63 16.00 1.54
C ALA A 102 4.46 16.93 1.21
N ALA A 103 4.78 18.12 0.73
CA ALA A 103 3.75 19.09 0.38
C ALA A 103 2.75 18.50 -0.62
N LYS A 104 3.23 18.17 -1.80
CA LYS A 104 2.39 17.59 -2.84
C LYS A 104 1.50 16.49 -2.27
N TYR A 105 2.09 15.63 -1.45
CA TYR A 105 1.35 14.53 -0.83
C TYR A 105 0.13 15.05 -0.09
N ARG A 106 0.34 16.03 0.77
CA ARG A 106 -0.76 16.62 1.54
C ARG A 106 -1.95 16.92 0.65
N VAL A 107 -1.68 17.36 -0.58
CA VAL A 107 -2.73 17.68 -1.53
C VAL A 107 -3.25 16.44 -2.22
N LEU A 108 -2.34 15.54 -2.60
CA LEU A 108 -2.72 14.30 -3.27
C LEU A 108 -3.74 13.54 -2.46
N ALA A 109 -3.67 13.66 -1.13
CA ALA A 109 -4.59 12.97 -0.25
C ALA A 109 -5.89 13.76 -0.09
N ASP A 110 -5.79 15.08 -0.22
CA ASP A 110 -6.96 15.95 -0.10
C ASP A 110 -7.98 15.64 -1.17
N ARG A 111 -7.52 15.55 -2.42
CA ARG A 111 -8.40 15.25 -3.54
C ARG A 111 -9.23 14.00 -3.27
N PHE A 112 -8.69 13.10 -2.46
CA PHE A 112 -9.39 11.86 -2.12
C PHE A 112 -10.40 12.10 -1.00
N GLY A 113 -10.03 12.96 -0.04
CA GLY A 113 -10.90 13.25 1.07
C GLY A 113 -10.15 13.65 2.32
N SER A 114 -10.83 14.31 3.24
CA SER A 114 -10.22 14.74 4.49
C SER A 114 -10.16 13.61 5.51
N GLY A 115 -11.26 12.88 5.62
CA GLY A 115 -11.32 11.77 6.56
C GLY A 115 -12.71 11.59 7.16
N PRO A 116 -12.81 10.69 8.15
CA PRO A 116 -14.08 10.41 8.83
C PRO A 116 -14.56 11.57 9.68
N SER A 117 -15.41 12.41 9.10
CA SER A 117 -15.94 13.57 9.82
C SER A 117 -17.23 13.22 10.56
N SER A 118 -17.25 13.47 11.86
CA SER A 118 -18.41 13.17 12.68
C SER A 118 -18.75 14.34 13.59
N GLY A 119 -20.00 14.81 13.51
CA GLY A 119 -20.42 15.93 14.33
C GLY A 119 -21.62 15.59 15.18
N GLY A 1 -1.90 6.80 -27.33
CA GLY A 1 -1.58 5.71 -26.43
C GLY A 1 -0.11 5.64 -26.09
N SER A 2 0.23 6.05 -24.86
CA SER A 2 1.62 6.04 -24.41
C SER A 2 1.73 5.43 -23.02
N SER A 3 2.07 4.13 -22.97
CA SER A 3 2.21 3.43 -21.70
C SER A 3 0.90 3.47 -20.92
N GLY A 4 -0.21 3.28 -21.62
CA GLY A 4 -1.51 3.29 -20.97
C GLY A 4 -2.37 2.11 -21.35
N SER A 5 -1.89 0.90 -21.04
CA SER A 5 -2.61 -0.32 -21.36
C SER A 5 -2.52 -1.32 -20.21
N SER A 6 -3.68 -1.81 -19.78
CA SER A 6 -3.73 -2.77 -18.68
C SER A 6 -4.10 -4.16 -19.20
N GLY A 7 -4.09 -5.14 -18.30
CA GLY A 7 -4.42 -6.50 -18.69
C GLY A 7 -3.27 -7.47 -18.46
N ALA A 8 -2.69 -7.43 -17.26
CA ALA A 8 -1.58 -8.30 -16.91
C ALA A 8 -1.75 -8.88 -15.52
N SER A 9 -1.71 -10.21 -15.42
CA SER A 9 -1.87 -10.88 -14.14
C SER A 9 -0.60 -11.65 -13.77
N ARG A 10 0.16 -11.11 -12.82
CA ARG A 10 1.39 -11.75 -12.38
C ARG A 10 1.81 -11.23 -11.01
N ASP A 11 2.74 -11.92 -10.38
CA ASP A 11 3.23 -11.53 -9.06
C ASP A 11 3.56 -10.05 -9.02
N LEU A 12 2.89 -9.32 -8.14
CA LEU A 12 3.11 -7.88 -7.99
C LEU A 12 4.51 -7.59 -7.48
N LEU A 13 5.01 -8.47 -6.62
CA LEU A 13 6.35 -8.31 -6.05
C LEU A 13 7.37 -7.99 -7.13
N LYS A 14 7.22 -8.63 -8.29
CA LYS A 14 8.12 -8.42 -9.41
C LYS A 14 8.46 -6.93 -9.57
N GLU A 15 7.43 -6.09 -9.47
CA GLU A 15 7.61 -4.65 -9.59
C GLU A 15 7.96 -4.02 -8.24
N PHE A 16 7.36 -4.56 -7.18
CA PHE A 16 7.61 -4.06 -5.84
C PHE A 16 8.44 -5.04 -5.03
N PRO A 17 9.77 -4.84 -5.06
CA PRO A 17 10.72 -5.69 -4.33
C PRO A 17 10.62 -5.52 -2.82
N GLN A 18 10.45 -4.28 -2.38
CA GLN A 18 10.34 -3.98 -0.96
C GLN A 18 9.06 -3.21 -0.66
N PRO A 19 7.92 -3.92 -0.68
CA PRO A 19 6.61 -3.33 -0.42
C PRO A 19 6.45 -2.92 1.05
N LYS A 20 7.06 -3.69 1.94
CA LYS A 20 6.98 -3.40 3.37
C LYS A 20 7.57 -2.03 3.69
N ASN A 21 8.67 -1.71 3.03
CA ASN A 21 9.34 -0.42 3.24
C ASN A 21 8.80 0.64 2.29
N LEU A 22 8.66 0.26 1.01
CA LEU A 22 8.15 1.18 0.00
C LEU A 22 6.83 1.79 0.43
N LEU A 23 5.90 0.94 0.83
CA LEU A 23 4.57 1.38 1.28
C LEU A 23 4.70 2.34 2.46
N ASN A 24 5.28 1.84 3.56
CA ASN A 24 5.45 2.65 4.76
C ASN A 24 6.08 3.99 4.42
N SER A 25 7.19 3.96 3.70
CA SER A 25 7.89 5.18 3.31
C SER A 25 6.91 6.21 2.75
N VAL A 26 5.92 5.74 2.00
CA VAL A 26 4.93 6.62 1.41
C VAL A 26 4.21 7.45 2.48
N ILE A 27 3.34 6.81 3.23
CA ILE A 27 2.59 7.48 4.28
C ILE A 27 3.54 8.16 5.27
N GLY A 28 4.71 7.56 5.47
CA GLY A 28 5.69 8.11 6.38
C GLY A 28 6.23 9.45 5.90
N ARG A 29 6.14 9.68 4.60
CA ARG A 29 6.64 10.94 4.02
C ARG A 29 5.51 11.94 3.86
N ALA A 30 4.32 11.44 3.51
CA ALA A 30 3.16 12.31 3.34
C ALA A 30 2.67 12.86 4.67
N LEU A 31 2.30 11.96 5.58
CA LEU A 31 1.81 12.35 6.89
C LEU A 31 2.94 12.33 7.92
N GLY A 32 3.45 11.13 8.20
CA GLY A 32 4.53 11.00 9.16
C GLY A 32 4.73 9.56 9.61
N ILE A 33 5.95 9.07 9.45
CA ILE A 33 6.27 7.69 9.84
C ILE A 33 5.56 7.31 11.14
N SER A 34 5.45 8.26 12.06
CA SER A 34 4.80 8.02 13.33
C SER A 34 3.33 7.70 13.13
N HIS A 35 2.64 8.53 12.35
CA HIS A 35 1.22 8.32 12.09
C HIS A 35 1.00 7.05 11.26
N ALA A 36 1.79 6.90 10.19
CA ALA A 36 1.68 5.74 9.33
C ALA A 36 1.42 4.47 10.15
N LYS A 37 2.09 4.36 11.30
CA LYS A 37 1.94 3.21 12.17
C LYS A 37 0.50 2.71 12.16
N ASP A 38 -0.42 3.58 12.59
CA ASP A 38 -1.83 3.21 12.63
C ASP A 38 -2.42 3.13 11.23
N LYS A 39 -2.05 4.09 10.38
CA LYS A 39 -2.54 4.12 9.01
C LYS A 39 -2.49 2.73 8.38
N LEU A 40 -1.42 2.01 8.66
CA LEU A 40 -1.24 0.65 8.12
C LEU A 40 -1.44 -0.39 9.20
N VAL A 41 -2.52 -1.16 9.09
CA VAL A 41 -2.82 -2.20 10.06
C VAL A 41 -2.76 -3.58 9.42
N TYR A 42 -2.25 -4.55 10.18
CA TYR A 42 -2.13 -5.92 9.68
C TYR A 42 -2.96 -6.88 10.53
N VAL A 43 -3.89 -7.57 9.89
CA VAL A 43 -4.76 -8.52 10.58
C VAL A 43 -4.44 -9.95 10.15
N HIS A 44 -3.86 -10.73 11.07
CA HIS A 44 -3.51 -12.11 10.79
C HIS A 44 -4.68 -13.03 11.08
N THR A 45 -4.69 -14.20 10.43
CA THR A 45 -5.77 -15.16 10.61
C THR A 45 -5.22 -16.58 10.73
N ASN A 46 -5.97 -17.46 11.36
CA ASN A 46 -5.56 -18.85 11.55
C ASN A 46 -6.64 -19.81 11.05
N GLY A 47 -6.21 -20.97 10.57
CA GLY A 47 -7.14 -21.97 10.08
C GLY A 47 -6.57 -22.81 8.97
N PRO A 48 -6.49 -22.24 7.76
CA PRO A 48 -5.95 -22.93 6.59
C PRO A 48 -4.45 -23.15 6.68
N LYS A 49 -3.95 -24.12 5.92
CA LYS A 49 -2.52 -24.43 5.92
C LYS A 49 -1.69 -23.15 5.88
N LYS A 50 -1.96 -22.32 4.88
CA LYS A 50 -1.23 -21.06 4.72
C LYS A 50 -1.84 -19.96 5.59
N LYS A 51 -1.07 -18.92 5.85
CA LYS A 51 -1.54 -17.81 6.67
C LYS A 51 -1.99 -16.64 5.80
N LYS A 52 -2.99 -15.91 6.26
CA LYS A 52 -3.51 -14.76 5.52
C LYS A 52 -3.43 -13.48 6.37
N VAL A 53 -2.96 -12.40 5.74
CA VAL A 53 -2.83 -11.12 6.43
C VAL A 53 -3.55 -10.02 5.67
N THR A 54 -4.55 -9.42 6.30
CA THR A 54 -5.31 -8.34 5.67
C THR A 54 -4.78 -6.98 6.08
N LEU A 55 -4.14 -6.29 5.16
CA LEU A 55 -3.57 -4.97 5.42
C LEU A 55 -4.64 -3.89 5.28
N HIS A 56 -5.06 -3.34 6.42
CA HIS A 56 -6.08 -2.30 6.43
C HIS A 56 -5.44 -0.91 6.34
N ILE A 57 -5.53 -0.30 5.16
CA ILE A 57 -4.96 1.02 4.94
C ILE A 57 -6.03 2.11 5.03
N LYS A 58 -5.62 3.29 5.48
CA LYS A 58 -6.55 4.42 5.61
C LYS A 58 -6.15 5.56 4.68
N TRP A 59 -4.85 5.84 4.61
CA TRP A 59 -4.34 6.90 3.75
C TRP A 59 -3.78 6.33 2.45
N PRO A 60 -4.08 7.03 1.33
CA PRO A 60 -4.88 8.25 1.35
C PRO A 60 -6.35 7.98 1.68
N LYS A 61 -6.88 6.90 1.12
CA LYS A 61 -8.27 6.53 1.36
C LYS A 61 -8.36 5.22 2.13
N SER A 62 -9.56 4.88 2.59
CA SER A 62 -9.78 3.66 3.34
C SER A 62 -9.82 2.45 2.42
N VAL A 63 -8.77 1.64 2.46
CA VAL A 63 -8.69 0.45 1.63
C VAL A 63 -8.08 -0.72 2.40
N GLU A 64 -8.20 -1.92 1.83
CA GLU A 64 -7.66 -3.12 2.45
C GLU A 64 -7.19 -4.13 1.41
N VAL A 65 -6.19 -4.93 1.76
CA VAL A 65 -5.65 -5.93 0.85
C VAL A 65 -5.32 -7.22 1.60
N GLU A 66 -5.37 -8.34 0.88
CA GLU A 66 -5.08 -9.63 1.47
C GLU A 66 -3.69 -10.11 1.06
N GLY A 67 -2.97 -10.73 2.00
CA GLY A 67 -1.63 -11.22 1.72
C GLY A 67 -1.47 -12.68 2.08
N TYR A 68 -0.95 -13.47 1.14
CA TYR A 68 -0.74 -14.89 1.37
C TYR A 68 0.74 -15.22 1.46
N GLY A 69 1.05 -16.34 2.11
CA GLY A 69 2.44 -16.74 2.26
C GLY A 69 2.61 -17.90 3.23
N SER A 70 3.84 -18.37 3.40
CA SER A 70 4.13 -19.48 4.30
C SER A 70 4.46 -18.97 5.70
N LYS A 71 5.34 -17.97 5.76
CA LYS A 71 5.75 -17.39 7.03
C LYS A 71 5.07 -16.06 7.28
N LYS A 72 5.13 -15.57 8.51
CA LYS A 72 4.51 -14.30 8.87
C LYS A 72 5.06 -13.17 8.00
N ILE A 73 6.29 -13.33 7.54
CA ILE A 73 6.94 -12.32 6.70
C ILE A 73 6.52 -12.48 5.25
N ASP A 74 6.24 -13.71 4.84
CA ASP A 74 5.84 -14.00 3.47
C ASP A 74 4.45 -13.43 3.19
N ALA A 75 3.49 -13.72 4.06
CA ALA A 75 2.13 -13.24 3.91
C ALA A 75 2.07 -11.72 4.08
N GLU A 76 2.69 -11.23 5.15
CA GLU A 76 2.71 -9.80 5.44
C GLU A 76 3.23 -9.01 4.23
N ARG A 77 4.38 -9.43 3.72
CA ARG A 77 4.99 -8.77 2.58
C ARG A 77 4.00 -8.65 1.42
N GLN A 78 3.36 -9.77 1.08
CA GLN A 78 2.40 -9.80 0.00
C GLN A 78 1.35 -8.70 0.17
N ALA A 79 0.61 -8.77 1.27
CA ALA A 79 -0.42 -7.77 1.55
C ALA A 79 0.03 -6.37 1.14
N ALA A 80 1.11 -5.91 1.76
CA ALA A 80 1.65 -4.58 1.46
C ALA A 80 1.80 -4.38 -0.04
N ALA A 81 2.52 -5.30 -0.68
CA ALA A 81 2.75 -5.23 -2.12
C ALA A 81 1.44 -5.06 -2.88
N ALA A 82 0.42 -5.84 -2.48
CA ALA A 82 -0.88 -5.79 -3.12
C ALA A 82 -1.43 -4.37 -3.11
N ALA A 83 -0.97 -3.56 -2.16
CA ALA A 83 -1.41 -2.18 -2.05
C ALA A 83 -0.54 -1.24 -2.88
N CYS A 84 0.77 -1.50 -2.87
CA CYS A 84 1.71 -0.68 -3.62
C CYS A 84 1.17 -0.36 -5.01
N GLN A 85 0.55 -1.35 -5.64
CA GLN A 85 -0.02 -1.18 -6.97
C GLN A 85 -1.07 -0.06 -6.98
N LEU A 86 -1.85 0.01 -5.91
CA LEU A 86 -2.89 1.03 -5.80
C LEU A 86 -2.27 2.42 -5.71
N PHE A 87 -1.26 2.56 -4.88
CA PHE A 87 -0.58 3.85 -4.72
C PHE A 87 0.07 4.30 -6.03
N LYS A 88 0.47 3.33 -6.84
CA LYS A 88 1.11 3.62 -8.12
C LYS A 88 0.09 4.15 -9.13
N GLY A 89 -1.04 3.46 -9.22
CA GLY A 89 -2.09 3.88 -10.15
C GLY A 89 -2.67 5.23 -9.79
N TRP A 90 -2.97 5.43 -8.51
CA TRP A 90 -3.53 6.69 -8.05
C TRP A 90 -2.63 7.87 -8.43
N GLY A 91 -1.32 7.65 -8.35
CA GLY A 91 -0.38 8.70 -8.70
C GLY A 91 0.38 9.20 -7.49
N LEU A 92 0.65 8.31 -6.54
CA LEU A 92 1.37 8.67 -5.33
C LEU A 92 2.86 8.35 -5.46
N LEU A 93 3.16 7.33 -6.26
CA LEU A 93 4.54 6.91 -6.47
C LEU A 93 5.02 7.31 -7.86
N GLY A 94 4.36 6.76 -8.89
CA GLY A 94 4.73 7.08 -10.26
C GLY A 94 5.12 5.84 -11.04
N PRO A 95 5.78 6.06 -12.20
CA PRO A 95 6.23 4.97 -13.07
C PRO A 95 7.38 4.16 -12.45
N ARG A 96 8.37 4.87 -11.93
CA ARG A 96 9.52 4.23 -11.31
C ARG A 96 9.41 4.26 -9.79
N ASN A 97 8.18 4.17 -9.28
CA ASN A 97 7.94 4.19 -7.85
C ASN A 97 8.78 5.26 -7.17
N GLU A 98 8.70 6.49 -7.68
CA GLU A 98 9.47 7.60 -7.12
C GLU A 98 8.56 8.51 -6.29
N LEU A 99 8.67 8.39 -4.97
CA LEU A 99 7.86 9.20 -4.07
C LEU A 99 7.88 10.67 -4.49
N PHE A 100 6.97 11.46 -3.91
CA PHE A 100 6.87 12.88 -4.22
C PHE A 100 7.20 13.72 -3.00
N ASP A 101 7.18 15.04 -3.18
CA ASP A 101 7.46 15.97 -2.09
C ASP A 101 6.34 15.97 -1.07
N ALA A 102 6.70 15.87 0.21
CA ALA A 102 5.72 15.86 1.28
C ALA A 102 4.55 16.80 0.97
N ALA A 103 4.87 18.00 0.50
CA ALA A 103 3.85 18.98 0.16
C ALA A 103 2.81 18.39 -0.78
N LYS A 104 3.24 18.03 -1.98
CA LYS A 104 2.35 17.45 -2.98
C LYS A 104 1.47 16.36 -2.36
N TYR A 105 2.10 15.50 -1.56
CA TYR A 105 1.39 14.42 -0.91
C TYR A 105 0.18 14.94 -0.14
N ARG A 106 0.40 15.95 0.70
CA ARG A 106 -0.67 16.54 1.49
C ARG A 106 -1.89 16.85 0.61
N VAL A 107 -1.63 17.39 -0.57
CA VAL A 107 -2.71 17.72 -1.50
C VAL A 107 -3.29 16.47 -2.15
N LEU A 108 -2.41 15.58 -2.60
CA LEU A 108 -2.83 14.34 -3.24
C LEU A 108 -3.88 13.63 -2.40
N ALA A 109 -3.60 13.46 -1.12
CA ALA A 109 -4.53 12.80 -0.21
C ALA A 109 -5.85 13.56 -0.12
N ASP A 110 -5.78 14.81 0.29
CA ASP A 110 -6.96 15.65 0.41
C ASP A 110 -7.88 15.47 -0.79
N ARG A 111 -7.31 15.53 -1.99
CA ARG A 111 -8.07 15.39 -3.21
C ARG A 111 -9.03 14.20 -3.12
N PHE A 112 -8.58 13.14 -2.46
CA PHE A 112 -9.38 11.93 -2.29
C PHE A 112 -10.51 12.17 -1.29
N GLY A 113 -10.20 12.90 -0.22
CA GLY A 113 -11.19 13.19 0.79
C GLY A 113 -10.57 13.58 2.12
N SER A 114 -11.07 12.99 3.21
CA SER A 114 -10.55 13.29 4.54
C SER A 114 -9.04 13.47 4.51
N GLY A 115 -8.52 14.21 5.49
CA GLY A 115 -7.10 14.45 5.56
C GLY A 115 -6.70 15.82 5.04
N PRO A 116 -6.84 16.84 5.90
CA PRO A 116 -6.51 18.23 5.54
C PRO A 116 -5.01 18.43 5.38
N SER A 117 -4.62 19.67 5.10
CA SER A 117 -3.21 20.01 4.91
C SER A 117 -2.51 20.14 6.26
N SER A 118 -3.21 20.69 7.24
CA SER A 118 -2.66 20.87 8.57
C SER A 118 -3.74 20.76 9.64
N GLY A 119 -3.67 19.69 10.43
CA GLY A 119 -4.66 19.48 11.47
C GLY A 119 -4.07 18.80 12.69
N GLY A 1 -8.43 6.58 -17.87
CA GLY A 1 -7.79 5.63 -18.78
C GLY A 1 -8.69 5.23 -19.92
N SER A 2 -8.17 5.28 -21.14
CA SER A 2 -8.94 4.93 -22.33
C SER A 2 -9.05 3.41 -22.45
N SER A 3 -10.28 2.91 -22.36
CA SER A 3 -10.53 1.48 -22.47
C SER A 3 -9.40 0.68 -21.86
N GLY A 4 -8.91 1.13 -20.71
CA GLY A 4 -7.82 0.45 -20.04
C GLY A 4 -8.31 -0.58 -19.04
N SER A 5 -9.09 -1.54 -19.52
CA SER A 5 -9.63 -2.59 -18.65
C SER A 5 -8.67 -3.77 -18.58
N SER A 6 -8.01 -3.92 -17.43
CA SER A 6 -7.06 -5.00 -17.22
C SER A 6 -7.14 -5.52 -15.80
N GLY A 7 -6.58 -6.71 -15.57
CA GLY A 7 -6.58 -7.30 -14.24
C GLY A 7 -6.62 -8.82 -14.28
N ALA A 8 -5.44 -9.42 -14.44
CA ALA A 8 -5.34 -10.88 -14.48
C ALA A 8 -4.30 -11.39 -13.51
N SER A 9 -4.17 -12.72 -13.41
CA SER A 9 -3.20 -13.33 -12.51
C SER A 9 -1.78 -12.91 -12.86
N ARG A 10 -1.05 -12.44 -11.85
CA ARG A 10 0.33 -12.00 -12.05
C ARG A 10 1.01 -11.75 -10.71
N ASP A 11 2.34 -11.73 -10.72
CA ASP A 11 3.12 -11.50 -9.51
C ASP A 11 3.39 -10.00 -9.32
N LEU A 12 2.76 -9.42 -8.31
CA LEU A 12 2.94 -8.00 -8.02
C LEU A 12 4.36 -7.71 -7.54
N LEU A 13 4.88 -8.57 -6.68
CA LEU A 13 6.22 -8.42 -6.15
C LEU A 13 7.20 -8.08 -7.26
N LYS A 14 7.02 -8.69 -8.42
CA LYS A 14 7.90 -8.46 -9.56
C LYS A 14 8.19 -6.97 -9.71
N GLU A 15 7.17 -6.14 -9.53
CA GLU A 15 7.33 -4.69 -9.64
C GLU A 15 7.70 -4.08 -8.30
N PHE A 16 7.10 -4.59 -7.23
CA PHE A 16 7.37 -4.08 -5.88
C PHE A 16 8.24 -5.06 -5.11
N PRO A 17 9.56 -4.81 -5.11
CA PRO A 17 10.53 -5.66 -4.41
C PRO A 17 10.42 -5.53 -2.90
N GLN A 18 10.32 -4.29 -2.41
CA GLN A 18 10.21 -4.05 -0.99
C GLN A 18 8.94 -3.25 -0.67
N PRO A 19 7.80 -3.95 -0.62
CA PRO A 19 6.50 -3.33 -0.34
C PRO A 19 6.39 -2.86 1.12
N LYS A 20 6.95 -3.66 2.03
CA LYS A 20 6.91 -3.32 3.45
C LYS A 20 7.60 -1.99 3.71
N ASN A 21 8.66 -1.72 2.98
CA ASN A 21 9.40 -0.48 3.13
C ASN A 21 8.84 0.61 2.23
N LEU A 22 8.51 0.24 0.99
CA LEU A 22 7.95 1.18 0.03
C LEU A 22 6.66 1.80 0.55
N LEU A 23 5.62 0.99 0.65
CA LEU A 23 4.32 1.45 1.13
C LEU A 23 4.49 2.37 2.34
N ASN A 24 5.15 1.85 3.37
CA ASN A 24 5.39 2.63 4.59
C ASN A 24 6.00 3.98 4.26
N SER A 25 7.11 3.96 3.52
CA SER A 25 7.80 5.19 3.15
C SER A 25 6.81 6.24 2.65
N VAL A 26 5.85 5.80 1.84
CA VAL A 26 4.84 6.71 1.29
C VAL A 26 4.17 7.50 2.40
N ILE A 27 3.30 6.84 3.16
CA ILE A 27 2.59 7.50 4.26
C ILE A 27 3.56 8.16 5.22
N GLY A 28 4.72 7.54 5.41
CA GLY A 28 5.72 8.09 6.31
C GLY A 28 6.18 9.47 5.88
N ARG A 29 6.10 9.75 4.58
CA ARG A 29 6.51 11.05 4.05
C ARG A 29 5.34 12.01 3.99
N ALA A 30 4.19 11.51 3.54
CA ALA A 30 2.98 12.33 3.44
C ALA A 30 2.54 12.82 4.81
N LEU A 31 2.24 11.89 5.70
CA LEU A 31 1.80 12.22 7.05
C LEU A 31 2.97 12.18 8.04
N GLY A 32 3.51 10.98 8.24
CA GLY A 32 4.63 10.82 9.15
C GLY A 32 4.79 9.39 9.63
N ILE A 33 5.96 8.82 9.39
CA ILE A 33 6.24 7.45 9.80
C ILE A 33 5.60 7.14 11.15
N SER A 34 5.63 8.11 12.05
CA SER A 34 5.04 7.94 13.38
C SER A 34 3.55 7.64 13.28
N HIS A 35 2.83 8.47 12.52
CA HIS A 35 1.39 8.30 12.35
C HIS A 35 1.09 7.07 11.49
N ALA A 36 1.95 6.82 10.50
CA ALA A 36 1.78 5.69 9.61
C ALA A 36 1.49 4.41 10.39
N LYS A 37 2.00 4.34 11.61
CA LYS A 37 1.79 3.18 12.47
C LYS A 37 0.38 2.64 12.31
N ASP A 38 -0.61 3.47 12.65
CA ASP A 38 -2.01 3.07 12.55
C ASP A 38 -2.45 3.03 11.08
N LYS A 39 -2.10 4.07 10.34
CA LYS A 39 -2.46 4.16 8.93
C LYS A 39 -2.40 2.78 8.26
N LEU A 40 -1.38 2.02 8.61
CA LEU A 40 -1.20 0.68 8.05
C LEU A 40 -1.32 -0.39 9.13
N VAL A 41 -2.43 -1.13 9.09
CA VAL A 41 -2.67 -2.19 10.07
C VAL A 41 -2.59 -3.57 9.42
N TYR A 42 -2.07 -4.53 10.17
CA TYR A 42 -1.93 -5.89 9.67
C TYR A 42 -2.73 -6.88 10.51
N VAL A 43 -3.69 -7.56 9.89
CA VAL A 43 -4.52 -8.52 10.59
C VAL A 43 -4.21 -9.95 10.14
N HIS A 44 -3.63 -10.73 11.04
CA HIS A 44 -3.28 -12.12 10.72
C HIS A 44 -4.47 -13.04 10.99
N THR A 45 -4.52 -14.14 10.23
CA THR A 45 -5.61 -15.10 10.37
C THR A 45 -5.06 -16.52 10.54
N ASN A 46 -5.76 -17.32 11.34
CA ASN A 46 -5.35 -18.70 11.58
C ASN A 46 -6.50 -19.67 11.30
N GLY A 47 -6.25 -20.63 10.42
CA GLY A 47 -7.27 -21.60 10.07
C GLY A 47 -6.85 -22.50 8.92
N PRO A 48 -6.75 -21.92 7.72
CA PRO A 48 -6.35 -22.66 6.52
C PRO A 48 -4.89 -23.09 6.56
N LYS A 49 -4.50 -23.95 5.63
CA LYS A 49 -3.13 -24.44 5.55
C LYS A 49 -2.14 -23.28 5.59
N LYS A 50 -2.27 -22.37 4.63
CA LYS A 50 -1.38 -21.21 4.57
C LYS A 50 -1.94 -20.05 5.39
N LYS A 51 -1.06 -19.14 5.81
CA LYS A 51 -1.46 -17.99 6.61
C LYS A 51 -1.83 -16.82 5.71
N LYS A 52 -2.65 -15.91 6.23
CA LYS A 52 -3.07 -14.74 5.48
C LYS A 52 -3.03 -13.49 6.34
N VAL A 53 -2.71 -12.35 5.72
CA VAL A 53 -2.64 -11.08 6.44
C VAL A 53 -3.38 -9.98 5.69
N THR A 54 -4.38 -9.40 6.35
CA THR A 54 -5.17 -8.33 5.74
C THR A 54 -4.63 -6.96 6.13
N LEU A 55 -4.02 -6.27 5.17
CA LEU A 55 -3.46 -4.94 5.42
C LEU A 55 -4.54 -3.88 5.30
N HIS A 56 -4.97 -3.35 6.45
CA HIS A 56 -5.99 -2.32 6.48
C HIS A 56 -5.36 -0.93 6.39
N ILE A 57 -5.44 -0.32 5.22
CA ILE A 57 -4.88 1.02 5.00
C ILE A 57 -5.95 2.09 5.13
N LYS A 58 -5.55 3.27 5.59
CA LYS A 58 -6.48 4.39 5.75
C LYS A 58 -6.10 5.54 4.84
N TRP A 59 -4.81 5.83 4.74
CA TRP A 59 -4.32 6.91 3.89
C TRP A 59 -3.77 6.36 2.58
N PRO A 60 -4.08 7.06 1.47
CA PRO A 60 -4.91 8.28 1.51
C PRO A 60 -6.37 7.99 1.86
N LYS A 61 -6.90 6.92 1.29
CA LYS A 61 -8.28 6.53 1.55
C LYS A 61 -8.35 5.21 2.32
N SER A 62 -9.54 4.86 2.78
CA SER A 62 -9.73 3.63 3.53
C SER A 62 -9.80 2.43 2.59
N VAL A 63 -8.74 1.63 2.57
CA VAL A 63 -8.68 0.45 1.72
C VAL A 63 -8.02 -0.72 2.45
N GLU A 64 -8.20 -1.92 1.90
CA GLU A 64 -7.62 -3.12 2.50
C GLU A 64 -7.18 -4.10 1.42
N VAL A 65 -6.16 -4.90 1.74
CA VAL A 65 -5.64 -5.89 0.80
C VAL A 65 -5.26 -7.18 1.52
N GLU A 66 -5.31 -8.28 0.78
CA GLU A 66 -4.97 -9.59 1.35
C GLU A 66 -3.54 -9.99 0.97
N GLY A 67 -2.80 -10.49 1.97
CA GLY A 67 -1.43 -10.90 1.73
C GLY A 67 -1.19 -12.34 2.11
N TYR A 68 -0.88 -13.17 1.12
CA TYR A 68 -0.62 -14.59 1.35
C TYR A 68 0.88 -14.86 1.46
N GLY A 69 1.23 -16.00 2.05
CA GLY A 69 2.63 -16.36 2.19
C GLY A 69 2.82 -17.55 3.12
N SER A 70 3.99 -18.17 3.03
CA SER A 70 4.30 -19.34 3.86
C SER A 70 4.53 -18.93 5.31
N LYS A 71 5.45 -17.98 5.52
CA LYS A 71 5.76 -17.50 6.85
C LYS A 71 5.08 -16.16 7.12
N LYS A 72 5.00 -15.79 8.39
CA LYS A 72 4.37 -14.52 8.78
C LYS A 72 4.97 -13.35 8.01
N ILE A 73 6.29 -13.34 7.89
CA ILE A 73 6.99 -12.29 7.17
C ILE A 73 6.61 -12.28 5.70
N ASP A 74 6.39 -13.47 5.14
CA ASP A 74 6.02 -13.60 3.74
C ASP A 74 4.60 -13.11 3.50
N ALA A 75 3.67 -13.59 4.34
CA ALA A 75 2.26 -13.20 4.22
C ALA A 75 2.11 -11.69 4.27
N GLU A 76 2.83 -11.05 5.20
CA GLU A 76 2.77 -9.60 5.34
C GLU A 76 3.23 -8.90 4.06
N ARG A 77 4.46 -9.19 3.64
CA ARG A 77 5.02 -8.59 2.44
C ARG A 77 3.96 -8.49 1.34
N GLN A 78 3.36 -9.62 1.00
CA GLN A 78 2.33 -9.65 -0.04
C GLN A 78 1.29 -8.56 0.20
N ALA A 79 0.63 -8.61 1.34
CA ALA A 79 -0.38 -7.62 1.69
C ALA A 79 0.03 -6.22 1.22
N ALA A 80 1.17 -5.75 1.73
CA ALA A 80 1.66 -4.43 1.37
C ALA A 80 1.71 -4.26 -0.15
N ALA A 81 2.31 -5.23 -0.83
CA ALA A 81 2.42 -5.19 -2.28
C ALA A 81 1.06 -4.97 -2.94
N ALA A 82 0.07 -5.72 -2.47
CA ALA A 82 -1.29 -5.62 -3.00
C ALA A 82 -1.76 -4.17 -3.01
N ALA A 83 -1.21 -3.36 -2.11
CA ALA A 83 -1.57 -1.96 -2.02
C ALA A 83 -0.65 -1.09 -2.87
N CYS A 84 0.61 -1.52 -3.00
CA CYS A 84 1.59 -0.78 -3.78
C CYS A 84 1.04 -0.45 -5.17
N GLN A 85 0.21 -1.35 -5.69
CA GLN A 85 -0.38 -1.15 -7.01
C GLN A 85 -1.38 0.00 -7.00
N LEU A 86 -2.13 0.11 -5.91
CA LEU A 86 -3.13 1.17 -5.77
C LEU A 86 -2.46 2.54 -5.67
N PHE A 87 -1.42 2.62 -4.85
CA PHE A 87 -0.69 3.87 -4.66
C PHE A 87 -0.01 4.31 -5.96
N LYS A 88 0.54 3.33 -6.68
CA LYS A 88 1.22 3.62 -7.94
C LYS A 88 0.24 4.16 -8.97
N GLY A 89 -0.93 3.54 -9.07
CA GLY A 89 -1.94 3.98 -10.02
C GLY A 89 -2.54 5.32 -9.64
N TRP A 90 -2.74 5.53 -8.35
CA TRP A 90 -3.32 6.77 -7.85
C TRP A 90 -2.42 7.96 -8.19
N GLY A 91 -1.11 7.71 -8.23
CA GLY A 91 -0.17 8.77 -8.54
C GLY A 91 0.58 9.25 -7.31
N LEU A 92 0.84 8.34 -6.38
CA LEU A 92 1.55 8.68 -5.15
C LEU A 92 3.02 8.31 -5.27
N LEU A 93 3.36 7.53 -6.28
CA LEU A 93 4.74 7.11 -6.50
C LEU A 93 5.19 7.43 -7.92
N GLY A 94 4.62 6.72 -8.90
CA GLY A 94 4.97 6.95 -10.29
C GLY A 94 5.40 5.67 -10.99
N PRO A 95 6.09 5.83 -12.13
CA PRO A 95 6.56 4.69 -12.93
C PRO A 95 7.69 3.93 -12.23
N ARG A 96 8.64 4.66 -11.68
CA ARG A 96 9.78 4.06 -10.99
C ARG A 96 9.57 4.08 -9.48
N ASN A 97 8.31 4.00 -9.06
CA ASN A 97 7.97 4.02 -7.64
C ASN A 97 8.82 5.04 -6.90
N GLU A 98 8.79 6.29 -7.36
CA GLU A 98 9.56 7.35 -6.74
C GLU A 98 8.67 8.23 -5.85
N LEU A 99 9.03 8.35 -4.58
CA LEU A 99 8.26 9.15 -3.64
C LEU A 99 8.24 10.62 -4.07
N PHE A 100 7.14 11.31 -3.75
CA PHE A 100 7.01 12.71 -4.09
C PHE A 100 7.28 13.60 -2.88
N ASP A 101 7.17 14.91 -3.08
CA ASP A 101 7.41 15.87 -2.01
C ASP A 101 6.27 15.85 -1.00
N ALA A 102 6.55 16.34 0.21
CA ALA A 102 5.54 16.38 1.27
C ALA A 102 4.33 17.18 0.83
N ALA A 103 4.56 18.41 0.35
CA ALA A 103 3.48 19.27 -0.10
C ALA A 103 2.55 18.54 -1.06
N LYS A 104 3.12 18.01 -2.14
CA LYS A 104 2.35 17.29 -3.14
C LYS A 104 1.49 16.20 -2.48
N TYR A 105 2.11 15.42 -1.61
CA TYR A 105 1.41 14.35 -0.91
C TYR A 105 0.13 14.85 -0.27
N ARG A 106 0.22 15.98 0.44
CA ARG A 106 -0.92 16.58 1.10
C ARG A 106 -2.10 16.72 0.13
N VAL A 107 -1.79 17.19 -1.08
CA VAL A 107 -2.83 17.37 -2.10
C VAL A 107 -3.30 16.03 -2.65
N LEU A 108 -2.37 15.10 -2.82
CA LEU A 108 -2.69 13.78 -3.33
C LEU A 108 -3.70 13.07 -2.43
N ALA A 109 -3.61 13.34 -1.14
CA ALA A 109 -4.51 12.73 -0.17
C ALA A 109 -5.83 13.50 -0.09
N ASP A 110 -5.77 14.79 -0.37
CA ASP A 110 -6.96 15.64 -0.34
C ASP A 110 -7.98 15.17 -1.36
N ARG A 111 -7.57 15.11 -2.63
CA ARG A 111 -8.45 14.68 -3.70
C ARG A 111 -9.27 13.45 -3.28
N PHE A 112 -8.71 12.67 -2.37
CA PHE A 112 -9.38 11.47 -1.88
C PHE A 112 -10.23 11.78 -0.66
N GLY A 113 -9.76 12.72 0.17
CA GLY A 113 -10.48 13.08 1.37
C GLY A 113 -9.88 12.47 2.61
N SER A 114 -9.34 13.32 3.49
CA SER A 114 -8.72 12.86 4.72
C SER A 114 -9.30 13.61 5.92
N GLY A 115 -9.34 14.93 5.82
CA GLY A 115 -9.86 15.75 6.91
C GLY A 115 -9.58 17.23 6.71
N PRO A 116 -9.54 17.97 7.83
CA PRO A 116 -9.29 19.42 7.80
C PRO A 116 -7.85 19.74 7.43
N SER A 117 -7.68 20.55 6.39
CA SER A 117 -6.35 20.94 5.93
C SER A 117 -5.84 22.16 6.67
N SER A 118 -4.53 22.35 6.66
CA SER A 118 -3.92 23.48 7.36
C SER A 118 -2.49 23.70 6.86
N GLY A 119 -1.87 24.80 7.31
CA GLY A 119 -0.51 25.10 6.92
C GLY A 119 -0.42 25.52 5.46
N GLY A 1 19.99 -4.79 -14.75
CA GLY A 1 18.90 -4.82 -15.71
C GLY A 1 19.01 -3.71 -16.75
N SER A 2 18.56 -4.00 -17.96
CA SER A 2 18.61 -3.04 -19.05
C SER A 2 17.22 -2.79 -19.63
N SER A 3 16.56 -3.87 -20.03
CA SER A 3 15.22 -3.76 -20.60
C SER A 3 14.42 -5.04 -20.35
N GLY A 4 13.20 -4.88 -19.85
CA GLY A 4 12.36 -6.03 -19.59
C GLY A 4 11.82 -6.04 -18.17
N SER A 5 11.29 -4.90 -17.74
CA SER A 5 10.75 -4.77 -16.39
C SER A 5 9.43 -5.53 -16.26
N SER A 6 8.56 -5.34 -17.24
CA SER A 6 7.25 -6.01 -17.25
C SER A 6 7.40 -7.49 -17.59
N GLY A 7 7.09 -8.34 -16.63
CA GLY A 7 7.19 -9.78 -16.84
C GLY A 7 5.89 -10.50 -16.54
N ALA A 8 5.51 -10.52 -15.27
CA ALA A 8 4.28 -11.18 -14.84
C ALA A 8 3.22 -10.17 -14.45
N SER A 9 2.05 -10.67 -14.06
CA SER A 9 0.94 -9.80 -13.66
C SER A 9 0.38 -10.25 -12.30
N ARG A 10 0.44 -11.54 -12.04
CA ARG A 10 -0.07 -12.09 -10.79
C ARG A 10 0.94 -11.88 -9.65
N ASP A 11 2.20 -11.70 -10.02
CA ASP A 11 3.25 -11.48 -9.03
C ASP A 11 3.56 -9.99 -8.88
N LEU A 12 2.76 -9.32 -8.06
CA LEU A 12 2.94 -7.89 -7.82
C LEU A 12 4.33 -7.60 -7.27
N LEU A 13 4.76 -8.42 -6.31
CA LEU A 13 6.08 -8.26 -5.70
C LEU A 13 7.13 -7.96 -6.76
N LYS A 14 7.03 -8.64 -7.90
CA LYS A 14 7.97 -8.45 -8.99
C LYS A 14 8.35 -6.98 -9.15
N GLU A 15 7.34 -6.12 -9.04
CA GLU A 15 7.56 -4.67 -9.17
C GLU A 15 7.97 -4.06 -7.83
N PHE A 16 7.31 -4.50 -6.76
CA PHE A 16 7.61 -4.00 -5.42
C PHE A 16 8.42 -5.01 -4.63
N PRO A 17 9.76 -4.83 -4.64
CA PRO A 17 10.68 -5.71 -3.92
C PRO A 17 10.56 -5.57 -2.41
N GLN A 18 10.42 -4.34 -1.95
CA GLN A 18 10.31 -4.06 -0.52
C GLN A 18 9.08 -3.21 -0.23
N PRO A 19 7.91 -3.85 -0.17
CA PRO A 19 6.63 -3.18 0.10
C PRO A 19 6.54 -2.68 1.53
N LYS A 20 7.09 -3.45 2.46
CA LYS A 20 7.08 -3.10 3.88
C LYS A 20 7.72 -1.73 4.10
N ASN A 21 8.85 -1.51 3.44
CA ASN A 21 9.58 -0.25 3.56
C ASN A 21 9.01 0.80 2.61
N LEU A 22 8.79 0.40 1.37
CA LEU A 22 8.24 1.31 0.37
C LEU A 22 6.93 1.92 0.83
N LEU A 23 5.91 1.08 1.00
CA LEU A 23 4.61 1.54 1.44
C LEU A 23 4.74 2.54 2.59
N ASN A 24 5.38 2.09 3.68
CA ASN A 24 5.58 2.94 4.85
C ASN A 24 6.20 4.27 4.45
N SER A 25 7.29 4.20 3.69
CA SER A 25 7.99 5.41 3.26
C SER A 25 7.01 6.42 2.66
N VAL A 26 6.00 5.92 1.95
CA VAL A 26 5.00 6.79 1.34
C VAL A 26 4.31 7.65 2.38
N ILE A 27 3.47 7.03 3.20
CA ILE A 27 2.75 7.74 4.25
C ILE A 27 3.71 8.47 5.18
N GLY A 28 4.87 7.87 5.42
CA GLY A 28 5.86 8.47 6.29
C GLY A 28 6.32 9.83 5.78
N ARG A 29 6.24 10.04 4.47
CA ARG A 29 6.65 11.29 3.86
C ARG A 29 5.48 12.28 3.81
N ALA A 30 4.30 11.76 3.54
CA ALA A 30 3.10 12.60 3.46
C ALA A 30 2.64 13.02 4.84
N LEU A 31 2.31 12.04 5.68
CA LEU A 31 1.86 12.31 7.04
C LEU A 31 3.02 12.24 8.03
N GLY A 32 3.63 11.07 8.14
CA GLY A 32 4.75 10.89 9.05
C GLY A 32 4.92 9.45 9.46
N ILE A 33 6.16 8.96 9.39
CA ILE A 33 6.47 7.59 9.76
C ILE A 33 5.76 7.20 11.05
N SER A 34 5.68 8.15 11.99
CA SER A 34 5.03 7.90 13.27
C SER A 34 3.56 7.55 13.07
N HIS A 35 2.84 8.42 12.37
CA HIS A 35 1.42 8.21 12.11
C HIS A 35 1.21 6.95 11.27
N ALA A 36 1.99 6.81 10.22
CA ALA A 36 1.89 5.66 9.33
C ALA A 36 1.66 4.37 10.13
N LYS A 37 2.37 4.25 11.24
CA LYS A 37 2.25 3.07 12.10
C LYS A 37 0.81 2.57 12.12
N ASP A 38 -0.10 3.43 12.56
CA ASP A 38 -1.51 3.07 12.64
C ASP A 38 -2.13 2.99 11.25
N LYS A 39 -1.93 4.04 10.45
CA LYS A 39 -2.47 4.10 9.10
C LYS A 39 -2.46 2.72 8.46
N LEU A 40 -1.38 1.97 8.69
CA LEU A 40 -1.25 0.63 8.14
C LEU A 40 -1.45 -0.43 9.22
N VAL A 41 -2.52 -1.21 9.08
CA VAL A 41 -2.83 -2.26 10.05
C VAL A 41 -2.75 -3.64 9.39
N TYR A 42 -2.21 -4.61 10.13
CA TYR A 42 -2.07 -5.97 9.62
C TYR A 42 -2.94 -6.94 10.43
N VAL A 43 -3.84 -7.62 9.74
CA VAL A 43 -4.73 -8.58 10.39
C VAL A 43 -4.42 -10.01 9.94
N HIS A 44 -3.85 -10.79 10.83
CA HIS A 44 -3.50 -12.18 10.53
C HIS A 44 -4.73 -13.08 10.64
N THR A 45 -4.69 -14.21 9.94
CA THR A 45 -5.81 -15.15 9.96
C THR A 45 -5.31 -16.57 10.19
N ASN A 46 -6.19 -17.42 10.70
CA ASN A 46 -5.85 -18.82 10.98
C ASN A 46 -6.98 -19.76 10.55
N GLY A 47 -6.62 -20.99 10.21
CA GLY A 47 -7.60 -21.97 9.79
C GLY A 47 -7.12 -22.81 8.63
N PRO A 48 -6.94 -22.19 7.47
CA PRO A 48 -6.47 -22.88 6.26
C PRO A 48 -5.01 -23.32 6.36
N LYS A 49 -4.49 -23.89 5.29
CA LYS A 49 -3.11 -24.35 5.26
C LYS A 49 -2.14 -23.17 5.20
N LYS A 50 -2.39 -22.27 4.26
CA LYS A 50 -1.54 -21.08 4.10
C LYS A 50 -2.02 -19.94 4.99
N LYS A 51 -1.09 -19.07 5.38
CA LYS A 51 -1.42 -17.94 6.22
C LYS A 51 -1.67 -16.69 5.38
N LYS A 52 -2.71 -15.95 5.74
CA LYS A 52 -3.05 -14.73 5.02
C LYS A 52 -3.04 -13.52 5.95
N VAL A 53 -2.83 -12.34 5.39
CA VAL A 53 -2.79 -11.10 6.18
C VAL A 53 -3.50 -9.97 5.44
N THR A 54 -4.55 -9.43 6.07
CA THR A 54 -5.30 -8.34 5.47
C THR A 54 -4.78 -6.98 5.94
N LEU A 55 -4.08 -6.28 5.06
CA LEU A 55 -3.52 -4.98 5.37
C LEU A 55 -4.58 -3.89 5.26
N HIS A 56 -5.07 -3.41 6.40
CA HIS A 56 -6.09 -2.37 6.42
C HIS A 56 -5.45 -0.99 6.33
N ILE A 57 -5.52 -0.38 5.15
CA ILE A 57 -4.96 0.94 4.93
C ILE A 57 -6.02 2.02 5.05
N LYS A 58 -5.62 3.18 5.57
CA LYS A 58 -6.55 4.30 5.73
C LYS A 58 -6.16 5.45 4.81
N TRP A 59 -4.86 5.73 4.73
CA TRP A 59 -4.36 6.81 3.88
C TRP A 59 -3.82 6.27 2.57
N PRO A 60 -4.12 6.97 1.46
CA PRO A 60 -4.94 8.18 1.50
C PRO A 60 -6.40 7.90 1.84
N LYS A 61 -6.94 6.83 1.28
CA LYS A 61 -8.31 6.44 1.52
C LYS A 61 -8.39 5.12 2.28
N SER A 62 -9.59 4.77 2.73
CA SER A 62 -9.79 3.53 3.47
C SER A 62 -9.83 2.33 2.53
N VAL A 63 -8.74 1.57 2.49
CA VAL A 63 -8.65 0.39 1.63
C VAL A 63 -8.06 -0.80 2.38
N GLU A 64 -8.14 -1.98 1.77
CA GLU A 64 -7.61 -3.19 2.38
C GLU A 64 -7.11 -4.15 1.32
N VAL A 65 -6.04 -4.88 1.65
CA VAL A 65 -5.45 -5.85 0.73
C VAL A 65 -5.06 -7.13 1.45
N GLU A 66 -5.02 -8.23 0.70
CA GLU A 66 -4.66 -9.52 1.27
C GLU A 66 -3.21 -9.88 0.95
N GLY A 67 -2.55 -10.56 1.88
CA GLY A 67 -1.17 -10.94 1.68
C GLY A 67 -0.91 -12.38 2.05
N TYR A 68 -0.52 -13.19 1.07
CA TYR A 68 -0.25 -14.60 1.29
C TYR A 68 1.25 -14.84 1.51
N GLY A 69 1.58 -16.01 2.04
CA GLY A 69 2.97 -16.34 2.29
C GLY A 69 3.13 -17.55 3.19
N SER A 70 4.11 -18.40 2.87
CA SER A 70 4.36 -19.60 3.64
C SER A 70 4.53 -19.26 5.13
N LYS A 71 5.23 -18.16 5.40
CA LYS A 71 5.46 -17.74 6.78
C LYS A 71 4.77 -16.41 7.05
N LYS A 72 4.93 -15.90 8.27
CA LYS A 72 4.33 -14.63 8.67
C LYS A 72 4.94 -13.47 7.89
N ILE A 73 6.26 -13.33 8.00
CA ILE A 73 6.96 -12.26 7.30
C ILE A 73 6.66 -12.28 5.80
N ASP A 74 6.29 -13.45 5.30
CA ASP A 74 5.97 -13.60 3.89
C ASP A 74 4.53 -13.17 3.61
N ALA A 75 3.62 -13.54 4.51
CA ALA A 75 2.21 -13.19 4.37
C ALA A 75 2.01 -11.69 4.46
N GLU A 76 2.75 -11.05 5.35
CA GLU A 76 2.65 -9.60 5.54
C GLU A 76 3.21 -8.86 4.33
N ARG A 77 4.41 -9.24 3.91
CA ARG A 77 5.06 -8.60 2.77
C ARG A 77 4.08 -8.48 1.60
N GLN A 78 3.44 -9.59 1.25
CA GLN A 78 2.49 -9.60 0.14
C GLN A 78 1.40 -8.56 0.35
N ALA A 79 0.79 -8.58 1.52
CA ALA A 79 -0.28 -7.63 1.85
C ALA A 79 0.11 -6.21 1.42
N ALA A 80 1.26 -5.76 1.90
CA ALA A 80 1.74 -4.42 1.57
C ALA A 80 1.86 -4.22 0.07
N ALA A 81 2.51 -5.17 -0.59
CA ALA A 81 2.70 -5.11 -2.04
C ALA A 81 1.35 -4.91 -2.75
N ALA A 82 0.36 -5.67 -2.34
CA ALA A 82 -0.97 -5.59 -2.93
C ALA A 82 -1.48 -4.14 -2.92
N ALA A 83 -0.98 -3.35 -1.97
CA ALA A 83 -1.39 -1.96 -1.86
C ALA A 83 -0.48 -1.06 -2.68
N CYS A 84 0.80 -1.40 -2.73
CA CYS A 84 1.77 -0.61 -3.49
C CYS A 84 1.25 -0.30 -4.89
N GLN A 85 0.50 -1.24 -5.46
CA GLN A 85 -0.05 -1.07 -6.80
C GLN A 85 -1.17 -0.04 -6.78
N LEU A 86 -1.89 0.03 -5.67
CA LEU A 86 -3.00 0.97 -5.53
C LEU A 86 -2.48 2.40 -5.41
N PHE A 87 -1.39 2.57 -4.65
CA PHE A 87 -0.80 3.89 -4.45
C PHE A 87 -0.23 4.43 -5.77
N LYS A 88 0.55 3.61 -6.46
CA LYS A 88 1.16 4.02 -7.72
C LYS A 88 0.08 4.29 -8.76
N GLY A 89 -0.94 3.44 -8.80
CA GLY A 89 -2.01 3.62 -9.76
C GLY A 89 -2.78 4.91 -9.54
N TRP A 90 -2.94 5.28 -8.27
CA TRP A 90 -3.67 6.50 -7.92
C TRP A 90 -2.88 7.74 -8.32
N GLY A 91 -1.56 7.58 -8.42
CA GLY A 91 -0.71 8.70 -8.80
C GLY A 91 0.10 9.22 -7.62
N LEU A 92 0.41 8.35 -6.68
CA LEU A 92 1.18 8.73 -5.50
C LEU A 92 2.67 8.45 -5.71
N LEU A 93 2.97 7.34 -6.39
CA LEU A 93 4.35 6.96 -6.65
C LEU A 93 4.70 7.16 -8.12
N GLY A 94 4.05 6.38 -8.99
CA GLY A 94 4.29 6.48 -10.41
C GLY A 94 4.70 5.15 -11.02
N PRO A 95 5.29 5.21 -12.23
CA PRO A 95 5.74 4.02 -12.94
C PRO A 95 6.94 3.35 -12.28
N ARG A 96 7.90 4.17 -11.85
CA ARG A 96 9.10 3.66 -11.20
C ARG A 96 8.97 3.75 -9.68
N ASN A 97 7.74 3.65 -9.19
CA ASN A 97 7.48 3.72 -7.76
C ASN A 97 8.33 4.80 -7.10
N GLU A 98 8.34 5.98 -7.71
CA GLU A 98 9.12 7.10 -7.18
C GLU A 98 8.26 7.99 -6.29
N LEU A 99 8.80 8.35 -5.13
CA LEU A 99 8.08 9.19 -4.19
C LEU A 99 7.98 10.63 -4.69
N PHE A 100 7.16 11.43 -4.03
CA PHE A 100 6.98 12.83 -4.43
C PHE A 100 7.32 13.76 -3.27
N ASP A 101 7.11 15.05 -3.48
CA ASP A 101 7.39 16.06 -2.46
C ASP A 101 6.29 16.09 -1.41
N ALA A 102 6.68 16.04 -0.14
CA ALA A 102 5.71 16.07 0.96
C ALA A 102 4.54 16.99 0.64
N ALA A 103 4.85 18.19 0.19
CA ALA A 103 3.82 19.17 -0.15
C ALA A 103 2.80 18.57 -1.11
N LYS A 104 3.28 18.04 -2.24
CA LYS A 104 2.42 17.44 -3.24
C LYS A 104 1.53 16.35 -2.62
N TYR A 105 2.12 15.57 -1.72
CA TYR A 105 1.39 14.50 -1.06
C TYR A 105 0.19 15.04 -0.29
N ARG A 106 0.43 16.09 0.50
CA ARG A 106 -0.63 16.70 1.28
C ARG A 106 -1.85 17.00 0.41
N VAL A 107 -1.59 17.50 -0.80
CA VAL A 107 -2.66 17.84 -1.73
C VAL A 107 -3.25 16.58 -2.36
N LEU A 108 -2.38 15.65 -2.76
CA LEU A 108 -2.82 14.41 -3.37
C LEU A 108 -3.83 13.68 -2.49
N ALA A 109 -3.50 13.57 -1.21
CA ALA A 109 -4.37 12.91 -0.26
C ALA A 109 -5.74 13.58 -0.19
N ASP A 110 -5.74 14.91 -0.21
CA ASP A 110 -6.97 15.68 -0.15
C ASP A 110 -7.98 15.17 -1.17
N ARG A 111 -7.56 15.06 -2.42
CA ARG A 111 -8.43 14.58 -3.49
C ARG A 111 -9.25 13.38 -3.01
N PHE A 112 -8.68 12.60 -2.09
CA PHE A 112 -9.35 11.43 -1.57
C PHE A 112 -10.36 11.82 -0.49
N GLY A 113 -10.02 12.84 0.29
CA GLY A 113 -10.91 13.30 1.35
C GLY A 113 -11.75 14.48 0.92
N SER A 114 -12.55 14.30 -0.11
CA SER A 114 -13.41 15.37 -0.62
C SER A 114 -14.86 15.14 -0.23
N GLY A 115 -15.70 16.14 -0.47
CA GLY A 115 -17.11 16.02 -0.13
C GLY A 115 -17.74 14.76 -0.69
N PRO A 116 -18.70 14.20 0.06
CA PRO A 116 -19.40 12.98 -0.34
C PRO A 116 -20.32 13.20 -1.53
N SER A 117 -20.52 12.14 -2.32
CA SER A 117 -21.38 12.23 -3.50
C SER A 117 -22.66 11.42 -3.30
N SER A 118 -22.61 10.46 -2.40
CA SER A 118 -23.76 9.61 -2.11
C SER A 118 -24.57 9.35 -3.37
N GLY A 119 -23.88 8.95 -4.44
CA GLY A 119 -24.55 8.67 -5.70
C GLY A 119 -25.00 7.23 -5.82
N GLY A 1 2.47 10.85 -25.57
CA GLY A 1 1.74 11.24 -24.38
C GLY A 1 1.78 10.18 -23.29
N SER A 2 0.88 9.21 -23.36
CA SER A 2 0.82 8.13 -22.38
C SER A 2 1.31 6.82 -22.99
N SER A 3 2.49 6.38 -22.56
CA SER A 3 3.08 5.14 -23.05
C SER A 3 3.93 4.47 -21.97
N GLY A 4 4.08 3.15 -22.08
CA GLY A 4 4.86 2.42 -21.11
C GLY A 4 4.67 0.92 -21.24
N SER A 5 3.70 0.38 -20.52
CA SER A 5 3.41 -1.05 -20.54
C SER A 5 2.12 -1.37 -19.79
N SER A 6 1.52 -2.50 -20.12
CA SER A 6 0.28 -2.92 -19.48
C SER A 6 0.53 -3.32 -18.03
N GLY A 7 -0.55 -3.52 -17.28
CA GLY A 7 -0.43 -3.90 -15.89
C GLY A 7 -0.80 -5.35 -15.65
N ALA A 8 -0.04 -6.02 -14.80
CA ALA A 8 -0.27 -7.43 -14.49
C ALA A 8 -0.52 -7.63 -13.00
N SER A 9 -1.63 -8.27 -12.67
CA SER A 9 -1.98 -8.52 -11.27
C SER A 9 -1.39 -9.85 -10.80
N ARG A 10 -0.16 -10.13 -11.22
CA ARG A 10 0.51 -11.36 -10.83
C ARG A 10 1.93 -11.08 -10.35
N ASP A 11 2.31 -11.74 -9.25
CA ASP A 11 3.65 -11.56 -8.69
C ASP A 11 4.00 -10.08 -8.59
N LEU A 12 3.08 -9.28 -8.07
CA LEU A 12 3.29 -7.84 -7.93
C LEU A 12 4.70 -7.55 -7.41
N LEU A 13 5.25 -8.49 -6.64
CA LEU A 13 6.59 -8.34 -6.09
C LEU A 13 7.59 -7.98 -7.18
N LYS A 14 7.47 -8.63 -8.33
CA LYS A 14 8.37 -8.38 -9.46
C LYS A 14 8.64 -6.89 -9.61
N GLU A 15 7.59 -6.08 -9.49
CA GLU A 15 7.73 -4.64 -9.61
C GLU A 15 8.12 -4.01 -8.28
N PHE A 16 7.56 -4.55 -7.19
CA PHE A 16 7.85 -4.03 -5.85
C PHE A 16 8.67 -5.04 -5.06
N PRO A 17 10.00 -4.80 -5.01
CA PRO A 17 10.93 -5.67 -4.29
C PRO A 17 10.75 -5.58 -2.77
N GLN A 18 10.64 -4.36 -2.27
CA GLN A 18 10.47 -4.13 -0.84
C GLN A 18 9.20 -3.33 -0.56
N PRO A 19 8.04 -3.99 -0.69
CA PRO A 19 6.75 -3.35 -0.45
C PRO A 19 6.51 -3.04 1.01
N LYS A 20 7.03 -3.88 1.89
CA LYS A 20 6.89 -3.69 3.34
C LYS A 20 7.44 -2.34 3.76
N ASN A 21 8.55 -1.94 3.15
CA ASN A 21 9.19 -0.66 3.46
C ASN A 21 8.67 0.45 2.55
N LEU A 22 8.72 0.19 1.24
CA LEU A 22 8.26 1.17 0.26
C LEU A 22 6.93 1.79 0.69
N LEU A 23 5.96 0.93 1.00
CA LEU A 23 4.64 1.40 1.43
C LEU A 23 4.76 2.40 2.56
N ASN A 24 5.23 1.93 3.72
CA ASN A 24 5.39 2.79 4.89
C ASN A 24 6.02 4.12 4.49
N SER A 25 7.15 4.06 3.80
CA SER A 25 7.85 5.26 3.36
C SER A 25 6.88 6.27 2.75
N VAL A 26 5.86 5.75 2.06
CA VAL A 26 4.87 6.60 1.43
C VAL A 26 4.13 7.45 2.46
N ILE A 27 3.27 6.80 3.25
CA ILE A 27 2.50 7.48 4.27
C ILE A 27 3.42 8.26 5.22
N GLY A 28 4.60 7.69 5.47
CA GLY A 28 5.56 8.34 6.36
C GLY A 28 5.94 9.72 5.89
N ARG A 29 6.08 9.88 4.58
CA ARG A 29 6.45 11.17 4.00
C ARG A 29 5.26 12.12 3.96
N ALA A 30 4.10 11.60 3.61
CA ALA A 30 2.88 12.40 3.55
C ALA A 30 2.47 12.89 4.92
N LEU A 31 2.32 11.97 5.86
CA LEU A 31 1.94 12.30 7.23
C LEU A 31 3.14 12.22 8.17
N GLY A 32 3.59 11.00 8.41
CA GLY A 32 4.73 10.80 9.30
C GLY A 32 4.91 9.35 9.70
N ILE A 33 6.11 8.82 9.50
CA ILE A 33 6.41 7.44 9.83
C ILE A 33 5.79 7.05 11.17
N SER A 34 5.70 8.03 12.08
CA SER A 34 5.13 7.79 13.40
C SER A 34 3.64 7.48 13.29
N HIS A 35 2.91 8.36 12.62
CA HIS A 35 1.47 8.18 12.45
C HIS A 35 1.17 6.95 11.59
N ALA A 36 1.70 6.94 10.37
CA ALA A 36 1.50 5.82 9.45
C ALA A 36 1.44 4.49 10.21
N LYS A 37 2.32 4.34 11.19
CA LYS A 37 2.37 3.12 11.99
C LYS A 37 0.97 2.57 12.22
N ASP A 38 0.06 3.44 12.64
CA ASP A 38 -1.32 3.05 12.91
C ASP A 38 -2.10 2.90 11.60
N LYS A 39 -1.99 3.89 10.73
CA LYS A 39 -2.68 3.86 9.45
C LYS A 39 -2.58 2.48 8.81
N LEU A 40 -1.37 1.93 8.76
CA LEU A 40 -1.15 0.62 8.17
C LEU A 40 -1.28 -0.47 9.22
N VAL A 41 -2.38 -1.24 9.14
CA VAL A 41 -2.62 -2.32 10.08
C VAL A 41 -2.55 -3.67 9.38
N TYR A 42 -2.01 -4.66 10.09
CA TYR A 42 -1.89 -6.01 9.54
C TYR A 42 -2.67 -7.02 10.37
N VAL A 43 -3.73 -7.57 9.79
CA VAL A 43 -4.57 -8.54 10.46
C VAL A 43 -4.21 -9.96 10.05
N HIS A 44 -3.67 -10.73 10.99
CA HIS A 44 -3.28 -12.12 10.72
C HIS A 44 -4.39 -13.08 11.12
N THR A 45 -4.62 -14.08 10.29
CA THR A 45 -5.66 -15.07 10.55
C THR A 45 -5.05 -16.43 10.90
N ASN A 46 -5.85 -17.28 11.54
CA ASN A 46 -5.40 -18.61 11.93
C ASN A 46 -6.50 -19.63 11.77
N GLY A 47 -6.25 -20.65 10.96
CA GLY A 47 -7.24 -21.69 10.73
C GLY A 47 -6.90 -22.56 9.54
N PRO A 48 -6.90 -21.97 8.34
CA PRO A 48 -6.60 -22.68 7.10
C PRO A 48 -5.13 -23.08 7.01
N LYS A 49 -4.83 -23.94 6.04
CA LYS A 49 -3.46 -24.41 5.85
C LYS A 49 -2.49 -23.24 5.73
N LYS A 50 -2.69 -22.40 4.71
CA LYS A 50 -1.84 -21.24 4.50
C LYS A 50 -2.32 -20.05 5.32
N LYS A 51 -1.38 -19.21 5.74
CA LYS A 51 -1.71 -18.04 6.54
C LYS A 51 -1.99 -16.83 5.64
N LYS A 52 -2.88 -15.95 6.09
CA LYS A 52 -3.23 -14.76 5.34
C LYS A 52 -3.11 -13.51 6.21
N VAL A 53 -2.81 -12.38 5.57
CA VAL A 53 -2.66 -11.12 6.28
C VAL A 53 -3.39 -9.99 5.55
N THR A 54 -4.41 -9.44 6.20
CA THR A 54 -5.20 -8.37 5.62
C THR A 54 -4.65 -7.00 6.04
N LEU A 55 -4.00 -6.32 5.11
CA LEU A 55 -3.42 -5.01 5.39
C LEU A 55 -4.49 -3.91 5.29
N HIS A 56 -4.89 -3.38 6.43
CA HIS A 56 -5.90 -2.32 6.47
C HIS A 56 -5.25 -0.95 6.35
N ILE A 57 -5.41 -0.32 5.19
CA ILE A 57 -4.84 1.00 4.95
C ILE A 57 -5.91 2.08 5.08
N LYS A 58 -5.50 3.25 5.57
CA LYS A 58 -6.41 4.37 5.75
C LYS A 58 -6.05 5.51 4.80
N TRP A 59 -4.77 5.80 4.69
CA TRP A 59 -4.29 6.87 3.81
C TRP A 59 -3.76 6.31 2.50
N PRO A 60 -4.09 6.98 1.39
CA PRO A 60 -4.92 8.19 1.42
C PRO A 60 -6.36 7.89 1.78
N LYS A 61 -6.90 6.81 1.23
CA LYS A 61 -8.27 6.41 1.51
C LYS A 61 -8.32 5.11 2.30
N SER A 62 -9.51 4.77 2.80
CA SER A 62 -9.68 3.56 3.58
C SER A 62 -9.79 2.33 2.67
N VAL A 63 -8.72 1.56 2.59
CA VAL A 63 -8.69 0.37 1.76
C VAL A 63 -8.04 -0.80 2.50
N GLU A 64 -8.15 -2.00 1.91
CA GLU A 64 -7.58 -3.19 2.51
C GLU A 64 -7.13 -4.18 1.44
N VAL A 65 -6.10 -4.96 1.76
CA VAL A 65 -5.57 -5.95 0.82
C VAL A 65 -5.22 -7.25 1.54
N GLU A 66 -5.30 -8.36 0.81
CA GLU A 66 -4.99 -9.67 1.37
C GLU A 66 -3.58 -10.10 0.98
N GLY A 67 -2.90 -10.80 1.90
CA GLY A 67 -1.55 -11.27 1.62
C GLY A 67 -1.37 -12.73 1.97
N TYR A 68 -1.02 -13.54 0.98
CA TYR A 68 -0.81 -14.96 1.19
C TYR A 68 0.67 -15.28 1.36
N GLY A 69 0.96 -16.36 2.08
CA GLY A 69 2.34 -16.75 2.31
C GLY A 69 2.46 -17.85 3.34
N SER A 70 3.58 -18.57 3.30
CA SER A 70 3.82 -19.66 4.24
C SER A 70 4.03 -19.13 5.66
N LYS A 71 4.87 -18.11 5.77
CA LYS A 71 5.18 -17.50 7.06
C LYS A 71 4.59 -16.11 7.16
N LYS A 72 4.61 -15.53 8.36
CA LYS A 72 4.07 -14.19 8.58
C LYS A 72 4.76 -13.18 7.66
N ILE A 73 6.07 -13.31 7.51
CA ILE A 73 6.84 -12.41 6.66
C ILE A 73 6.49 -12.62 5.20
N ASP A 74 6.13 -13.84 4.84
CA ASP A 74 5.77 -14.18 3.47
C ASP A 74 4.43 -13.56 3.09
N ALA A 75 3.45 -13.72 3.97
CA ALA A 75 2.11 -13.18 3.72
C ALA A 75 2.09 -11.67 3.92
N GLU A 76 2.78 -11.21 4.95
CA GLU A 76 2.84 -9.78 5.26
C GLU A 76 3.37 -9.00 4.07
N ARG A 77 4.45 -9.49 3.46
CA ARG A 77 5.05 -8.83 2.32
C ARG A 77 4.05 -8.68 1.18
N GLN A 78 3.39 -9.78 0.81
CA GLN A 78 2.41 -9.77 -0.26
C GLN A 78 1.37 -8.68 -0.02
N ALA A 79 0.74 -8.70 1.15
CA ALA A 79 -0.27 -7.72 1.50
C ALA A 79 0.17 -6.31 1.12
N ALA A 80 1.34 -5.90 1.62
CA ALA A 80 1.87 -4.58 1.33
C ALA A 80 1.98 -4.36 -0.17
N ALA A 81 2.66 -5.27 -0.86
CA ALA A 81 2.83 -5.17 -2.30
C ALA A 81 1.49 -4.99 -3.01
N ALA A 82 0.50 -5.76 -2.59
CA ALA A 82 -0.83 -5.68 -3.17
C ALA A 82 -1.39 -4.26 -3.10
N ALA A 83 -0.86 -3.47 -2.16
CA ALA A 83 -1.30 -2.10 -1.99
C ALA A 83 -0.44 -1.14 -2.79
N CYS A 84 0.86 -1.41 -2.83
CA CYS A 84 1.81 -0.57 -3.57
C CYS A 84 1.25 -0.22 -4.95
N GLN A 85 0.66 -1.21 -5.60
CA GLN A 85 0.10 -1.01 -6.94
C GLN A 85 -0.99 0.05 -6.91
N LEU A 86 -1.77 0.07 -5.83
CA LEU A 86 -2.84 1.05 -5.69
C LEU A 86 -2.29 2.46 -5.57
N PHE A 87 -1.23 2.61 -4.78
CA PHE A 87 -0.61 3.92 -4.59
C PHE A 87 0.02 4.42 -5.88
N LYS A 88 0.55 3.49 -6.67
CA LYS A 88 1.17 3.84 -7.94
C LYS A 88 0.14 4.33 -8.95
N GLY A 89 -0.95 3.58 -9.08
CA GLY A 89 -2.01 3.95 -10.01
C GLY A 89 -2.62 5.29 -9.67
N TRP A 90 -2.92 5.51 -8.39
CA TRP A 90 -3.51 6.76 -7.94
C TRP A 90 -2.61 7.95 -8.29
N GLY A 91 -1.32 7.68 -8.43
CA GLY A 91 -0.37 8.74 -8.75
C GLY A 91 0.35 9.27 -7.53
N LEU A 92 0.59 8.40 -6.56
CA LEU A 92 1.27 8.79 -5.33
C LEU A 92 2.76 8.46 -5.41
N LEU A 93 3.12 7.61 -6.36
CA LEU A 93 4.52 7.22 -6.54
C LEU A 93 5.01 7.62 -7.93
N GLY A 94 4.47 6.97 -8.96
CA GLY A 94 4.86 7.27 -10.31
C GLY A 94 5.28 6.03 -11.09
N PRO A 95 5.98 6.24 -12.21
CA PRO A 95 6.45 5.14 -13.05
C PRO A 95 7.55 4.31 -12.39
N ARG A 96 8.57 5.00 -11.88
CA ARG A 96 9.67 4.33 -11.21
C ARG A 96 9.48 4.33 -9.70
N ASN A 97 8.23 4.20 -9.27
CA ASN A 97 7.91 4.19 -7.85
C ASN A 97 8.77 5.19 -7.08
N GLU A 98 8.74 6.45 -7.53
CA GLU A 98 9.51 7.51 -6.89
C GLU A 98 8.61 8.39 -6.03
N LEU A 99 8.91 8.46 -4.74
CA LEU A 99 8.13 9.27 -3.82
C LEU A 99 8.10 10.73 -4.26
N PHE A 100 7.03 11.43 -3.91
CA PHE A 100 6.88 12.83 -4.27
C PHE A 100 7.15 13.74 -3.07
N ASP A 101 7.01 15.04 -3.27
CA ASP A 101 7.25 16.01 -2.20
C ASP A 101 6.12 15.99 -1.19
N ALA A 102 6.40 16.48 0.01
CA ALA A 102 5.40 16.51 1.08
C ALA A 102 4.18 17.35 0.66
N ALA A 103 4.45 18.55 0.15
CA ALA A 103 3.37 19.44 -0.27
C ALA A 103 2.42 18.73 -1.23
N LYS A 104 2.98 18.15 -2.30
CA LYS A 104 2.18 17.44 -3.29
C LYS A 104 1.33 16.36 -2.62
N TYR A 105 1.93 15.61 -1.72
CA TYR A 105 1.23 14.54 -1.02
C TYR A 105 -0.01 15.08 -0.30
N ARG A 106 0.17 16.18 0.42
CA ARG A 106 -0.93 16.80 1.15
C ARG A 106 -2.13 17.02 0.24
N VAL A 107 -1.87 17.28 -1.04
CA VAL A 107 -2.92 17.51 -2.01
C VAL A 107 -3.41 16.20 -2.61
N LEU A 108 -2.47 15.29 -2.86
CA LEU A 108 -2.80 13.99 -3.44
C LEU A 108 -3.79 13.23 -2.56
N ALA A 109 -3.75 13.51 -1.26
CA ALA A 109 -4.64 12.86 -0.31
C ALA A 109 -5.97 13.61 -0.21
N ASP A 110 -5.91 14.92 -0.39
CA ASP A 110 -7.12 15.75 -0.32
C ASP A 110 -8.14 15.31 -1.36
N ARG A 111 -7.71 15.22 -2.62
CA ARG A 111 -8.59 14.81 -3.71
C ARG A 111 -9.49 13.65 -3.27
N PHE A 112 -8.96 12.81 -2.39
CA PHE A 112 -9.72 11.67 -1.90
C PHE A 112 -10.71 12.08 -0.83
N GLY A 113 -10.32 13.05 0.00
CA GLY A 113 -11.19 13.52 1.05
C GLY A 113 -12.56 13.91 0.54
N SER A 114 -13.49 12.96 0.53
CA SER A 114 -14.84 13.20 0.06
C SER A 114 -15.64 13.97 1.10
N GLY A 115 -15.45 15.28 1.13
CA GLY A 115 -16.17 16.12 2.09
C GLY A 115 -15.57 17.50 2.21
N PRO A 116 -16.20 18.35 3.03
CA PRO A 116 -15.75 19.73 3.25
C PRO A 116 -14.46 19.78 4.06
N SER A 117 -13.70 20.86 3.90
CA SER A 117 -12.45 21.03 4.61
C SER A 117 -12.31 22.45 5.16
N SER A 118 -11.87 22.57 6.41
CA SER A 118 -11.70 23.86 7.04
C SER A 118 -10.25 24.09 7.45
N GLY A 119 -9.66 25.17 6.92
CA GLY A 119 -8.27 25.47 7.24
C GLY A 119 -8.15 26.53 8.31
N GLY A 1 -11.80 -5.22 -31.92
CA GLY A 1 -11.46 -4.13 -31.03
C GLY A 1 -11.22 -4.60 -29.61
N SER A 2 -11.31 -3.67 -28.66
CA SER A 2 -11.11 -4.00 -27.26
C SER A 2 -9.71 -4.58 -27.03
N SER A 3 -8.71 -3.99 -27.69
CA SER A 3 -7.34 -4.45 -27.57
C SER A 3 -6.71 -3.95 -26.28
N GLY A 4 -6.74 -4.77 -25.24
CA GLY A 4 -6.17 -4.39 -23.96
C GLY A 4 -5.59 -5.57 -23.20
N SER A 5 -4.49 -5.34 -22.51
CA SER A 5 -3.83 -6.40 -21.74
C SER A 5 -3.74 -6.03 -20.27
N SER A 6 -4.78 -6.34 -19.52
CA SER A 6 -4.82 -6.04 -18.09
C SER A 6 -4.16 -7.14 -17.28
N GLY A 7 -3.25 -6.76 -16.38
CA GLY A 7 -2.57 -7.74 -15.55
C GLY A 7 -1.42 -8.40 -16.28
N ALA A 8 -0.56 -7.59 -16.91
CA ALA A 8 0.58 -8.11 -17.64
C ALA A 8 1.52 -8.89 -16.72
N SER A 9 1.91 -8.25 -15.62
CA SER A 9 2.81 -8.88 -14.65
C SER A 9 2.05 -9.86 -13.76
N ARG A 10 2.41 -11.14 -13.87
CA ARG A 10 1.76 -12.17 -13.08
C ARG A 10 1.84 -11.84 -11.59
N ASP A 11 3.05 -11.60 -11.11
CA ASP A 11 3.26 -11.27 -9.70
C ASP A 11 3.50 -9.78 -9.52
N LEU A 12 3.00 -9.23 -8.42
CA LEU A 12 3.15 -7.81 -8.13
C LEU A 12 4.54 -7.53 -7.55
N LEU A 13 4.95 -8.34 -6.59
CA LEU A 13 6.25 -8.18 -5.95
C LEU A 13 7.33 -7.89 -6.99
N LYS A 14 7.24 -8.54 -8.14
CA LYS A 14 8.20 -8.35 -9.21
C LYS A 14 8.58 -6.88 -9.34
N GLU A 15 7.58 -6.00 -9.24
CA GLU A 15 7.80 -4.57 -9.36
C GLU A 15 8.17 -3.97 -8.00
N PHE A 16 7.53 -4.47 -6.95
CA PHE A 16 7.79 -3.98 -5.60
C PHE A 16 8.62 -4.99 -4.81
N PRO A 17 9.95 -4.78 -4.80
CA PRO A 17 10.88 -5.66 -4.09
C PRO A 17 10.76 -5.52 -2.58
N GLN A 18 10.66 -4.29 -2.09
CA GLN A 18 10.54 -4.03 -0.67
C GLN A 18 9.26 -3.23 -0.37
N PRO A 19 8.11 -3.92 -0.39
CA PRO A 19 6.82 -3.29 -0.12
C PRO A 19 6.66 -2.88 1.34
N LYS A 20 7.40 -3.56 2.22
CA LYS A 20 7.35 -3.26 3.64
C LYS A 20 7.87 -1.86 3.93
N ASN A 21 8.98 -1.51 3.30
CA ASN A 21 9.59 -0.19 3.50
C ASN A 21 8.98 0.83 2.53
N LEU A 22 8.62 0.37 1.34
CA LEU A 22 8.03 1.24 0.33
C LEU A 22 6.72 1.84 0.83
N LEU A 23 5.70 1.00 0.98
CA LEU A 23 4.40 1.45 1.45
C LEU A 23 4.54 2.35 2.67
N ASN A 24 5.16 1.83 3.72
CA ASN A 24 5.37 2.59 4.95
C ASN A 24 6.09 3.90 4.66
N SER A 25 7.10 3.83 3.80
CA SER A 25 7.87 5.02 3.44
C SER A 25 6.97 6.11 2.86
N VAL A 26 6.08 5.71 1.96
CA VAL A 26 5.16 6.65 1.33
C VAL A 26 4.44 7.50 2.38
N ILE A 27 3.53 6.86 3.11
CA ILE A 27 2.78 7.56 4.14
C ILE A 27 3.71 8.28 5.12
N GLY A 28 4.85 7.66 5.41
CA GLY A 28 5.81 8.25 6.33
C GLY A 28 6.28 9.60 5.87
N ARG A 29 6.26 9.83 4.56
CA ARG A 29 6.69 11.10 4.00
C ARG A 29 5.52 12.07 3.88
N ALA A 30 4.39 11.57 3.40
CA ALA A 30 3.20 12.39 3.24
C ALA A 30 2.67 12.88 4.59
N LEU A 31 2.51 11.94 5.53
CA LEU A 31 2.01 12.27 6.86
C LEU A 31 3.14 12.22 7.88
N GLY A 32 3.68 11.02 8.11
CA GLY A 32 4.77 10.86 9.06
C GLY A 32 4.87 9.43 9.57
N ILE A 33 6.06 8.85 9.42
CA ILE A 33 6.29 7.48 9.87
C ILE A 33 5.49 7.17 11.13
N SER A 34 5.32 8.18 11.98
CA SER A 34 4.57 8.02 13.22
C SER A 34 3.12 7.64 12.93
N HIS A 35 2.46 8.46 12.12
CA HIS A 35 1.07 8.23 11.77
C HIS A 35 0.91 6.92 11.02
N ALA A 36 1.60 6.81 9.88
CA ALA A 36 1.54 5.61 9.06
C ALA A 36 1.45 4.35 9.93
N LYS A 37 2.02 4.42 11.12
CA LYS A 37 2.00 3.30 12.05
C LYS A 37 0.60 2.69 12.14
N ASP A 38 -0.39 3.54 12.38
CA ASP A 38 -1.78 3.08 12.48
C ASP A 38 -2.41 2.96 11.10
N LYS A 39 -2.31 4.02 10.31
CA LYS A 39 -2.86 4.04 8.97
C LYS A 39 -2.66 2.70 8.28
N LEU A 40 -1.63 1.97 8.70
CA LEU A 40 -1.33 0.66 8.12
C LEU A 40 -1.39 -0.43 9.19
N VAL A 41 -2.51 -1.15 9.22
CA VAL A 41 -2.68 -2.23 10.18
C VAL A 41 -2.67 -3.59 9.50
N TYR A 42 -2.14 -4.59 10.20
CA TYR A 42 -2.07 -5.94 9.66
C TYR A 42 -2.88 -6.92 10.50
N VAL A 43 -3.87 -7.54 9.89
CA VAL A 43 -4.73 -8.50 10.57
C VAL A 43 -4.35 -9.93 10.21
N HIS A 44 -3.79 -10.65 11.18
CA HIS A 44 -3.39 -12.04 10.95
C HIS A 44 -4.57 -12.99 11.15
N THR A 45 -4.68 -13.98 10.27
CA THR A 45 -5.77 -14.95 10.35
C THR A 45 -5.24 -16.38 10.28
N ASN A 46 -5.73 -17.23 11.16
CA ASN A 46 -5.30 -18.63 11.21
C ASN A 46 -6.41 -19.54 10.72
N GLY A 47 -6.03 -20.71 10.19
CA GLY A 47 -7.00 -21.66 9.69
C GLY A 47 -6.39 -22.69 8.76
N PRO A 48 -6.38 -22.38 7.46
CA PRO A 48 -5.82 -23.27 6.44
C PRO A 48 -4.31 -23.38 6.53
N LYS A 49 -3.71 -24.15 5.63
CA LYS A 49 -2.27 -24.34 5.61
C LYS A 49 -1.55 -23.02 5.35
N LYS A 50 -2.05 -22.27 4.37
CA LYS A 50 -1.45 -20.98 4.04
C LYS A 50 -1.97 -19.88 4.95
N LYS A 51 -1.09 -18.95 5.31
CA LYS A 51 -1.46 -17.84 6.18
C LYS A 51 -2.06 -16.69 5.39
N LYS A 52 -2.94 -15.92 6.03
CA LYS A 52 -3.58 -14.79 5.37
C LYS A 52 -3.50 -13.54 6.25
N VAL A 53 -3.03 -12.44 5.67
CA VAL A 53 -2.90 -11.18 6.40
C VAL A 53 -3.63 -10.06 5.67
N THR A 54 -4.59 -9.44 6.36
CA THR A 54 -5.35 -8.34 5.77
C THR A 54 -4.79 -6.99 6.19
N LEU A 55 -4.10 -6.33 5.27
CA LEU A 55 -3.50 -5.03 5.54
C LEU A 55 -4.54 -3.92 5.42
N HIS A 56 -5.01 -3.43 6.57
CA HIS A 56 -6.02 -2.38 6.59
C HIS A 56 -5.35 -1.00 6.45
N ILE A 57 -5.44 -0.43 5.26
CA ILE A 57 -4.85 0.88 5.00
C ILE A 57 -5.89 1.99 5.14
N LYS A 58 -5.43 3.16 5.57
CA LYS A 58 -6.32 4.31 5.75
C LYS A 58 -5.94 5.44 4.80
N TRP A 59 -4.64 5.66 4.66
CA TRP A 59 -4.14 6.73 3.77
C TRP A 59 -3.68 6.15 2.44
N PRO A 60 -4.02 6.84 1.34
CA PRO A 60 -4.79 8.09 1.41
C PRO A 60 -6.24 7.86 1.83
N LYS A 61 -6.84 6.80 1.29
CA LYS A 61 -8.22 6.47 1.61
C LYS A 61 -8.31 5.16 2.39
N SER A 62 -9.49 4.84 2.89
CA SER A 62 -9.70 3.61 3.66
C SER A 62 -9.78 2.40 2.74
N VAL A 63 -8.68 1.66 2.66
CA VAL A 63 -8.62 0.47 1.81
C VAL A 63 -8.04 -0.72 2.57
N GLU A 64 -8.20 -1.92 2.01
CA GLU A 64 -7.70 -3.12 2.64
C GLU A 64 -7.28 -4.15 1.59
N VAL A 65 -6.20 -4.87 1.87
CA VAL A 65 -5.69 -5.87 0.94
C VAL A 65 -5.33 -7.17 1.68
N GLU A 66 -5.23 -8.25 0.93
CA GLU A 66 -4.89 -9.55 1.51
C GLU A 66 -3.46 -9.95 1.17
N GLY A 67 -2.84 -10.73 2.05
CA GLY A 67 -1.47 -11.17 1.82
C GLY A 67 -1.26 -12.62 2.20
N TYR A 68 -0.88 -13.43 1.22
CA TYR A 68 -0.64 -14.85 1.46
C TYR A 68 0.85 -15.16 1.47
N GLY A 69 1.20 -16.31 2.03
CA GLY A 69 2.59 -16.71 2.11
C GLY A 69 2.82 -17.90 3.00
N SER A 70 4.03 -18.45 2.98
CA SER A 70 4.37 -19.61 3.79
C SER A 70 4.36 -19.25 5.28
N LYS A 71 5.15 -18.23 5.64
CA LYS A 71 5.24 -17.79 7.01
C LYS A 71 4.48 -16.49 7.22
N LYS A 72 4.52 -15.96 8.44
CA LYS A 72 3.83 -14.72 8.77
C LYS A 72 4.40 -13.55 7.96
N ILE A 73 5.73 -13.47 7.92
CA ILE A 73 6.40 -12.41 7.17
C ILE A 73 6.05 -12.47 5.69
N ASP A 74 5.97 -13.68 5.15
CA ASP A 74 5.65 -13.87 3.74
C ASP A 74 4.24 -13.34 3.43
N ALA A 75 3.28 -13.72 4.27
CA ALA A 75 1.90 -13.29 4.09
C ALA A 75 1.79 -11.77 4.14
N GLU A 76 2.47 -11.16 5.10
CA GLU A 76 2.44 -9.71 5.25
C GLU A 76 3.00 -9.02 4.01
N ARG A 77 4.26 -9.28 3.71
CA ARG A 77 4.91 -8.69 2.54
C ARG A 77 3.93 -8.56 1.38
N GLN A 78 3.24 -9.65 1.06
CA GLN A 78 2.28 -9.65 -0.03
C GLN A 78 1.21 -8.59 0.19
N ALA A 79 0.66 -8.55 1.40
CA ALA A 79 -0.38 -7.59 1.74
C ALA A 79 0.05 -6.18 1.38
N ALA A 80 1.25 -5.79 1.81
CA ALA A 80 1.77 -4.46 1.53
C ALA A 80 1.96 -4.26 0.03
N ALA A 81 2.52 -5.27 -0.63
CA ALA A 81 2.76 -5.21 -2.07
C ALA A 81 1.45 -5.06 -2.84
N ALA A 82 0.41 -5.73 -2.37
CA ALA A 82 -0.90 -5.66 -3.01
C ALA A 82 -1.44 -4.23 -3.00
N ALA A 83 -0.99 -3.44 -2.03
CA ALA A 83 -1.44 -2.06 -1.91
C ALA A 83 -0.53 -1.12 -2.70
N CYS A 84 0.76 -1.42 -2.70
CA CYS A 84 1.73 -0.60 -3.42
C CYS A 84 1.22 -0.25 -4.81
N GLN A 85 0.57 -1.21 -5.46
CA GLN A 85 0.05 -1.01 -6.80
C GLN A 85 -1.04 0.06 -6.79
N LEU A 86 -1.83 0.10 -5.72
CA LEU A 86 -2.90 1.08 -5.60
C LEU A 86 -2.34 2.49 -5.46
N PHE A 87 -1.23 2.61 -4.74
CA PHE A 87 -0.60 3.91 -4.53
C PHE A 87 -0.05 4.47 -5.85
N LYS A 88 0.76 3.67 -6.53
CA LYS A 88 1.35 4.07 -7.80
C LYS A 88 0.26 4.36 -8.83
N GLY A 89 -0.81 3.57 -8.81
CA GLY A 89 -1.90 3.76 -9.75
C GLY A 89 -2.64 5.05 -9.52
N TRP A 90 -2.92 5.36 -8.25
CA TRP A 90 -3.63 6.58 -7.90
C TRP A 90 -2.84 7.81 -8.31
N GLY A 91 -1.51 7.66 -8.36
CA GLY A 91 -0.66 8.77 -8.75
C GLY A 91 0.13 9.33 -7.57
N LEU A 92 0.51 8.44 -6.66
CA LEU A 92 1.28 8.84 -5.48
C LEU A 92 2.77 8.63 -5.71
N LEU A 93 3.11 7.58 -6.46
CA LEU A 93 4.50 7.27 -6.75
C LEU A 93 4.80 7.46 -8.24
N GLY A 94 4.16 6.66 -9.08
CA GLY A 94 4.36 6.75 -10.51
C GLY A 94 4.79 5.44 -11.13
N PRO A 95 5.39 5.51 -12.33
CA PRO A 95 5.85 4.32 -13.05
C PRO A 95 7.06 3.68 -12.38
N ARG A 96 8.00 4.51 -11.95
CA ARG A 96 9.21 4.03 -11.30
C ARG A 96 9.06 4.06 -9.77
N ASN A 97 7.82 3.90 -9.31
CA ASN A 97 7.54 3.91 -7.88
C ASN A 97 8.36 4.98 -7.17
N GLU A 98 8.40 6.18 -7.76
CA GLU A 98 9.15 7.29 -7.19
C GLU A 98 8.23 8.18 -6.34
N LEU A 99 8.61 8.38 -5.08
CA LEU A 99 7.82 9.21 -4.17
C LEU A 99 7.82 10.66 -4.63
N PHE A 100 7.03 11.49 -3.96
CA PHE A 100 6.93 12.90 -4.29
C PHE A 100 7.24 13.78 -3.08
N ASP A 101 7.22 15.09 -3.29
CA ASP A 101 7.50 16.03 -2.21
C ASP A 101 6.34 16.07 -1.21
N ALA A 102 6.68 16.12 0.08
CA ALA A 102 5.68 16.17 1.12
C ALA A 102 4.50 17.06 0.71
N ALA A 103 4.81 18.27 0.28
CA ALA A 103 3.78 19.21 -0.14
C ALA A 103 2.80 18.56 -1.10
N LYS A 104 3.30 18.10 -2.25
CA LYS A 104 2.48 17.46 -3.25
C LYS A 104 1.59 16.38 -2.62
N TYR A 105 2.17 15.61 -1.71
CA TYR A 105 1.43 14.55 -1.04
C TYR A 105 0.24 15.10 -0.28
N ARG A 106 0.47 16.18 0.47
CA ARG A 106 -0.59 16.81 1.25
C ARG A 106 -1.79 17.14 0.36
N VAL A 107 -1.52 17.60 -0.86
CA VAL A 107 -2.57 17.94 -1.80
C VAL A 107 -3.17 16.70 -2.44
N LEU A 108 -2.34 15.70 -2.69
CA LEU A 108 -2.78 14.45 -3.30
C LEU A 108 -3.82 13.76 -2.42
N ALA A 109 -3.49 13.61 -1.15
CA ALA A 109 -4.39 12.96 -0.19
C ALA A 109 -5.74 13.68 -0.15
N ASP A 110 -5.70 14.99 -0.31
CA ASP A 110 -6.92 15.80 -0.29
C ASP A 110 -7.95 15.26 -1.29
N ARG A 111 -7.49 14.97 -2.51
CA ARG A 111 -8.36 14.46 -3.55
C ARG A 111 -9.18 13.28 -3.04
N PHE A 112 -8.62 12.56 -2.08
CA PHE A 112 -9.31 11.40 -1.49
C PHE A 112 -10.24 11.83 -0.36
N GLY A 113 -9.79 12.79 0.43
CA GLY A 113 -10.60 13.27 1.54
C GLY A 113 -9.86 14.29 2.40
N SER A 114 -10.60 14.97 3.26
CA SER A 114 -10.00 15.98 4.14
C SER A 114 -9.55 15.35 5.46
N GLY A 115 -8.33 15.68 5.87
CA GLY A 115 -7.81 15.14 7.12
C GLY A 115 -6.73 16.03 7.72
N PRO A 116 -5.48 15.85 7.27
CA PRO A 116 -4.34 16.63 7.75
C PRO A 116 -4.40 18.08 7.30
N SER A 117 -3.93 18.98 8.16
CA SER A 117 -3.94 20.41 7.85
C SER A 117 -2.56 20.86 7.39
N SER A 118 -2.41 22.17 7.16
CA SER A 118 -1.15 22.73 6.70
C SER A 118 -0.57 23.68 7.75
N GLY A 119 0.75 23.79 7.77
CA GLY A 119 1.41 24.67 8.72
C GLY A 119 2.03 23.91 9.87
N GLY A 1 -7.58 9.85 -19.19
CA GLY A 1 -6.70 9.13 -20.08
C GLY A 1 -6.09 7.90 -19.43
N SER A 2 -6.25 6.75 -20.08
CA SER A 2 -5.72 5.50 -19.55
C SER A 2 -4.32 5.24 -20.08
N SER A 3 -3.31 5.60 -19.30
CA SER A 3 -1.92 5.41 -19.69
C SER A 3 -1.49 3.96 -19.48
N GLY A 4 -1.78 3.45 -18.29
CA GLY A 4 -1.41 2.07 -17.97
C GLY A 4 -0.48 1.98 -16.78
N SER A 5 -1.02 2.25 -15.59
CA SER A 5 -0.24 2.20 -14.36
C SER A 5 -0.04 0.76 -13.91
N SER A 6 -1.14 0.03 -13.78
CA SER A 6 -1.09 -1.37 -13.35
C SER A 6 -1.48 -2.31 -14.49
N GLY A 7 -1.04 -3.55 -14.40
CA GLY A 7 -1.37 -4.53 -15.42
C GLY A 7 -1.61 -5.92 -14.85
N ALA A 8 -0.54 -6.58 -14.43
CA ALA A 8 -0.65 -7.92 -13.86
C ALA A 8 -1.26 -7.87 -12.45
N SER A 9 -1.98 -8.93 -12.10
CA SER A 9 -2.61 -9.00 -10.79
C SER A 9 -1.83 -9.93 -9.86
N ARG A 10 -1.42 -11.08 -10.39
CA ARG A 10 -0.67 -12.04 -9.60
C ARG A 10 0.82 -11.74 -9.66
N ASP A 11 1.56 -12.23 -8.65
CA ASP A 11 3.00 -12.02 -8.60
C ASP A 11 3.33 -10.53 -8.62
N LEU A 12 2.67 -9.76 -7.76
CA LEU A 12 2.89 -8.33 -7.69
C LEU A 12 4.30 -8.02 -7.20
N LEU A 13 4.76 -8.76 -6.20
CA LEU A 13 6.09 -8.57 -5.64
C LEU A 13 7.12 -8.37 -6.76
N LYS A 14 6.98 -9.15 -7.82
CA LYS A 14 7.89 -9.07 -8.95
C LYS A 14 8.24 -7.62 -9.27
N GLU A 15 7.24 -6.75 -9.19
CA GLU A 15 7.43 -5.32 -9.47
C GLU A 15 7.89 -4.59 -8.21
N PHE A 16 7.33 -4.95 -7.07
CA PHE A 16 7.69 -4.33 -5.80
C PHE A 16 8.56 -5.26 -4.96
N PRO A 17 9.86 -4.94 -4.88
CA PRO A 17 10.82 -5.73 -4.11
C PRO A 17 10.60 -5.61 -2.61
N GLN A 18 10.45 -4.39 -2.13
CA GLN A 18 10.22 -4.14 -0.71
C GLN A 18 8.96 -3.32 -0.49
N PRO A 19 7.81 -3.99 -0.47
CA PRO A 19 6.51 -3.35 -0.27
C PRO A 19 6.34 -2.83 1.15
N LYS A 20 6.62 -3.69 2.13
CA LYS A 20 6.49 -3.31 3.53
C LYS A 20 7.23 -2.02 3.82
N ASN A 21 8.31 -1.78 3.08
CA ASN A 21 9.10 -0.56 3.24
C ASN A 21 8.62 0.55 2.32
N LEU A 22 8.44 0.22 1.04
CA LEU A 22 7.98 1.18 0.05
C LEU A 22 6.67 1.83 0.49
N LEU A 23 5.68 0.98 0.78
CA LEU A 23 4.37 1.47 1.21
C LEU A 23 4.51 2.41 2.41
N ASN A 24 5.13 1.91 3.48
CA ASN A 24 5.32 2.71 4.68
C ASN A 24 5.97 4.05 4.36
N SER A 25 7.07 3.99 3.59
CA SER A 25 7.79 5.19 3.21
C SER A 25 6.84 6.25 2.66
N VAL A 26 5.88 5.80 1.85
CA VAL A 26 4.90 6.70 1.25
C VAL A 26 4.20 7.54 2.30
N ILE A 27 3.38 6.90 3.13
CA ILE A 27 2.66 7.59 4.19
C ILE A 27 3.62 8.27 5.15
N GLY A 28 4.78 7.67 5.35
CA GLY A 28 5.77 8.24 6.24
C GLY A 28 6.25 9.61 5.79
N ARG A 29 6.09 9.89 4.50
CA ARG A 29 6.51 11.17 3.94
C ARG A 29 5.34 12.15 3.91
N ALA A 30 4.18 11.68 3.49
CA ALA A 30 2.99 12.52 3.41
C ALA A 30 2.53 12.96 4.80
N LEU A 31 2.25 11.98 5.65
CA LEU A 31 1.80 12.27 7.01
C LEU A 31 2.97 12.23 7.99
N GLY A 32 3.55 11.04 8.15
CA GLY A 32 4.67 10.88 9.06
C GLY A 32 4.86 9.45 9.50
N ILE A 33 6.09 8.94 9.37
CA ILE A 33 6.41 7.57 9.75
C ILE A 33 5.69 7.19 11.05
N SER A 34 5.62 8.13 11.98
CA SER A 34 4.96 7.91 13.26
C SER A 34 3.49 7.56 13.06
N HIS A 35 2.77 8.44 12.39
CA HIS A 35 1.35 8.24 12.14
C HIS A 35 1.13 6.98 11.30
N ALA A 36 1.94 6.83 10.25
CA ALA A 36 1.83 5.68 9.37
C ALA A 36 1.59 4.39 10.16
N LYS A 37 2.31 4.25 11.27
CA LYS A 37 2.18 3.07 12.11
C LYS A 37 0.72 2.63 12.21
N ASP A 38 -0.15 3.56 12.58
CA ASP A 38 -1.58 3.27 12.70
C ASP A 38 -2.23 3.16 11.33
N LYS A 39 -1.91 4.11 10.46
CA LYS A 39 -2.48 4.12 9.11
C LYS A 39 -2.45 2.73 8.49
N LEU A 40 -1.30 2.07 8.59
CA LEU A 40 -1.15 0.72 8.06
C LEU A 40 -1.31 -0.33 9.14
N VAL A 41 -2.39 -1.09 9.07
CA VAL A 41 -2.66 -2.14 10.05
C VAL A 41 -2.59 -3.52 9.42
N TYR A 42 -2.03 -4.48 10.15
CA TYR A 42 -1.90 -5.84 9.66
C TYR A 42 -2.75 -6.80 10.48
N VAL A 43 -3.73 -7.41 9.84
CA VAL A 43 -4.62 -8.36 10.51
C VAL A 43 -4.22 -9.80 10.20
N HIS A 44 -3.65 -10.48 11.20
CA HIS A 44 -3.23 -11.87 11.03
C HIS A 44 -4.39 -12.82 11.28
N THR A 45 -4.73 -13.61 10.27
CA THR A 45 -5.83 -14.56 10.38
C THR A 45 -5.29 -16.00 10.42
N ASN A 46 -6.04 -16.87 11.09
CA ASN A 46 -5.64 -18.27 11.20
C ASN A 46 -6.74 -19.20 10.66
N GLY A 47 -6.36 -20.42 10.31
CA GLY A 47 -7.32 -21.37 9.78
C GLY A 47 -6.68 -22.40 8.88
N PRO A 48 -6.55 -22.07 7.58
CA PRO A 48 -5.96 -22.96 6.59
C PRO A 48 -4.46 -23.12 6.79
N LYS A 49 -3.92 -24.25 6.31
CA LYS A 49 -2.50 -24.52 6.43
C LYS A 49 -1.67 -23.28 6.12
N LYS A 50 -2.18 -22.44 5.23
CA LYS A 50 -1.48 -21.22 4.85
C LYS A 50 -1.94 -20.04 5.72
N LYS A 51 -1.09 -19.03 5.83
CA LYS A 51 -1.40 -17.85 6.63
C LYS A 51 -1.91 -16.71 5.76
N LYS A 52 -2.79 -15.88 6.32
CA LYS A 52 -3.35 -14.76 5.59
C LYS A 52 -3.31 -13.49 6.44
N VAL A 53 -2.82 -12.41 5.84
CA VAL A 53 -2.73 -11.13 6.54
C VAL A 53 -3.42 -10.02 5.75
N THR A 54 -4.44 -9.42 6.35
CA THR A 54 -5.19 -8.35 5.70
C THR A 54 -4.66 -6.98 6.12
N LEU A 55 -3.99 -6.31 5.19
CA LEU A 55 -3.43 -4.99 5.47
C LEU A 55 -4.50 -3.91 5.34
N HIS A 56 -4.93 -3.38 6.48
CA HIS A 56 -5.95 -2.33 6.50
C HIS A 56 -5.31 -0.95 6.39
N ILE A 57 -5.42 -0.34 5.21
CA ILE A 57 -4.85 0.98 4.98
C ILE A 57 -5.91 2.07 5.10
N LYS A 58 -5.50 3.25 5.54
CA LYS A 58 -6.42 4.37 5.71
C LYS A 58 -6.05 5.51 4.76
N TRP A 59 -4.76 5.77 4.64
CA TRP A 59 -4.27 6.84 3.78
C TRP A 59 -3.76 6.27 2.46
N PRO A 60 -4.09 6.96 1.35
CA PRO A 60 -4.90 8.18 1.39
C PRO A 60 -6.35 7.90 1.77
N LYS A 61 -6.90 6.82 1.22
CA LYS A 61 -8.28 6.44 1.51
C LYS A 61 -8.34 5.13 2.29
N SER A 62 -9.52 4.80 2.78
CA SER A 62 -9.71 3.57 3.54
C SER A 62 -9.79 2.36 2.62
N VAL A 63 -8.75 1.54 2.63
CA VAL A 63 -8.71 0.35 1.79
C VAL A 63 -8.04 -0.81 2.53
N GLU A 64 -8.17 -2.01 1.96
CA GLU A 64 -7.58 -3.21 2.56
C GLU A 64 -7.16 -4.21 1.48
N VAL A 65 -6.13 -4.98 1.78
CA VAL A 65 -5.63 -5.97 0.84
C VAL A 65 -5.27 -7.28 1.55
N GLU A 66 -5.27 -8.37 0.80
CA GLU A 66 -4.95 -9.68 1.36
C GLU A 66 -3.51 -10.07 1.04
N GLY A 67 -2.84 -10.70 2.01
CA GLY A 67 -1.47 -11.11 1.81
C GLY A 67 -1.25 -12.57 2.15
N TYR A 68 -1.02 -13.39 1.13
CA TYR A 68 -0.80 -14.82 1.32
C TYR A 68 0.69 -15.14 1.33
N GLY A 69 1.03 -16.28 1.93
CA GLY A 69 2.43 -16.68 2.00
C GLY A 69 2.64 -17.87 2.92
N SER A 70 3.70 -18.63 2.68
CA SER A 70 4.01 -19.80 3.49
C SER A 70 4.43 -19.38 4.90
N LYS A 71 5.28 -18.36 4.98
CA LYS A 71 5.77 -17.87 6.26
C LYS A 71 5.06 -16.56 6.64
N LYS A 72 5.09 -16.22 7.92
CA LYS A 72 4.47 -15.00 8.41
C LYS A 72 5.04 -13.78 7.70
N ILE A 73 6.30 -13.88 7.28
CA ILE A 73 6.96 -12.78 6.59
C ILE A 73 6.52 -12.70 5.13
N ASP A 74 6.14 -13.84 4.56
CA ASP A 74 5.69 -13.90 3.18
C ASP A 74 4.28 -13.34 3.05
N ALA A 75 3.43 -13.67 4.02
CA ALA A 75 2.05 -13.20 4.00
C ALA A 75 1.98 -11.69 4.16
N GLU A 76 2.71 -11.17 5.14
CA GLU A 76 2.74 -9.73 5.39
C GLU A 76 3.25 -8.96 4.18
N ARG A 77 4.40 -9.39 3.67
CA ARG A 77 5.01 -8.75 2.51
C ARG A 77 4.00 -8.59 1.38
N GLN A 78 3.32 -9.68 1.04
CA GLN A 78 2.32 -9.66 -0.02
C GLN A 78 1.28 -8.56 0.23
N ALA A 79 0.61 -8.64 1.37
CA ALA A 79 -0.39 -7.66 1.73
C ALA A 79 0.02 -6.26 1.30
N ALA A 80 1.17 -5.80 1.79
CA ALA A 80 1.68 -4.49 1.46
C ALA A 80 1.78 -4.30 -0.05
N ALA A 81 2.51 -5.21 -0.71
CA ALA A 81 2.68 -5.15 -2.14
C ALA A 81 1.34 -4.97 -2.86
N ALA A 82 0.33 -5.70 -2.39
CA ALA A 82 -1.00 -5.62 -2.98
C ALA A 82 -1.52 -4.19 -2.98
N ALA A 83 -1.10 -3.41 -1.99
CA ALA A 83 -1.52 -2.03 -1.88
C ALA A 83 -0.62 -1.11 -2.70
N CYS A 84 0.64 -1.51 -2.86
CA CYS A 84 1.60 -0.72 -3.63
C CYS A 84 1.05 -0.37 -5.00
N GLN A 85 0.44 -1.35 -5.66
CA GLN A 85 -0.12 -1.15 -6.99
C GLN A 85 -1.17 -0.05 -6.96
N LEU A 86 -1.86 0.09 -5.83
CA LEU A 86 -2.89 1.11 -5.67
C LEU A 86 -2.28 2.50 -5.57
N PHE A 87 -1.19 2.60 -4.81
CA PHE A 87 -0.51 3.88 -4.64
C PHE A 87 0.16 4.33 -5.93
N LYS A 88 0.57 3.37 -6.75
CA LYS A 88 1.21 3.66 -8.02
C LYS A 88 0.21 4.21 -9.02
N GLY A 89 -0.89 3.48 -9.23
CA GLY A 89 -1.91 3.91 -10.16
C GLY A 89 -2.57 5.20 -9.73
N TRP A 90 -2.78 5.36 -8.43
CA TRP A 90 -3.41 6.55 -7.89
C TRP A 90 -2.60 7.80 -8.23
N GLY A 91 -1.29 7.63 -8.33
CA GLY A 91 -0.42 8.75 -8.64
C GLY A 91 0.36 9.25 -7.44
N LEU A 92 0.66 8.34 -6.52
CA LEU A 92 1.41 8.69 -5.31
C LEU A 92 2.88 8.33 -5.45
N LEU A 93 3.15 7.27 -6.21
CA LEU A 93 4.53 6.83 -6.43
C LEU A 93 5.02 7.23 -7.81
N GLY A 94 4.37 6.70 -8.84
CA GLY A 94 4.76 7.01 -10.20
C GLY A 94 5.26 5.80 -10.96
N PRO A 95 5.89 6.04 -12.12
CA PRO A 95 6.43 4.97 -12.97
C PRO A 95 7.64 4.29 -12.33
N ARG A 96 8.57 5.09 -11.84
CA ARG A 96 9.77 4.55 -11.21
C ARG A 96 9.68 4.65 -9.69
N ASN A 97 8.46 4.50 -9.17
CA ASN A 97 8.24 4.57 -7.73
C ASN A 97 9.07 5.68 -7.10
N GLU A 98 8.96 6.89 -7.66
CA GLU A 98 9.70 8.03 -7.15
C GLU A 98 8.81 8.91 -6.26
N LEU A 99 8.93 8.71 -4.96
CA LEU A 99 8.14 9.48 -4.00
C LEU A 99 8.10 10.96 -4.37
N PHE A 100 7.11 11.68 -3.86
CA PHE A 100 6.97 13.09 -4.15
C PHE A 100 7.26 13.93 -2.91
N ASP A 101 7.08 15.25 -3.02
CA ASP A 101 7.32 16.15 -1.91
C ASP A 101 6.24 16.00 -0.84
N ALA A 102 6.58 16.38 0.39
CA ALA A 102 5.63 16.29 1.49
C ALA A 102 4.42 17.19 1.25
N ALA A 103 4.63 18.28 0.54
CA ALA A 103 3.55 19.22 0.23
C ALA A 103 2.57 18.61 -0.76
N LYS A 104 3.08 18.19 -1.91
CA LYS A 104 2.24 17.59 -2.95
C LYS A 104 1.42 16.44 -2.38
N TYR A 105 1.98 15.73 -1.40
CA TYR A 105 1.28 14.62 -0.78
C TYR A 105 0.01 15.08 -0.08
N ARG A 106 0.16 16.07 0.80
CA ARG A 106 -0.98 16.61 1.54
C ARG A 106 -2.12 16.97 0.60
N VAL A 107 -1.77 17.55 -0.54
CA VAL A 107 -2.77 17.95 -1.53
C VAL A 107 -3.33 16.73 -2.27
N LEU A 108 -2.45 15.78 -2.58
CA LEU A 108 -2.84 14.57 -3.28
C LEU A 108 -3.94 13.84 -2.52
N ALA A 109 -3.69 13.56 -1.25
CA ALA A 109 -4.67 12.87 -0.40
C ALA A 109 -6.04 13.54 -0.49
N ASP A 110 -6.05 14.86 -0.46
CA ASP A 110 -7.30 15.62 -0.54
C ASP A 110 -8.18 15.11 -1.68
N ARG A 111 -7.58 14.95 -2.86
CA ARG A 111 -8.30 14.48 -4.02
C ARG A 111 -9.10 13.21 -3.70
N PHE A 112 -8.62 12.45 -2.72
CA PHE A 112 -9.28 11.22 -2.31
C PHE A 112 -10.30 11.50 -1.20
N GLY A 113 -9.92 12.37 -0.27
CA GLY A 113 -10.81 12.71 0.82
C GLY A 113 -10.60 14.11 1.34
N SER A 114 -11.68 14.87 1.46
CA SER A 114 -11.61 16.25 1.94
C SER A 114 -10.85 16.32 3.27
N GLY A 115 -10.60 17.54 3.73
CA GLY A 115 -9.90 17.73 4.99
C GLY A 115 -9.58 19.18 5.27
N PRO A 116 -9.49 19.53 6.55
CA PRO A 116 -9.19 20.90 6.97
C PRO A 116 -7.75 21.30 6.67
N SER A 117 -7.52 21.81 5.46
CA SER A 117 -6.19 22.22 5.04
C SER A 117 -5.15 21.16 5.40
N SER A 118 -5.51 19.90 5.18
CA SER A 118 -4.61 18.79 5.50
C SER A 118 -5.15 17.48 4.94
N GLY A 119 -4.25 16.55 4.66
CA GLY A 119 -4.65 15.26 4.13
C GLY A 119 -4.53 14.14 5.13
N GLY A 1 -8.60 11.78 -19.61
CA GLY A 1 -7.71 10.65 -19.39
C GLY A 1 -8.43 9.44 -18.84
N SER A 2 -9.47 9.00 -19.54
CA SER A 2 -10.25 7.84 -19.11
C SER A 2 -10.01 6.65 -20.03
N SER A 3 -8.97 5.88 -19.73
CA SER A 3 -8.63 4.71 -20.52
C SER A 3 -7.58 3.86 -19.82
N GLY A 4 -7.99 2.66 -19.38
CA GLY A 4 -7.07 1.78 -18.70
C GLY A 4 -6.94 0.43 -19.38
N SER A 5 -5.84 -0.26 -19.13
CA SER A 5 -5.59 -1.56 -19.74
C SER A 5 -4.75 -2.44 -18.82
N SER A 6 -5.15 -3.70 -18.69
CA SER A 6 -4.44 -4.65 -17.84
C SER A 6 -4.39 -6.03 -18.48
N GLY A 7 -3.19 -6.59 -18.57
CA GLY A 7 -3.03 -7.91 -19.16
C GLY A 7 -3.18 -9.03 -18.15
N ALA A 8 -2.41 -10.09 -18.33
CA ALA A 8 -2.46 -11.24 -17.41
C ALA A 8 -1.99 -10.84 -16.01
N SER A 9 -2.22 -11.72 -15.05
CA SER A 9 -1.82 -11.47 -13.67
C SER A 9 -0.51 -12.17 -13.34
N ARG A 10 0.27 -11.56 -12.46
CA ARG A 10 1.55 -12.14 -12.06
C ARG A 10 2.00 -11.56 -10.71
N ASP A 11 2.82 -12.33 -9.99
CA ASP A 11 3.32 -11.90 -8.69
C ASP A 11 3.63 -10.41 -8.70
N LEU A 12 2.97 -9.67 -7.81
CA LEU A 12 3.18 -8.22 -7.71
C LEU A 12 4.59 -7.91 -7.22
N LEU A 13 5.05 -8.69 -6.24
CA LEU A 13 6.39 -8.50 -5.68
C LEU A 13 7.42 -8.25 -6.78
N LYS A 14 7.22 -8.93 -7.91
CA LYS A 14 8.13 -8.79 -9.05
C LYS A 14 8.48 -7.32 -9.28
N GLU A 15 7.48 -6.45 -9.24
CA GLU A 15 7.69 -5.03 -9.45
C GLU A 15 8.11 -4.34 -8.15
N PHE A 16 7.53 -4.78 -7.04
CA PHE A 16 7.85 -4.22 -5.73
C PHE A 16 8.70 -5.17 -4.92
N PRO A 17 10.03 -4.93 -4.90
CA PRO A 17 10.98 -5.76 -4.16
C PRO A 17 10.83 -5.60 -2.66
N GLN A 18 10.70 -4.36 -2.20
CA GLN A 18 10.55 -4.08 -0.77
C GLN A 18 9.27 -3.28 -0.51
N PRO A 19 8.13 -3.99 -0.49
CA PRO A 19 6.83 -3.37 -0.24
C PRO A 19 6.67 -2.90 1.20
N LYS A 20 7.44 -3.50 2.10
CA LYS A 20 7.39 -3.14 3.52
C LYS A 20 7.98 -1.75 3.73
N ASN A 21 9.07 -1.45 3.04
CA ASN A 21 9.73 -0.16 3.16
C ASN A 21 9.14 0.85 2.17
N LEU A 22 8.86 0.39 0.96
CA LEU A 22 8.29 1.24 -0.07
C LEU A 22 6.98 1.85 0.39
N LEU A 23 6.02 1.00 0.74
CA LEU A 23 4.72 1.45 1.19
C LEU A 23 4.86 2.38 2.40
N ASN A 24 5.43 1.86 3.47
CA ASN A 24 5.62 2.65 4.69
C ASN A 24 6.29 3.98 4.37
N SER A 25 7.28 3.94 3.48
CA SER A 25 8.01 5.15 3.10
C SER A 25 7.06 6.19 2.53
N VAL A 26 5.97 5.74 1.94
CA VAL A 26 4.98 6.63 1.36
C VAL A 26 4.29 7.46 2.43
N ILE A 27 3.39 6.83 3.17
CA ILE A 27 2.65 7.51 4.24
C ILE A 27 3.61 8.23 5.18
N GLY A 28 4.77 7.63 5.42
CA GLY A 28 5.75 8.22 6.30
C GLY A 28 6.18 9.60 5.85
N ARG A 29 6.17 9.83 4.54
CA ARG A 29 6.56 11.11 3.98
C ARG A 29 5.37 12.07 3.93
N ALA A 30 4.20 11.55 3.56
CA ALA A 30 2.99 12.35 3.47
C ALA A 30 2.56 12.83 4.85
N LEU A 31 2.29 11.89 5.75
CA LEU A 31 1.86 12.22 7.10
C LEU A 31 3.03 12.16 8.07
N GLY A 32 3.53 10.95 8.32
CA GLY A 32 4.66 10.78 9.22
C GLY A 32 4.84 9.34 9.66
N ILE A 33 6.02 8.79 9.39
CA ILE A 33 6.32 7.42 9.75
C ILE A 33 5.67 7.05 11.08
N SER A 34 5.63 8.00 12.00
CA SER A 34 5.04 7.77 13.31
C SER A 34 3.54 7.49 13.19
N HIS A 35 2.85 8.35 12.44
CA HIS A 35 1.41 8.20 12.24
C HIS A 35 1.10 6.97 11.39
N ALA A 36 1.90 6.76 10.35
CA ALA A 36 1.72 5.62 9.46
C ALA A 36 1.43 4.35 10.26
N LYS A 37 2.06 4.22 11.41
CA LYS A 37 1.88 3.05 12.27
C LYS A 37 0.42 2.59 12.25
N ASP A 38 -0.49 3.51 12.53
CA ASP A 38 -1.91 3.19 12.54
C ASP A 38 -2.46 3.14 11.12
N LYS A 39 -2.05 4.10 10.30
CA LYS A 39 -2.51 4.17 8.91
C LYS A 39 -2.50 2.79 8.27
N LEU A 40 -1.43 2.04 8.51
CA LEU A 40 -1.29 0.70 7.95
C LEU A 40 -1.48 -0.36 9.03
N VAL A 41 -2.61 -1.06 8.97
CA VAL A 41 -2.91 -2.11 9.94
C VAL A 41 -2.82 -3.50 9.30
N TYR A 42 -2.25 -4.44 10.02
CA TYR A 42 -2.10 -5.81 9.53
C TYR A 42 -2.90 -6.79 10.39
N VAL A 43 -3.83 -7.49 9.76
CA VAL A 43 -4.66 -8.46 10.47
C VAL A 43 -4.34 -9.89 10.01
N HIS A 44 -3.85 -10.70 10.94
CA HIS A 44 -3.52 -12.08 10.65
C HIS A 44 -4.71 -13.00 10.88
N THR A 45 -4.66 -14.18 10.26
CA THR A 45 -5.75 -15.15 10.41
C THR A 45 -5.20 -16.56 10.57
N ASN A 46 -6.07 -17.48 10.96
CA ASN A 46 -5.68 -18.88 11.16
C ASN A 46 -6.71 -19.82 10.55
N GLY A 47 -6.39 -21.11 10.56
CA GLY A 47 -7.29 -22.11 10.00
C GLY A 47 -6.61 -23.02 9.00
N PRO A 48 -6.56 -22.57 7.74
CA PRO A 48 -5.92 -23.34 6.66
C PRO A 48 -4.41 -23.42 6.80
N LYS A 49 -3.77 -24.15 5.90
CA LYS A 49 -2.32 -24.30 5.93
C LYS A 49 -1.63 -23.12 5.27
N LYS A 50 -2.38 -22.04 5.08
CA LYS A 50 -1.85 -20.84 4.45
C LYS A 50 -2.13 -19.61 5.32
N LYS A 51 -1.10 -18.81 5.57
CA LYS A 51 -1.24 -17.61 6.37
C LYS A 51 -1.75 -16.44 5.53
N LYS A 52 -2.82 -15.81 6.00
CA LYS A 52 -3.42 -14.68 5.29
C LYS A 52 -3.40 -13.44 6.16
N VAL A 53 -2.92 -12.34 5.58
CA VAL A 53 -2.85 -11.07 6.30
C VAL A 53 -3.59 -9.97 5.54
N THR A 54 -4.55 -9.34 6.21
CA THR A 54 -5.34 -8.27 5.61
C THR A 54 -4.80 -6.91 6.01
N LEU A 55 -4.15 -6.24 5.07
CA LEU A 55 -3.58 -4.91 5.32
C LEU A 55 -4.65 -3.83 5.20
N HIS A 56 -5.13 -3.34 6.34
CA HIS A 56 -6.15 -2.31 6.36
C HIS A 56 -5.52 -0.92 6.27
N ILE A 57 -5.55 -0.33 5.07
CA ILE A 57 -4.98 0.99 4.85
C ILE A 57 -6.05 2.06 4.96
N LYS A 58 -5.65 3.25 5.40
CA LYS A 58 -6.57 4.38 5.55
C LYS A 58 -6.16 5.53 4.65
N TRP A 59 -4.87 5.81 4.60
CA TRP A 59 -4.35 6.90 3.78
C TRP A 59 -3.75 6.35 2.49
N PRO A 60 -4.01 7.06 1.37
CA PRO A 60 -4.84 8.27 1.38
C PRO A 60 -6.31 7.97 1.66
N LYS A 61 -6.82 6.91 1.06
CA LYS A 61 -8.20 6.52 1.25
C LYS A 61 -8.31 5.22 2.04
N SER A 62 -9.51 4.87 2.45
CA SER A 62 -9.74 3.65 3.21
C SER A 62 -9.81 2.43 2.30
N VAL A 63 -8.75 1.63 2.34
CA VAL A 63 -8.68 0.42 1.51
C VAL A 63 -8.06 -0.73 2.27
N GLU A 64 -8.22 -1.95 1.74
CA GLU A 64 -7.68 -3.14 2.37
C GLU A 64 -7.24 -4.16 1.33
N VAL A 65 -6.18 -4.89 1.64
CA VAL A 65 -5.65 -5.90 0.73
C VAL A 65 -5.28 -7.17 1.47
N GLU A 66 -5.23 -8.29 0.74
CA GLU A 66 -4.88 -9.58 1.35
C GLU A 66 -3.46 -9.98 0.97
N GLY A 67 -2.77 -10.63 1.90
CA GLY A 67 -1.41 -11.06 1.65
C GLY A 67 -1.14 -12.47 2.16
N TYR A 68 -0.92 -13.40 1.24
CA TYR A 68 -0.66 -14.78 1.60
C TYR A 68 0.84 -15.07 1.61
N GLY A 69 1.21 -16.22 2.18
CA GLY A 69 2.61 -16.59 2.24
C GLY A 69 2.85 -17.77 3.16
N SER A 70 4.03 -18.38 3.04
CA SER A 70 4.38 -19.53 3.86
C SER A 70 4.37 -19.17 5.34
N LYS A 71 5.18 -18.17 5.70
CA LYS A 71 5.26 -17.72 7.09
C LYS A 71 4.57 -16.37 7.27
N LYS A 72 4.57 -15.87 8.50
CA LYS A 72 3.93 -14.60 8.80
C LYS A 72 4.64 -13.45 8.08
N ILE A 73 5.93 -13.65 7.81
CA ILE A 73 6.72 -12.63 7.12
C ILE A 73 6.39 -12.60 5.63
N ASP A 74 6.04 -13.76 5.09
CA ASP A 74 5.71 -13.87 3.67
C ASP A 74 4.31 -13.34 3.40
N ALA A 75 3.39 -13.62 4.33
CA ALA A 75 2.01 -13.18 4.18
C ALA A 75 1.91 -11.66 4.26
N GLU A 76 2.66 -11.06 5.17
CA GLU A 76 2.67 -9.62 5.36
C GLU A 76 3.20 -8.92 4.10
N ARG A 77 4.42 -9.27 3.71
CA ARG A 77 5.04 -8.68 2.53
C ARG A 77 4.03 -8.55 1.39
N GLN A 78 3.43 -9.67 1.01
CA GLN A 78 2.45 -9.68 -0.07
C GLN A 78 1.40 -8.59 0.14
N ALA A 79 0.74 -8.62 1.29
CA ALA A 79 -0.29 -7.64 1.62
C ALA A 79 0.15 -6.24 1.22
N ALA A 80 1.30 -5.81 1.74
CA ALA A 80 1.83 -4.48 1.43
C ALA A 80 1.95 -4.28 -0.07
N ALA A 81 2.67 -5.19 -0.73
CA ALA A 81 2.87 -5.10 -2.17
C ALA A 81 1.54 -4.93 -2.90
N ALA A 82 0.52 -5.65 -2.43
CA ALA A 82 -0.81 -5.58 -3.05
C ALA A 82 -1.34 -4.16 -3.02
N ALA A 83 -0.82 -3.34 -2.11
CA ALA A 83 -1.24 -1.95 -1.99
C ALA A 83 -0.34 -1.03 -2.82
N CYS A 84 0.93 -1.39 -2.91
CA CYS A 84 1.88 -0.58 -3.67
C CYS A 84 1.34 -0.27 -5.06
N GLN A 85 0.57 -1.19 -5.62
CA GLN A 85 -0.02 -1.01 -6.94
C GLN A 85 -1.12 0.04 -6.92
N LEU A 86 -1.82 0.14 -5.79
CA LEU A 86 -2.89 1.10 -5.63
C LEU A 86 -2.34 2.51 -5.51
N PHE A 87 -1.30 2.68 -4.70
CA PHE A 87 -0.68 3.98 -4.51
C PHE A 87 -0.16 4.54 -5.83
N LYS A 88 0.62 3.74 -6.54
CA LYS A 88 1.18 4.16 -7.82
C LYS A 88 0.07 4.40 -8.84
N GLY A 89 -0.99 3.62 -8.76
CA GLY A 89 -2.10 3.77 -9.68
C GLY A 89 -2.87 5.05 -9.46
N TRP A 90 -2.88 5.52 -8.20
CA TRP A 90 -3.59 6.75 -7.86
C TRP A 90 -2.77 7.97 -8.22
N GLY A 91 -1.45 7.79 -8.32
CA GLY A 91 -0.58 8.90 -8.65
C GLY A 91 0.26 9.36 -7.47
N LEU A 92 0.51 8.45 -6.53
CA LEU A 92 1.30 8.76 -5.35
C LEU A 92 2.74 8.27 -5.51
N LEU A 93 2.91 7.21 -6.29
CA LEU A 93 4.23 6.65 -6.53
C LEU A 93 4.68 6.88 -7.96
N GLY A 94 4.00 6.22 -8.91
CA GLY A 94 4.33 6.37 -10.30
C GLY A 94 4.78 5.08 -10.94
N PRO A 95 5.30 5.15 -12.17
CA PRO A 95 5.77 3.99 -12.92
C PRO A 95 7.04 3.38 -12.32
N ARG A 96 7.94 4.25 -11.86
CA ARG A 96 9.18 3.81 -11.26
C ARG A 96 9.17 4.03 -9.75
N ASN A 97 8.01 3.86 -9.14
CA ASN A 97 7.87 4.04 -7.69
C ASN A 97 8.66 5.25 -7.22
N GLU A 98 8.41 6.39 -7.84
CA GLU A 98 9.11 7.62 -7.47
C GLU A 98 8.26 8.49 -6.54
N LEU A 99 8.66 8.57 -5.29
CA LEU A 99 7.93 9.36 -4.29
C LEU A 99 7.81 10.81 -4.74
N PHE A 100 7.16 11.62 -3.92
CA PHE A 100 6.98 13.04 -4.22
C PHE A 100 7.18 13.89 -2.97
N ASP A 101 7.32 15.19 -3.17
CA ASP A 101 7.52 16.12 -2.07
C ASP A 101 6.39 16.00 -1.04
N ALA A 102 6.67 16.39 0.20
CA ALA A 102 5.68 16.32 1.27
C ALA A 102 4.50 17.24 0.98
N ALA A 103 4.77 18.33 0.26
CA ALA A 103 3.73 19.29 -0.08
C ALA A 103 2.71 18.68 -1.05
N LYS A 104 3.20 18.19 -2.17
CA LYS A 104 2.34 17.57 -3.18
C LYS A 104 1.47 16.48 -2.57
N TYR A 105 2.04 15.76 -1.59
CA TYR A 105 1.31 14.69 -0.92
C TYR A 105 0.12 15.24 -0.15
N ARG A 106 0.36 16.30 0.63
CA ARG A 106 -0.69 16.91 1.43
C ARG A 106 -1.92 17.22 0.56
N VAL A 107 -1.68 17.61 -0.68
CA VAL A 107 -2.75 17.93 -1.61
C VAL A 107 -3.32 16.66 -2.24
N LEU A 108 -2.45 15.72 -2.54
CA LEU A 108 -2.87 14.46 -3.16
C LEU A 108 -3.92 13.76 -2.30
N ALA A 109 -3.61 13.59 -1.02
CA ALA A 109 -4.53 12.93 -0.09
C ALA A 109 -5.87 13.64 -0.07
N ASP A 110 -5.85 14.97 0.08
CA ASP A 110 -7.06 15.76 0.12
C ASP A 110 -8.07 15.27 -0.91
N ARG A 111 -7.67 15.34 -2.18
CA ARG A 111 -8.54 14.90 -3.27
C ARG A 111 -9.39 13.71 -2.85
N PHE A 112 -8.80 12.83 -2.04
CA PHE A 112 -9.50 11.64 -1.57
C PHE A 112 -10.29 11.94 -0.29
N GLY A 113 -9.68 12.73 0.59
CA GLY A 113 -10.34 13.08 1.83
C GLY A 113 -11.83 13.28 1.67
N SER A 114 -12.61 12.58 2.49
CA SER A 114 -14.07 12.68 2.43
C SER A 114 -14.50 14.12 2.09
N GLY A 115 -15.62 14.24 1.38
CA GLY A 115 -16.12 15.55 1.01
C GLY A 115 -15.68 15.97 -0.37
N PRO A 116 -16.40 15.51 -1.41
CA PRO A 116 -16.09 15.84 -2.79
C PRO A 116 -16.37 17.30 -3.13
N SER A 117 -15.37 17.97 -3.69
CA SER A 117 -15.51 19.38 -4.06
C SER A 117 -14.71 19.69 -5.33
N SER A 118 -15.41 20.18 -6.35
CA SER A 118 -14.77 20.52 -7.62
C SER A 118 -15.05 21.96 -8.00
N GLY A 119 -14.03 22.80 -7.92
CA GLY A 119 -14.18 24.20 -8.27
C GLY A 119 -13.43 24.59 -9.53
N GLY A 1 0.57 7.60 -24.60
CA GLY A 1 0.61 6.90 -23.32
C GLY A 1 1.95 6.21 -23.10
N SER A 2 2.46 6.29 -21.87
CA SER A 2 3.73 5.68 -21.52
C SER A 2 3.51 4.43 -20.67
N SER A 3 2.48 4.47 -19.83
CA SER A 3 2.16 3.35 -18.95
C SER A 3 0.73 2.87 -19.17
N GLY A 4 0.47 1.62 -18.80
CA GLY A 4 -0.86 1.06 -18.97
C GLY A 4 -0.84 -0.43 -19.24
N SER A 5 -0.18 -1.18 -18.37
CA SER A 5 -0.08 -2.62 -18.53
C SER A 5 0.30 -3.29 -17.21
N SER A 6 -0.68 -3.96 -16.59
CA SER A 6 -0.47 -4.63 -15.32
C SER A 6 -0.26 -6.13 -15.53
N GLY A 7 0.76 -6.68 -14.87
CA GLY A 7 1.04 -8.10 -15.01
C GLY A 7 -0.20 -8.95 -14.83
N ALA A 8 -0.69 -9.49 -15.94
CA ALA A 8 -1.89 -10.33 -15.91
C ALA A 8 -1.61 -11.64 -15.16
N SER A 9 -0.49 -12.28 -15.49
CA SER A 9 -0.12 -13.54 -14.85
C SER A 9 1.23 -13.42 -14.16
N ARG A 10 1.49 -12.26 -13.59
CA ARG A 10 2.75 -12.00 -12.89
C ARG A 10 2.50 -11.67 -11.42
N ASP A 11 3.58 -11.61 -10.65
CA ASP A 11 3.48 -11.30 -9.22
C ASP A 11 3.84 -9.83 -8.95
N LEU A 12 2.94 -9.12 -8.28
CA LEU A 12 3.15 -7.72 -7.97
C LEU A 12 4.55 -7.49 -7.40
N LEU A 13 5.01 -8.42 -6.57
CA LEU A 13 6.32 -8.33 -5.96
C LEU A 13 7.37 -7.95 -7.00
N LYS A 14 7.28 -8.55 -8.18
CA LYS A 14 8.22 -8.28 -9.26
C LYS A 14 8.52 -6.78 -9.36
N GLU A 15 7.48 -5.97 -9.25
CA GLU A 15 7.63 -4.52 -9.32
C GLU A 15 8.07 -3.96 -7.97
N PHE A 16 7.40 -4.38 -6.91
CA PHE A 16 7.72 -3.91 -5.57
C PHE A 16 8.51 -4.97 -4.80
N PRO A 17 9.84 -4.82 -4.80
CA PRO A 17 10.74 -5.76 -4.10
C PRO A 17 10.62 -5.64 -2.59
N GLN A 18 10.62 -4.42 -2.09
CA GLN A 18 10.52 -4.18 -0.65
C GLN A 18 9.28 -3.35 -0.32
N PRO A 19 8.11 -4.01 -0.37
CA PRO A 19 6.83 -3.36 -0.08
C PRO A 19 6.68 -3.00 1.39
N LYS A 20 7.41 -3.72 2.25
CA LYS A 20 7.36 -3.48 3.69
C LYS A 20 7.97 -2.12 4.03
N ASN A 21 8.98 -1.71 3.27
CA ASN A 21 9.64 -0.44 3.50
C ASN A 21 9.07 0.65 2.58
N LEU A 22 8.79 0.27 1.33
CA LEU A 22 8.23 1.20 0.37
C LEU A 22 6.92 1.79 0.87
N LEU A 23 5.90 0.94 0.96
CA LEU A 23 4.58 1.37 1.42
C LEU A 23 4.71 2.32 2.62
N ASN A 24 5.35 1.82 3.68
CA ASN A 24 5.54 2.62 4.89
C ASN A 24 6.13 3.98 4.55
N SER A 25 7.25 3.97 3.84
CA SER A 25 7.93 5.21 3.45
C SER A 25 6.93 6.21 2.87
N VAL A 26 6.09 5.73 1.96
CA VAL A 26 5.10 6.59 1.32
C VAL A 26 4.36 7.44 2.35
N ILE A 27 3.50 6.80 3.14
CA ILE A 27 2.74 7.49 4.16
C ILE A 27 3.66 8.22 5.14
N GLY A 28 4.82 7.63 5.40
CA GLY A 28 5.77 8.24 6.31
C GLY A 28 6.26 9.59 5.82
N ARG A 29 6.29 9.77 4.51
CA ARG A 29 6.74 11.02 3.92
C ARG A 29 5.59 12.00 3.78
N ALA A 30 4.40 11.48 3.49
CA ALA A 30 3.21 12.30 3.33
C ALA A 30 2.70 12.80 4.68
N LEU A 31 2.45 11.86 5.59
CA LEU A 31 1.96 12.20 6.92
C LEU A 31 3.10 12.16 7.94
N GLY A 32 3.70 10.99 8.11
CA GLY A 32 4.79 10.84 9.06
C GLY A 32 4.95 9.41 9.55
N ILE A 33 6.16 8.89 9.44
CA ILE A 33 6.44 7.52 9.88
C ILE A 33 5.70 7.20 11.18
N SER A 34 5.60 8.19 12.06
CA SER A 34 4.92 8.01 13.33
C SER A 34 3.46 7.64 13.12
N HIS A 35 2.75 8.46 12.36
CA HIS A 35 1.34 8.23 12.08
C HIS A 35 1.16 6.94 11.26
N ALA A 36 1.95 6.80 10.21
CA ALA A 36 1.87 5.61 9.35
C ALA A 36 1.56 4.36 10.17
N LYS A 37 2.06 4.32 11.41
CA LYS A 37 1.84 3.20 12.29
C LYS A 37 0.42 2.67 12.16
N ASP A 38 -0.56 3.50 12.54
CA ASP A 38 -1.96 3.13 12.46
C ASP A 38 -2.43 3.05 11.01
N LYS A 39 -2.10 4.08 10.24
CA LYS A 39 -2.48 4.14 8.83
C LYS A 39 -2.41 2.75 8.20
N LEU A 40 -1.40 1.98 8.58
CA LEU A 40 -1.23 0.63 8.05
C LEU A 40 -1.41 -0.42 9.14
N VAL A 41 -2.53 -1.12 9.11
CA VAL A 41 -2.82 -2.16 10.10
C VAL A 41 -2.78 -3.54 9.47
N TYR A 42 -2.21 -4.50 10.20
CA TYR A 42 -2.10 -5.87 9.70
C TYR A 42 -2.94 -6.81 10.57
N VAL A 43 -3.87 -7.50 9.93
CA VAL A 43 -4.74 -8.45 10.64
C VAL A 43 -4.38 -9.89 10.29
N HIS A 44 -3.75 -10.58 11.24
CA HIS A 44 -3.35 -11.97 11.05
C HIS A 44 -4.53 -12.91 11.28
N THR A 45 -4.84 -13.71 10.26
CA THR A 45 -5.94 -14.67 10.35
C THR A 45 -5.45 -16.10 10.17
N ASN A 46 -5.95 -17.00 11.01
CA ASN A 46 -5.57 -18.40 10.94
C ASN A 46 -6.69 -19.25 10.36
N GLY A 47 -6.33 -20.25 9.57
CA GLY A 47 -7.32 -21.12 8.97
C GLY A 47 -6.69 -22.28 8.21
N PRO A 48 -6.52 -22.11 6.89
CA PRO A 48 -5.92 -23.14 6.03
C PRO A 48 -4.44 -23.34 6.31
N LYS A 49 -3.79 -24.15 5.48
CA LYS A 49 -2.37 -24.43 5.62
C LYS A 49 -1.55 -23.14 5.54
N LYS A 50 -1.98 -22.23 4.68
CA LYS A 50 -1.30 -20.96 4.51
C LYS A 50 -1.92 -19.88 5.39
N LYS A 51 -1.12 -18.89 5.77
CA LYS A 51 -1.59 -17.80 6.60
C LYS A 51 -2.11 -16.64 5.75
N LYS A 52 -3.03 -15.87 6.33
CA LYS A 52 -3.61 -14.73 5.62
C LYS A 52 -3.49 -13.45 6.45
N VAL A 53 -3.11 -12.36 5.81
CA VAL A 53 -2.96 -11.08 6.48
C VAL A 53 -3.67 -9.96 5.71
N THR A 54 -4.65 -9.35 6.36
CA THR A 54 -5.41 -8.26 5.74
C THR A 54 -4.86 -6.91 6.14
N LEU A 55 -4.17 -6.24 5.22
CA LEU A 55 -3.58 -4.93 5.49
C LEU A 55 -4.63 -3.83 5.35
N HIS A 56 -5.09 -3.31 6.48
CA HIS A 56 -6.10 -2.26 6.48
C HIS A 56 -5.44 -0.89 6.36
N ILE A 57 -5.54 -0.28 5.18
CA ILE A 57 -4.96 1.03 4.93
C ILE A 57 -6.00 2.13 5.05
N LYS A 58 -5.57 3.32 5.46
CA LYS A 58 -6.47 4.45 5.60
C LYS A 58 -6.08 5.58 4.67
N TRP A 59 -4.78 5.85 4.58
CA TRP A 59 -4.27 6.91 3.71
C TRP A 59 -3.73 6.33 2.41
N PRO A 60 -4.03 7.01 1.29
CA PRO A 60 -4.83 8.23 1.29
C PRO A 60 -6.29 7.97 1.64
N LYS A 61 -6.83 6.89 1.09
CA LYS A 61 -8.22 6.52 1.35
C LYS A 61 -8.31 5.22 2.14
N SER A 62 -9.51 4.89 2.60
CA SER A 62 -9.73 3.68 3.38
C SER A 62 -9.81 2.46 2.47
N VAL A 63 -8.76 1.63 2.50
CA VAL A 63 -8.72 0.43 1.67
C VAL A 63 -8.12 -0.74 2.44
N GLU A 64 -8.26 -1.94 1.89
CA GLU A 64 -7.72 -3.13 2.52
C GLU A 64 -7.27 -4.16 1.47
N VAL A 65 -6.24 -4.91 1.80
CA VAL A 65 -5.71 -5.93 0.89
C VAL A 65 -5.34 -7.20 1.64
N GLU A 66 -5.43 -8.33 0.95
CA GLU A 66 -5.10 -9.62 1.55
C GLU A 66 -3.69 -10.07 1.14
N GLY A 67 -2.95 -10.60 2.11
CA GLY A 67 -1.59 -11.05 1.83
C GLY A 67 -1.30 -12.40 2.47
N TYR A 68 -1.01 -13.38 1.63
CA TYR A 68 -0.71 -14.73 2.11
C TYR A 68 0.77 -15.04 1.96
N GLY A 69 1.19 -16.20 2.47
CA GLY A 69 2.58 -16.61 2.38
C GLY A 69 2.91 -17.76 3.30
N SER A 70 3.78 -18.64 2.85
CA SER A 70 4.19 -19.80 3.64
C SER A 70 4.58 -19.39 5.06
N LYS A 71 5.43 -18.38 5.16
CA LYS A 71 5.88 -17.88 6.45
C LYS A 71 5.11 -16.63 6.85
N LYS A 72 5.49 -16.04 7.98
CA LYS A 72 4.84 -14.84 8.48
C LYS A 72 5.18 -13.64 7.59
N ILE A 73 6.44 -13.52 7.22
CA ILE A 73 6.89 -12.42 6.38
C ILE A 73 6.23 -12.47 5.01
N ASP A 74 6.16 -13.66 4.44
CA ASP A 74 5.53 -13.85 3.13
C ASP A 74 4.10 -13.32 3.14
N ALA A 75 3.40 -13.51 4.25
CA ALA A 75 2.03 -13.06 4.38
C ALA A 75 1.94 -11.53 4.36
N GLU A 76 2.39 -10.91 5.45
CA GLU A 76 2.36 -9.46 5.55
C GLU A 76 3.08 -8.81 4.37
N ARG A 77 4.16 -9.43 3.93
CA ARG A 77 4.93 -8.92 2.80
C ARG A 77 4.06 -8.81 1.55
N GLN A 78 3.21 -9.81 1.33
CA GLN A 78 2.33 -9.82 0.18
C GLN A 78 1.28 -8.72 0.28
N ALA A 79 0.64 -8.62 1.44
CA ALA A 79 -0.39 -7.61 1.67
C ALA A 79 0.14 -6.22 1.32
N ALA A 80 1.30 -5.87 1.85
CA ALA A 80 1.90 -4.57 1.59
C ALA A 80 2.10 -4.34 0.10
N ALA A 81 2.64 -5.36 -0.59
CA ALA A 81 2.87 -5.28 -2.03
C ALA A 81 1.56 -5.10 -2.79
N ALA A 82 0.51 -5.76 -2.31
CA ALA A 82 -0.80 -5.68 -2.95
C ALA A 82 -1.34 -4.26 -2.92
N ALA A 83 -0.83 -3.46 -1.98
CA ALA A 83 -1.27 -2.07 -1.84
C ALA A 83 -0.37 -1.14 -2.66
N CYS A 84 0.92 -1.43 -2.67
CA CYS A 84 1.88 -0.62 -3.41
C CYS A 84 1.35 -0.28 -4.80
N GLN A 85 0.66 -1.23 -5.40
CA GLN A 85 0.10 -1.04 -6.74
C GLN A 85 -1.02 -0.01 -6.72
N LEU A 86 -1.75 0.04 -5.62
CA LEU A 86 -2.85 0.99 -5.46
C LEU A 86 -2.32 2.42 -5.32
N PHE A 87 -1.21 2.56 -4.62
CA PHE A 87 -0.60 3.86 -4.41
C PHE A 87 -0.06 4.44 -5.72
N LYS A 88 0.71 3.63 -6.44
CA LYS A 88 1.28 4.05 -7.71
C LYS A 88 0.19 4.35 -8.73
N GLY A 89 -0.78 3.45 -8.83
CA GLY A 89 -1.87 3.63 -9.77
C GLY A 89 -2.66 4.89 -9.50
N TRP A 90 -2.88 5.19 -8.22
CA TRP A 90 -3.62 6.38 -7.82
C TRP A 90 -2.88 7.65 -8.20
N GLY A 91 -1.55 7.54 -8.34
CA GLY A 91 -0.75 8.68 -8.69
C GLY A 91 0.05 9.23 -7.52
N LEU A 92 0.35 8.37 -6.57
CA LEU A 92 1.11 8.77 -5.37
C LEU A 92 2.60 8.56 -5.58
N LEU A 93 2.94 7.55 -6.38
CA LEU A 93 4.34 7.24 -6.65
C LEU A 93 4.66 7.42 -8.13
N GLY A 94 3.94 6.70 -8.99
CA GLY A 94 4.17 6.80 -10.42
C GLY A 94 4.56 5.48 -11.04
N PRO A 95 5.09 5.52 -12.27
CA PRO A 95 5.52 4.32 -13.00
C PRO A 95 6.75 3.68 -12.38
N ARG A 96 7.66 4.50 -11.87
CA ARG A 96 8.88 4.01 -11.25
C ARG A 96 8.79 4.09 -9.74
N ASN A 97 7.58 3.98 -9.21
CA ASN A 97 7.35 4.05 -7.77
C ASN A 97 8.24 5.12 -7.13
N GLU A 98 8.28 6.29 -7.74
CA GLU A 98 9.08 7.40 -7.23
C GLU A 98 8.26 8.29 -6.30
N LEU A 99 8.76 8.50 -5.09
CA LEU A 99 8.09 9.33 -4.11
C LEU A 99 7.97 10.77 -4.60
N PHE A 100 7.27 11.60 -3.83
CA PHE A 100 7.08 13.00 -4.19
C PHE A 100 7.34 13.91 -2.99
N ASP A 101 7.22 15.21 -3.20
CA ASP A 101 7.43 16.19 -2.13
C ASP A 101 6.31 16.13 -1.11
N ALA A 102 6.67 16.07 0.17
CA ALA A 102 5.68 16.02 1.24
C ALA A 102 4.51 16.94 0.95
N ALA A 103 4.79 18.12 0.42
CA ALA A 103 3.76 19.09 0.09
C ALA A 103 2.73 18.49 -0.87
N LYS A 104 3.21 18.08 -2.04
CA LYS A 104 2.34 17.48 -3.04
C LYS A 104 1.46 16.38 -2.45
N TYR A 105 2.07 15.53 -1.63
CA TYR A 105 1.35 14.44 -0.99
C TYR A 105 0.13 14.96 -0.25
N ARG A 106 0.34 15.99 0.56
CA ARG A 106 -0.75 16.59 1.34
C ARG A 106 -1.94 16.90 0.44
N VAL A 107 -1.67 17.45 -0.73
CA VAL A 107 -2.72 17.81 -1.68
C VAL A 107 -3.28 16.56 -2.36
N LEU A 108 -2.41 15.62 -2.68
CA LEU A 108 -2.81 14.39 -3.33
C LEU A 108 -3.88 13.66 -2.51
N ALA A 109 -3.57 13.41 -1.25
CA ALA A 109 -4.51 12.72 -0.37
C ALA A 109 -5.87 13.43 -0.34
N ASP A 110 -5.83 14.76 -0.43
CA ASP A 110 -7.06 15.54 -0.42
C ASP A 110 -7.97 15.14 -1.57
N ARG A 111 -7.38 14.91 -2.74
CA ARG A 111 -8.14 14.52 -3.92
C ARG A 111 -8.96 13.26 -3.64
N PHE A 112 -8.65 12.58 -2.54
CA PHE A 112 -9.36 11.37 -2.17
C PHE A 112 -10.41 11.66 -1.10
N GLY A 113 -10.74 12.94 -0.93
CA GLY A 113 -11.73 13.33 0.06
C GLY A 113 -12.64 14.44 -0.45
N SER A 114 -12.65 15.55 0.27
CA SER A 114 -13.48 16.70 -0.10
C SER A 114 -12.72 17.64 -1.02
N GLY A 115 -13.16 17.72 -2.28
CA GLY A 115 -12.51 18.59 -3.24
C GLY A 115 -12.99 18.35 -4.65
N PRO A 116 -12.51 17.27 -5.28
CA PRO A 116 -12.88 16.90 -6.65
C PRO A 116 -14.32 16.43 -6.76
N SER A 117 -14.98 16.30 -5.60
CA SER A 117 -16.36 15.84 -5.56
C SER A 117 -16.48 14.40 -6.04
N SER A 118 -15.57 13.55 -5.57
CA SER A 118 -15.57 12.15 -5.96
C SER A 118 -16.53 11.34 -5.09
N GLY A 119 -16.96 10.21 -5.61
CA GLY A 119 -17.88 9.36 -4.87
C GLY A 119 -18.46 8.24 -5.71
N GLY A 1 -9.01 -8.98 -30.41
CA GLY A 1 -8.81 -10.42 -30.44
C GLY A 1 -8.44 -10.98 -29.07
N SER A 2 -7.25 -10.64 -28.60
CA SER A 2 -6.78 -11.12 -27.30
C SER A 2 -7.66 -10.58 -26.18
N SER A 3 -7.68 -11.30 -25.06
CA SER A 3 -8.48 -10.90 -23.90
C SER A 3 -7.68 -11.04 -22.61
N GLY A 4 -8.22 -10.48 -21.53
CA GLY A 4 -7.55 -10.55 -20.24
C GLY A 4 -7.61 -9.24 -19.49
N SER A 5 -8.45 -9.18 -18.46
CA SER A 5 -8.60 -7.98 -17.66
C SER A 5 -8.76 -8.33 -16.19
N SER A 6 -8.84 -7.30 -15.34
CA SER A 6 -8.99 -7.49 -13.91
C SER A 6 -8.16 -8.69 -13.43
N GLY A 7 -6.94 -8.78 -13.93
CA GLY A 7 -6.06 -9.88 -13.55
C GLY A 7 -4.60 -9.52 -13.67
N ALA A 8 -3.79 -10.03 -12.75
CA ALA A 8 -2.36 -9.76 -12.74
C ALA A 8 -1.57 -10.98 -13.24
N SER A 9 -0.99 -10.85 -14.42
CA SER A 9 -0.22 -11.93 -15.01
C SER A 9 1.07 -12.18 -14.22
N ARG A 10 1.88 -11.13 -14.09
CA ARG A 10 3.14 -11.22 -13.36
C ARG A 10 2.98 -10.71 -11.93
N ASP A 11 3.47 -11.49 -10.97
CA ASP A 11 3.38 -11.11 -9.57
C ASP A 11 3.62 -9.61 -9.39
N LEU A 12 3.13 -9.07 -8.28
CA LEU A 12 3.28 -7.66 -7.99
C LEU A 12 4.67 -7.37 -7.44
N LEU A 13 5.14 -8.22 -6.54
CA LEU A 13 6.47 -8.06 -5.95
C LEU A 13 7.52 -7.77 -7.01
N LYS A 14 7.35 -8.38 -8.17
CA LYS A 14 8.28 -8.19 -9.28
C LYS A 14 8.66 -6.72 -9.42
N GLU A 15 7.68 -5.83 -9.25
CA GLU A 15 7.92 -4.40 -9.35
C GLU A 15 8.27 -3.81 -7.99
N PHE A 16 7.66 -4.34 -6.93
CA PHE A 16 7.90 -3.86 -5.58
C PHE A 16 8.72 -4.88 -4.79
N PRO A 17 10.04 -4.71 -4.77
CA PRO A 17 10.95 -5.61 -4.05
C PRO A 17 10.83 -5.47 -2.54
N GLN A 18 10.68 -4.23 -2.08
CA GLN A 18 10.55 -3.96 -0.65
C GLN A 18 9.29 -3.14 -0.36
N PRO A 19 8.14 -3.82 -0.34
CA PRO A 19 6.85 -3.17 -0.07
C PRO A 19 6.72 -2.70 1.37
N LYS A 20 7.48 -3.33 2.26
CA LYS A 20 7.46 -2.97 3.68
C LYS A 20 8.02 -1.57 3.90
N ASN A 21 9.20 -1.32 3.32
CA ASN A 21 9.84 -0.01 3.46
C ASN A 21 9.24 0.99 2.49
N LEU A 22 8.83 0.51 1.32
CA LEU A 22 8.24 1.37 0.29
C LEU A 22 6.92 1.95 0.77
N LEU A 23 5.93 1.07 0.97
CA LEU A 23 4.62 1.50 1.42
C LEU A 23 4.73 2.44 2.62
N ASN A 24 5.36 1.96 3.69
CA ASN A 24 5.54 2.76 4.90
C ASN A 24 6.18 4.10 4.57
N SER A 25 7.23 4.07 3.76
CA SER A 25 7.93 5.30 3.37
C SER A 25 6.94 6.32 2.80
N VAL A 26 6.03 5.85 1.96
CA VAL A 26 5.03 6.73 1.36
C VAL A 26 4.32 7.57 2.41
N ILE A 27 3.42 6.94 3.15
CA ILE A 27 2.68 7.63 4.19
C ILE A 27 3.61 8.39 5.13
N GLY A 28 4.81 7.84 5.33
CA GLY A 28 5.78 8.48 6.19
C GLY A 28 6.11 9.90 5.77
N ARG A 29 6.10 10.13 4.46
CA ARG A 29 6.40 11.45 3.92
C ARG A 29 5.15 12.33 3.88
N ALA A 30 4.06 11.75 3.41
CA ALA A 30 2.79 12.48 3.33
C ALA A 30 2.33 12.93 4.71
N LEU A 31 2.26 11.99 5.64
CA LEU A 31 1.82 12.28 7.00
C LEU A 31 3.01 12.23 7.97
N GLY A 32 3.52 11.02 8.20
CA GLY A 32 4.65 10.87 9.10
C GLY A 32 4.84 9.43 9.55
N ILE A 33 6.05 8.91 9.41
CA ILE A 33 6.35 7.55 9.80
C ILE A 33 5.64 7.18 11.11
N SER A 34 5.59 8.14 12.03
CA SER A 34 4.95 7.92 13.32
C SER A 34 3.47 7.60 13.14
N HIS A 35 2.77 8.45 12.41
CA HIS A 35 1.34 8.26 12.16
C HIS A 35 1.09 7.02 11.31
N ALA A 36 1.90 6.86 10.26
CA ALA A 36 1.78 5.72 9.37
C ALA A 36 1.54 4.43 10.16
N LYS A 37 2.13 4.35 11.34
CA LYS A 37 1.99 3.17 12.20
C LYS A 37 0.55 2.67 12.18
N ASP A 38 -0.38 3.54 12.58
CA ASP A 38 -1.80 3.17 12.61
C ASP A 38 -2.37 3.11 11.20
N LYS A 39 -2.03 4.09 10.37
CA LYS A 39 -2.50 4.15 9.00
C LYS A 39 -2.48 2.77 8.35
N LEU A 40 -1.40 2.02 8.62
CA LEU A 40 -1.25 0.68 8.07
C LEU A 40 -1.43 -0.38 9.15
N VAL A 41 -2.50 -1.15 9.05
CA VAL A 41 -2.79 -2.21 10.01
C VAL A 41 -2.71 -3.58 9.36
N TYR A 42 -2.21 -4.55 10.11
CA TYR A 42 -2.09 -5.92 9.62
C TYR A 42 -2.90 -6.90 10.47
N VAL A 43 -3.86 -7.55 9.83
CA VAL A 43 -4.71 -8.51 10.52
C VAL A 43 -4.39 -9.95 10.10
N HIS A 44 -4.00 -10.77 11.07
CA HIS A 44 -3.65 -12.15 10.80
C HIS A 44 -4.87 -13.05 10.97
N THR A 45 -4.86 -14.21 10.30
CA THR A 45 -5.96 -15.15 10.36
C THR A 45 -5.45 -16.58 10.48
N ASN A 46 -6.04 -17.35 11.41
CA ASN A 46 -5.65 -18.73 11.62
C ASN A 46 -6.78 -19.68 11.25
N GLY A 47 -6.51 -20.59 10.31
CA GLY A 47 -7.52 -21.54 9.89
C GLY A 47 -7.04 -22.41 8.75
N PRO A 48 -6.89 -21.81 7.57
CA PRO A 48 -6.44 -22.52 6.36
C PRO A 48 -4.98 -22.94 6.46
N LYS A 49 -4.56 -23.81 5.54
CA LYS A 49 -3.18 -24.29 5.51
C LYS A 49 -2.20 -23.13 5.56
N LYS A 50 -2.28 -22.25 4.56
CA LYS A 50 -1.39 -21.09 4.49
C LYS A 50 -1.96 -19.93 5.30
N LYS A 51 -1.08 -19.08 5.81
CA LYS A 51 -1.48 -17.93 6.59
C LYS A 51 -1.94 -16.79 5.67
N LYS A 52 -2.93 -16.02 6.14
CA LYS A 52 -3.45 -14.90 5.37
C LYS A 52 -3.49 -13.63 6.21
N VAL A 53 -2.94 -12.55 5.67
CA VAL A 53 -2.91 -11.28 6.38
C VAL A 53 -3.61 -10.19 5.57
N THR A 54 -4.53 -9.49 6.21
CA THR A 54 -5.28 -8.42 5.55
C THR A 54 -4.77 -7.05 5.98
N LEU A 55 -4.09 -6.36 5.07
CA LEU A 55 -3.55 -5.04 5.35
C LEU A 55 -4.63 -3.96 5.22
N HIS A 56 -5.01 -3.38 6.36
CA HIS A 56 -6.04 -2.34 6.38
C HIS A 56 -5.40 -0.95 6.27
N ILE A 57 -5.51 -0.34 5.10
CA ILE A 57 -4.95 0.98 4.87
C ILE A 57 -6.03 2.05 4.98
N LYS A 58 -5.63 3.23 5.48
CA LYS A 58 -6.56 4.34 5.63
C LYS A 58 -6.17 5.50 4.72
N TRP A 59 -4.88 5.79 4.66
CA TRP A 59 -4.37 6.87 3.83
C TRP A 59 -3.80 6.34 2.53
N PRO A 60 -4.07 7.03 1.42
CA PRO A 60 -4.89 8.25 1.43
C PRO A 60 -6.36 7.96 1.74
N LYS A 61 -6.88 6.89 1.15
CA LYS A 61 -8.27 6.50 1.36
C LYS A 61 -8.35 5.19 2.14
N SER A 62 -9.57 4.84 2.57
CA SER A 62 -9.78 3.62 3.32
C SER A 62 -9.85 2.40 2.40
N VAL A 63 -8.82 1.57 2.45
CA VAL A 63 -8.77 0.37 1.62
C VAL A 63 -8.12 -0.79 2.36
N GLU A 64 -8.26 -1.99 1.81
CA GLU A 64 -7.68 -3.18 2.42
C GLU A 64 -7.20 -4.16 1.35
N VAL A 65 -6.20 -4.97 1.71
CA VAL A 65 -5.65 -5.96 0.78
C VAL A 65 -5.25 -7.23 1.51
N GLU A 66 -5.17 -8.33 0.76
CA GLU A 66 -4.80 -9.62 1.34
C GLU A 66 -3.35 -9.97 1.01
N GLY A 67 -2.71 -10.72 1.91
CA GLY A 67 -1.33 -11.10 1.70
C GLY A 67 -1.05 -12.52 2.15
N TYR A 68 -0.85 -13.42 1.18
CA TYR A 68 -0.58 -14.82 1.49
C TYR A 68 0.92 -15.09 1.47
N GLY A 69 1.30 -16.25 2.00
CA GLY A 69 2.70 -16.62 2.04
C GLY A 69 2.96 -17.85 2.88
N SER A 70 4.11 -18.49 2.66
CA SER A 70 4.47 -19.69 3.40
C SER A 70 4.63 -19.38 4.90
N LYS A 71 5.30 -18.28 5.19
CA LYS A 71 5.53 -17.88 6.58
C LYS A 71 4.81 -16.57 6.87
N LYS A 72 4.95 -16.10 8.11
CA LYS A 72 4.31 -14.85 8.54
C LYS A 72 4.85 -13.67 7.74
N ILE A 73 6.18 -13.62 7.58
CA ILE A 73 6.82 -12.54 6.84
C ILE A 73 6.38 -12.55 5.37
N ASP A 74 6.25 -13.74 4.81
CA ASP A 74 5.83 -13.88 3.42
C ASP A 74 4.43 -13.34 3.21
N ALA A 75 3.53 -13.67 4.13
CA ALA A 75 2.15 -13.20 4.05
C ALA A 75 2.07 -11.69 4.18
N GLU A 76 2.60 -11.16 5.27
CA GLU A 76 2.59 -9.73 5.51
C GLU A 76 3.20 -8.97 4.34
N ARG A 77 4.37 -9.40 3.90
CA ARG A 77 5.06 -8.77 2.79
C ARG A 77 4.13 -8.62 1.59
N GLN A 78 3.37 -9.68 1.29
CA GLN A 78 2.44 -9.65 0.18
C GLN A 78 1.39 -8.58 0.36
N ALA A 79 0.68 -8.63 1.48
CA ALA A 79 -0.36 -7.64 1.78
C ALA A 79 0.08 -6.24 1.37
N ALA A 80 1.26 -5.84 1.82
CA ALA A 80 1.79 -4.52 1.50
C ALA A 80 1.93 -4.34 -0.01
N ALA A 81 2.69 -5.22 -0.64
CA ALA A 81 2.90 -5.16 -2.08
C ALA A 81 1.58 -5.00 -2.82
N ALA A 82 0.57 -5.75 -2.39
CA ALA A 82 -0.74 -5.69 -3.02
C ALA A 82 -1.28 -4.26 -3.04
N ALA A 83 -0.84 -3.46 -2.08
CA ALA A 83 -1.28 -2.08 -1.98
C ALA A 83 -0.37 -1.16 -2.81
N CYS A 84 0.90 -1.50 -2.87
CA CYS A 84 1.86 -0.70 -3.63
C CYS A 84 1.32 -0.36 -5.01
N GLN A 85 0.61 -1.32 -5.61
CA GLN A 85 0.03 -1.11 -6.93
C GLN A 85 -1.09 -0.07 -6.89
N LEU A 86 -1.82 -0.06 -5.78
CA LEU A 86 -2.93 0.88 -5.61
C LEU A 86 -2.42 2.30 -5.48
N PHE A 87 -1.30 2.47 -4.77
CA PHE A 87 -0.71 3.78 -4.56
C PHE A 87 -0.18 4.35 -5.88
N LYS A 88 0.63 3.55 -6.58
CA LYS A 88 1.20 3.97 -7.85
C LYS A 88 0.10 4.29 -8.86
N GLY A 89 -0.95 3.47 -8.86
CA GLY A 89 -2.06 3.68 -9.78
C GLY A 89 -2.78 4.98 -9.53
N TRP A 90 -2.95 5.32 -8.26
CA TRP A 90 -3.65 6.55 -7.89
C TRP A 90 -2.81 7.77 -8.26
N GLY A 91 -1.49 7.59 -8.33
CA GLY A 91 -0.61 8.69 -8.68
C GLY A 91 0.16 9.20 -7.48
N LEU A 92 0.45 8.32 -6.54
CA LEU A 92 1.19 8.69 -5.33
C LEU A 92 2.67 8.39 -5.48
N LEU A 93 2.99 7.44 -6.35
CA LEU A 93 4.38 7.06 -6.60
C LEU A 93 4.75 7.29 -8.06
N GLY A 94 4.17 6.49 -8.96
CA GLY A 94 4.47 6.63 -10.37
C GLY A 94 4.82 5.30 -11.02
N PRO A 95 5.43 5.38 -12.21
CA PRO A 95 5.84 4.18 -12.96
C PRO A 95 7.01 3.45 -12.30
N ARG A 96 7.96 4.22 -11.79
CA ARG A 96 9.13 3.64 -11.12
C ARG A 96 8.96 3.66 -9.60
N ASN A 97 7.70 3.60 -9.15
CA ASN A 97 7.41 3.61 -7.73
C ASN A 97 8.29 4.62 -7.00
N GLU A 98 8.36 5.84 -7.53
CA GLU A 98 9.17 6.90 -6.93
C GLU A 98 8.30 7.83 -6.08
N LEU A 99 8.78 8.13 -4.87
CA LEU A 99 8.05 9.00 -3.97
C LEU A 99 7.86 10.39 -4.58
N PHE A 100 7.20 11.27 -3.85
CA PHE A 100 6.94 12.63 -4.31
C PHE A 100 7.32 13.66 -3.25
N ASP A 101 7.03 14.92 -3.53
CA ASP A 101 7.33 16.00 -2.59
C ASP A 101 6.27 16.08 -1.49
N ALA A 102 6.71 16.13 -0.24
CA ALA A 102 5.79 16.22 0.89
C ALA A 102 4.58 17.09 0.55
N ALA A 103 4.83 18.24 -0.06
CA ALA A 103 3.77 19.16 -0.43
C ALA A 103 2.72 18.46 -1.30
N LYS A 104 3.17 17.95 -2.45
CA LYS A 104 2.28 17.25 -3.37
C LYS A 104 1.46 16.19 -2.64
N TYR A 105 2.12 15.45 -1.76
CA TYR A 105 1.46 14.41 -1.00
C TYR A 105 0.27 14.97 -0.20
N ARG A 106 0.50 16.10 0.45
CA ARG A 106 -0.54 16.75 1.24
C ARG A 106 -1.81 16.97 0.40
N VAL A 107 -1.61 17.36 -0.86
CA VAL A 107 -2.73 17.61 -1.77
C VAL A 107 -3.30 16.30 -2.31
N LEU A 108 -2.41 15.39 -2.69
CA LEU A 108 -2.82 14.09 -3.22
C LEU A 108 -3.81 13.41 -2.29
N ALA A 109 -3.63 13.63 -0.99
CA ALA A 109 -4.52 13.04 0.02
C ALA A 109 -5.81 13.83 0.14
N ASP A 110 -5.72 15.14 -0.07
CA ASP A 110 -6.89 16.00 0.02
C ASP A 110 -8.01 15.51 -0.89
N ARG A 111 -7.71 15.41 -2.19
CA ARG A 111 -8.70 14.96 -3.16
C ARG A 111 -9.51 13.79 -2.61
N PHE A 112 -8.87 12.98 -1.77
CA PHE A 112 -9.53 11.83 -1.18
C PHE A 112 -10.25 12.21 0.12
N GLY A 113 -9.63 13.12 0.88
CA GLY A 113 -10.22 13.56 2.13
C GLY A 113 -9.18 13.91 3.17
N SER A 114 -9.54 14.81 4.09
CA SER A 114 -8.62 15.23 5.14
C SER A 114 -8.82 14.40 6.40
N GLY A 115 -10.01 14.49 6.98
CA GLY A 115 -10.32 13.74 8.19
C GLY A 115 -10.66 14.64 9.35
N PRO A 116 -9.65 15.02 10.14
CA PRO A 116 -9.83 15.89 11.31
C PRO A 116 -10.19 17.32 10.92
N SER A 117 -9.71 17.75 9.76
CA SER A 117 -9.97 19.09 9.27
C SER A 117 -11.42 19.23 8.80
N SER A 118 -12.02 20.38 9.08
CA SER A 118 -13.40 20.64 8.69
C SER A 118 -13.56 20.57 7.18
N GLY A 119 -12.65 21.24 6.46
CA GLY A 119 -12.71 21.24 5.01
C GLY A 119 -13.63 22.31 4.47
N GLY A 1 1.12 -4.59 -18.86
CA GLY A 1 1.81 -5.13 -20.01
C GLY A 1 0.88 -5.77 -21.01
N SER A 2 1.10 -7.05 -21.29
CA SER A 2 0.27 -7.78 -22.24
C SER A 2 -0.74 -8.66 -21.51
N SER A 3 -1.88 -8.91 -22.15
CA SER A 3 -2.93 -9.73 -21.57
C SER A 3 -2.59 -11.22 -21.71
N GLY A 4 -2.30 -11.85 -20.58
CA GLY A 4 -1.98 -13.27 -20.60
C GLY A 4 -2.08 -13.90 -19.22
N SER A 5 -3.30 -13.94 -18.69
CA SER A 5 -3.54 -14.53 -17.37
C SER A 5 -3.69 -16.04 -17.47
N SER A 6 -2.83 -16.67 -18.26
CA SER A 6 -2.89 -18.12 -18.44
C SER A 6 -1.54 -18.76 -18.07
N GLY A 7 -1.56 -19.62 -17.07
CA GLY A 7 -0.35 -20.29 -16.64
C GLY A 7 0.34 -19.57 -15.49
N ALA A 8 1.48 -18.95 -15.78
CA ALA A 8 2.23 -18.22 -14.76
C ALA A 8 1.34 -17.22 -14.03
N SER A 9 1.28 -17.36 -12.71
CA SER A 9 0.45 -16.46 -11.89
C SER A 9 1.02 -15.06 -11.88
N ARG A 10 0.19 -14.08 -11.51
CA ARG A 10 0.61 -12.70 -11.46
C ARG A 10 1.35 -12.39 -10.16
N ASP A 11 2.62 -12.04 -10.29
CA ASP A 11 3.44 -11.73 -9.12
C ASP A 11 3.65 -10.22 -8.99
N LEU A 12 2.94 -9.61 -8.05
CA LEU A 12 3.03 -8.17 -7.82
C LEU A 12 4.43 -7.80 -7.33
N LEU A 13 4.96 -8.57 -6.39
CA LEU A 13 6.29 -8.32 -5.84
C LEU A 13 7.28 -7.98 -6.95
N LYS A 14 7.11 -8.64 -8.10
CA LYS A 14 7.99 -8.40 -9.24
C LYS A 14 8.27 -6.91 -9.42
N GLU A 15 7.23 -6.10 -9.29
CA GLU A 15 7.37 -4.65 -9.44
C GLU A 15 7.75 -4.01 -8.11
N PHE A 16 7.22 -4.55 -7.02
CA PHE A 16 7.51 -4.03 -5.69
C PHE A 16 8.38 -5.00 -4.90
N PRO A 17 9.69 -4.75 -4.87
CA PRO A 17 10.65 -5.59 -4.16
C PRO A 17 10.51 -5.48 -2.65
N GLN A 18 10.38 -4.24 -2.15
CA GLN A 18 10.23 -4.00 -0.73
C GLN A 18 8.97 -3.21 -0.45
N PRO A 19 7.81 -3.90 -0.44
CA PRO A 19 6.52 -3.28 -0.17
C PRO A 19 6.37 -2.84 1.28
N LYS A 20 6.90 -3.64 2.19
CA LYS A 20 6.83 -3.34 3.61
C LYS A 20 7.51 -2.01 3.92
N ASN A 21 8.58 -1.71 3.19
CA ASN A 21 9.32 -0.47 3.38
C ASN A 21 8.79 0.63 2.45
N LEU A 22 8.50 0.25 1.21
CA LEU A 22 7.99 1.21 0.22
C LEU A 22 6.68 1.83 0.70
N LEU A 23 5.70 0.98 0.99
CA LEU A 23 4.40 1.44 1.46
C LEU A 23 4.55 2.40 2.63
N ASN A 24 5.21 1.94 3.68
CA ASN A 24 5.42 2.77 4.87
C ASN A 24 6.00 4.12 4.49
N SER A 25 7.14 4.10 3.81
CA SER A 25 7.79 5.35 3.39
C SER A 25 6.78 6.34 2.84
N VAL A 26 5.93 5.87 1.93
CA VAL A 26 4.90 6.71 1.33
C VAL A 26 4.14 7.50 2.39
N ILE A 27 3.28 6.81 3.12
CA ILE A 27 2.48 7.44 4.17
C ILE A 27 3.37 8.22 5.12
N GLY A 28 4.57 7.71 5.37
CA GLY A 28 5.50 8.39 6.27
C GLY A 28 5.88 9.76 5.77
N ARG A 29 6.12 9.88 4.47
CA ARG A 29 6.49 11.16 3.88
C ARG A 29 5.28 12.08 3.75
N ALA A 30 4.13 11.50 3.44
CA ALA A 30 2.90 12.26 3.30
C ALA A 30 2.47 12.86 4.63
N LEU A 31 2.21 11.99 5.60
CA LEU A 31 1.79 12.43 6.92
C LEU A 31 2.94 12.38 7.91
N GLY A 32 3.38 11.18 8.26
CA GLY A 32 4.49 11.02 9.19
C GLY A 32 4.67 9.59 9.64
N ILE A 33 5.89 9.08 9.49
CA ILE A 33 6.19 7.71 9.89
C ILE A 33 5.47 7.34 11.18
N SER A 34 5.37 8.30 12.09
CA SER A 34 4.71 8.07 13.37
C SER A 34 3.23 7.71 13.17
N HIS A 35 2.58 8.43 12.26
CA HIS A 35 1.17 8.19 11.96
C HIS A 35 1.00 6.93 11.12
N ALA A 36 1.72 6.86 10.00
CA ALA A 36 1.65 5.71 9.12
C ALA A 36 1.57 4.41 9.91
N LYS A 37 2.15 4.42 11.10
CA LYS A 37 2.16 3.24 11.96
C LYS A 37 0.74 2.71 12.16
N ASP A 38 -0.17 3.60 12.54
CA ASP A 38 -1.56 3.22 12.76
C ASP A 38 -2.29 3.05 11.44
N LYS A 39 -2.25 4.09 10.61
CA LYS A 39 -2.91 4.05 9.31
C LYS A 39 -2.72 2.70 8.63
N LEU A 40 -1.61 2.04 8.94
CA LEU A 40 -1.30 0.74 8.36
C LEU A 40 -1.48 -0.37 9.40
N VAL A 41 -2.59 -1.09 9.31
CA VAL A 41 -2.86 -2.19 10.24
C VAL A 41 -2.73 -3.54 9.56
N TYR A 42 -2.19 -4.51 10.28
CA TYR A 42 -2.00 -5.85 9.74
C TYR A 42 -2.77 -6.88 10.56
N VAL A 43 -3.83 -7.43 9.98
CA VAL A 43 -4.64 -8.43 10.66
C VAL A 43 -4.21 -9.84 10.28
N HIS A 44 -3.61 -10.54 11.24
CA HIS A 44 -3.14 -11.91 11.02
C HIS A 44 -4.30 -12.90 11.15
N THR A 45 -4.47 -13.74 10.14
CA THR A 45 -5.53 -14.74 10.14
C THR A 45 -4.98 -16.13 9.86
N ASN A 46 -5.76 -17.15 10.20
CA ASN A 46 -5.35 -18.53 9.99
C ASN A 46 -6.52 -19.38 9.48
N GLY A 47 -6.21 -20.56 8.95
CA GLY A 47 -7.25 -21.44 8.45
C GLY A 47 -6.71 -22.43 7.42
N PRO A 48 -6.35 -21.91 6.24
CA PRO A 48 -5.82 -22.75 5.16
C PRO A 48 -4.43 -23.28 5.46
N LYS A 49 -3.77 -23.81 4.44
CA LYS A 49 -2.42 -24.36 4.60
C LYS A 49 -1.41 -23.24 4.82
N LYS A 50 -1.68 -22.07 4.24
CA LYS A 50 -0.78 -20.92 4.38
C LYS A 50 -1.40 -19.86 5.27
N LYS A 51 -0.60 -18.87 5.66
CA LYS A 51 -1.08 -17.79 6.51
C LYS A 51 -1.63 -16.64 5.67
N LYS A 52 -2.59 -15.90 6.23
CA LYS A 52 -3.20 -14.78 5.54
C LYS A 52 -3.18 -13.53 6.41
N VAL A 53 -2.87 -12.39 5.81
CA VAL A 53 -2.82 -11.13 6.52
C VAL A 53 -3.56 -10.03 5.77
N THR A 54 -4.54 -9.41 6.44
CA THR A 54 -5.32 -8.35 5.82
C THR A 54 -4.81 -6.98 6.24
N LEU A 55 -4.15 -6.30 5.30
CA LEU A 55 -3.61 -4.97 5.57
C LEU A 55 -4.68 -3.89 5.43
N HIS A 56 -5.04 -3.28 6.54
CA HIS A 56 -6.07 -2.23 6.55
C HIS A 56 -5.43 -0.85 6.49
N ILE A 57 -5.47 -0.24 5.31
CA ILE A 57 -4.90 1.09 5.12
C ILE A 57 -5.95 2.18 5.28
N LYS A 58 -5.51 3.36 5.70
CA LYS A 58 -6.42 4.48 5.90
C LYS A 58 -6.05 5.64 4.97
N TRP A 59 -4.76 5.91 4.85
CA TRP A 59 -4.28 6.99 3.99
C TRP A 59 -3.78 6.45 2.66
N PRO A 60 -4.12 7.15 1.57
CA PRO A 60 -4.91 8.38 1.64
C PRO A 60 -6.36 8.11 2.01
N LYS A 61 -6.93 7.04 1.45
CA LYS A 61 -8.31 6.66 1.73
C LYS A 61 -8.37 5.35 2.51
N SER A 62 -9.55 5.01 3.00
CA SER A 62 -9.75 3.78 3.76
C SER A 62 -9.85 2.58 2.82
N VAL A 63 -8.80 1.76 2.80
CA VAL A 63 -8.78 0.57 1.95
C VAL A 63 -8.14 -0.61 2.69
N GLU A 64 -8.34 -1.80 2.14
CA GLU A 64 -7.78 -3.01 2.73
C GLU A 64 -7.39 -4.02 1.65
N VAL A 65 -6.39 -4.84 1.97
CA VAL A 65 -5.91 -5.84 1.03
C VAL A 65 -5.54 -7.14 1.75
N GLU A 66 -5.17 -8.16 0.98
CA GLU A 66 -4.80 -9.45 1.53
C GLU A 66 -3.36 -9.80 1.18
N GLY A 67 -2.68 -10.49 2.10
CA GLY A 67 -1.30 -10.88 1.86
C GLY A 67 -1.01 -12.29 2.30
N TYR A 68 -0.82 -13.18 1.34
CA TYR A 68 -0.54 -14.59 1.64
C TYR A 68 0.97 -14.84 1.66
N GLY A 69 1.35 -16.03 2.13
CA GLY A 69 2.76 -16.38 2.20
C GLY A 69 3.00 -17.65 3.01
N SER A 70 4.16 -18.26 2.80
CA SER A 70 4.51 -19.48 3.51
C SER A 70 4.71 -19.21 5.00
N LYS A 71 5.52 -18.20 5.31
CA LYS A 71 5.79 -17.84 6.69
C LYS A 71 5.00 -16.59 7.09
N LYS A 72 5.06 -16.24 8.37
CA LYS A 72 4.35 -15.07 8.87
C LYS A 72 4.90 -13.80 8.25
N ILE A 73 6.21 -13.74 8.08
CA ILE A 73 6.87 -12.58 7.49
C ILE A 73 6.51 -12.44 6.01
N ASP A 74 6.27 -13.57 5.35
CA ASP A 74 5.92 -13.58 3.94
C ASP A 74 4.50 -13.07 3.73
N ALA A 75 3.57 -13.56 4.55
CA ALA A 75 2.17 -13.16 4.46
C ALA A 75 2.03 -11.64 4.52
N GLU A 76 2.72 -11.03 5.48
CA GLU A 76 2.68 -9.58 5.65
C GLU A 76 3.17 -8.87 4.39
N ARG A 77 4.38 -9.21 3.97
CA ARG A 77 4.98 -8.60 2.78
C ARG A 77 3.95 -8.49 1.66
N GLN A 78 3.37 -9.63 1.27
CA GLN A 78 2.38 -9.66 0.21
C GLN A 78 1.30 -8.61 0.45
N ALA A 79 0.75 -8.60 1.65
CA ALA A 79 -0.30 -7.65 2.01
C ALA A 79 0.08 -6.23 1.57
N ALA A 80 1.25 -5.78 2.00
CA ALA A 80 1.74 -4.45 1.66
C ALA A 80 1.83 -4.28 0.14
N ALA A 81 2.53 -5.19 -0.51
CA ALA A 81 2.70 -5.14 -1.96
C ALA A 81 1.34 -5.01 -2.66
N ALA A 82 0.37 -5.80 -2.20
CA ALA A 82 -0.96 -5.77 -2.79
C ALA A 82 -1.54 -4.36 -2.80
N ALA A 83 -1.07 -3.54 -1.86
CA ALA A 83 -1.53 -2.16 -1.75
C ALA A 83 -0.69 -1.23 -2.62
N CYS A 84 0.59 -1.57 -2.77
CA CYS A 84 1.51 -0.75 -3.57
C CYS A 84 0.93 -0.49 -4.96
N GLN A 85 0.21 -1.48 -5.49
CA GLN A 85 -0.39 -1.36 -6.81
C GLN A 85 -1.43 -0.23 -6.83
N LEU A 86 -2.08 -0.03 -5.69
CA LEU A 86 -3.10 1.01 -5.57
C LEU A 86 -2.46 2.40 -5.56
N PHE A 87 -1.38 2.55 -4.80
CA PHE A 87 -0.68 3.83 -4.69
C PHE A 87 -0.07 4.22 -6.05
N LYS A 88 0.36 3.21 -6.80
CA LYS A 88 0.96 3.46 -8.11
C LYS A 88 -0.07 4.00 -9.09
N GLY A 89 -1.21 3.32 -9.20
CA GLY A 89 -2.26 3.75 -10.10
C GLY A 89 -2.84 5.09 -9.72
N TRP A 90 -3.05 5.29 -8.42
CA TRP A 90 -3.61 6.55 -7.92
C TRP A 90 -2.73 7.73 -8.31
N GLY A 91 -1.42 7.49 -8.36
CA GLY A 91 -0.49 8.55 -8.72
C GLY A 91 0.28 9.08 -7.53
N LEU A 92 0.60 8.19 -6.58
CA LEU A 92 1.33 8.58 -5.39
C LEU A 92 2.81 8.24 -5.52
N LEU A 93 3.11 7.21 -6.32
CA LEU A 93 4.49 6.79 -6.54
C LEU A 93 4.94 7.09 -7.96
N GLY A 94 4.25 6.50 -8.94
CA GLY A 94 4.59 6.73 -10.32
C GLY A 94 4.94 5.44 -11.06
N PRO A 95 5.59 5.58 -12.23
CA PRO A 95 5.98 4.42 -13.04
C PRO A 95 7.11 3.62 -12.40
N ARG A 96 8.09 4.34 -11.83
CA ARG A 96 9.22 3.69 -11.18
C ARG A 96 9.08 3.74 -9.67
N ASN A 97 7.85 3.69 -9.19
CA ASN A 97 7.58 3.73 -7.75
C ASN A 97 8.50 4.73 -7.06
N GLU A 98 8.55 5.94 -7.59
CA GLU A 98 9.39 6.99 -7.01
C GLU A 98 8.56 7.95 -6.16
N LEU A 99 8.78 7.91 -4.85
CA LEU A 99 8.06 8.78 -3.93
C LEU A 99 7.99 10.21 -4.46
N PHE A 100 7.12 11.02 -3.86
CA PHE A 100 6.96 12.41 -4.28
C PHE A 100 7.34 13.35 -3.14
N ASP A 101 7.19 14.66 -3.40
CA ASP A 101 7.51 15.66 -2.40
C ASP A 101 6.39 15.78 -1.37
N ALA A 102 6.77 15.83 -0.09
CA ALA A 102 5.80 15.94 1.00
C ALA A 102 4.64 16.85 0.60
N ALA A 103 4.97 18.05 0.13
CA ALA A 103 3.96 19.01 -0.28
C ALA A 103 2.95 18.38 -1.24
N LYS A 104 3.46 17.80 -2.32
CA LYS A 104 2.61 17.16 -3.32
C LYS A 104 1.69 16.13 -2.67
N TYR A 105 2.27 15.30 -1.79
CA TYR A 105 1.50 14.27 -1.11
C TYR A 105 0.30 14.88 -0.38
N ARG A 106 0.55 15.96 0.35
CA ARG A 106 -0.51 16.64 1.10
C ARG A 106 -1.71 16.91 0.21
N VAL A 107 -1.45 17.27 -1.05
CA VAL A 107 -2.51 17.56 -2.00
C VAL A 107 -3.10 16.28 -2.58
N LEU A 108 -2.23 15.31 -2.85
CA LEU A 108 -2.67 14.03 -3.40
C LEU A 108 -3.68 13.35 -2.48
N ALA A 109 -3.53 13.57 -1.17
CA ALA A 109 -4.43 12.98 -0.19
C ALA A 109 -5.69 13.83 -0.02
N ASP A 110 -5.56 15.13 -0.28
CA ASP A 110 -6.69 16.05 -0.17
C ASP A 110 -7.77 15.71 -1.19
N ARG A 111 -7.38 15.61 -2.45
CA ARG A 111 -8.30 15.30 -3.53
C ARG A 111 -9.15 14.08 -3.17
N PHE A 112 -8.60 13.20 -2.35
CA PHE A 112 -9.30 11.99 -1.93
C PHE A 112 -10.22 12.28 -0.74
N GLY A 113 -9.78 13.19 0.13
CA GLY A 113 -10.57 13.54 1.30
C GLY A 113 -9.84 14.47 2.24
N SER A 114 -10.46 15.61 2.55
CA SER A 114 -9.87 16.59 3.44
C SER A 114 -9.54 15.96 4.80
N GLY A 115 -8.27 15.99 5.17
CA GLY A 115 -7.85 15.43 6.45
C GLY A 115 -8.59 16.05 7.61
N PRO A 116 -8.60 15.34 8.76
CA PRO A 116 -9.26 15.82 9.98
C PRO A 116 -8.55 17.02 10.60
N SER A 117 -9.32 17.86 11.28
CA SER A 117 -8.76 19.05 11.92
C SER A 117 -8.11 18.69 13.25
N SER A 118 -8.80 17.88 14.05
CA SER A 118 -8.29 17.47 15.36
C SER A 118 -8.57 15.99 15.61
N GLY A 119 -7.96 15.45 16.65
CA GLY A 119 -8.16 14.05 16.98
C GLY A 119 -7.20 13.14 16.22
N GLY A 1 -23.14 -12.49 -15.76
CA GLY A 1 -21.69 -12.60 -15.79
C GLY A 1 -21.19 -13.86 -15.09
N SER A 2 -20.06 -14.37 -15.54
CA SER A 2 -19.48 -15.57 -14.96
C SER A 2 -18.13 -15.27 -14.31
N SER A 3 -18.17 -14.79 -13.07
CA SER A 3 -16.95 -14.46 -12.35
C SER A 3 -16.24 -15.73 -11.87
N GLY A 4 -14.94 -15.61 -11.65
CA GLY A 4 -14.16 -16.75 -11.19
C GLY A 4 -12.84 -16.90 -11.92
N SER A 5 -12.89 -16.79 -13.25
CA SER A 5 -11.70 -16.91 -14.07
C SER A 5 -10.78 -15.70 -13.87
N SER A 6 -9.73 -15.88 -13.07
CA SER A 6 -8.78 -14.81 -12.79
C SER A 6 -7.59 -14.88 -13.75
N GLY A 7 -6.75 -13.85 -13.72
CA GLY A 7 -5.59 -13.81 -14.58
C GLY A 7 -4.48 -12.95 -14.02
N ALA A 8 -3.79 -13.48 -13.01
CA ALA A 8 -2.69 -12.75 -12.38
C ALA A 8 -1.42 -13.59 -12.36
N SER A 9 -1.15 -14.27 -13.46
CA SER A 9 0.03 -15.12 -13.56
C SER A 9 1.24 -14.45 -12.91
N ARG A 10 1.59 -13.26 -13.39
CA ARG A 10 2.72 -12.53 -12.86
C ARG A 10 2.46 -12.08 -11.42
N ASP A 11 3.52 -11.97 -10.64
CA ASP A 11 3.40 -11.56 -9.25
C ASP A 11 3.64 -10.06 -9.10
N LEU A 12 2.95 -9.44 -8.15
CA LEU A 12 3.09 -8.01 -7.91
C LEU A 12 4.50 -7.67 -7.42
N LEU A 13 4.99 -8.49 -6.48
CA LEU A 13 6.33 -8.28 -5.93
C LEU A 13 7.33 -7.94 -7.02
N LYS A 14 7.23 -8.64 -8.15
CA LYS A 14 8.12 -8.40 -9.28
C LYS A 14 8.39 -6.92 -9.46
N GLU A 15 7.34 -6.11 -9.31
CA GLU A 15 7.47 -4.67 -9.46
C GLU A 15 7.90 -4.01 -8.15
N PHE A 16 7.41 -4.56 -7.05
CA PHE A 16 7.74 -4.03 -5.73
C PHE A 16 8.69 -4.97 -4.98
N PRO A 17 9.97 -4.56 -4.89
CA PRO A 17 11.00 -5.35 -4.20
C PRO A 17 10.79 -5.40 -2.70
N GLN A 18 10.55 -4.24 -2.09
CA GLN A 18 10.34 -4.15 -0.66
C GLN A 18 9.07 -3.36 -0.34
N PRO A 19 7.92 -4.06 -0.38
CA PRO A 19 6.62 -3.44 -0.10
C PRO A 19 6.46 -3.06 1.37
N LYS A 20 7.17 -3.77 2.24
CA LYS A 20 7.11 -3.51 3.67
C LYS A 20 7.69 -2.13 4.00
N ASN A 21 8.79 -1.79 3.34
CA ASN A 21 9.44 -0.50 3.57
C ASN A 21 8.89 0.55 2.61
N LEU A 22 8.69 0.16 1.36
CA LEU A 22 8.18 1.07 0.34
C LEU A 22 6.85 1.69 0.79
N LEU A 23 5.85 0.84 0.99
CA LEU A 23 4.53 1.30 1.40
C LEU A 23 4.65 2.25 2.61
N ASN A 24 5.26 1.76 3.67
CA ASN A 24 5.45 2.56 4.88
C ASN A 24 6.05 3.93 4.54
N SER A 25 7.15 3.92 3.81
CA SER A 25 7.83 5.16 3.42
C SER A 25 6.84 6.14 2.81
N VAL A 26 5.98 5.64 1.92
CA VAL A 26 4.98 6.47 1.27
C VAL A 26 4.23 7.33 2.28
N ILE A 27 3.39 6.70 3.08
CA ILE A 27 2.61 7.41 4.08
C ILE A 27 3.52 8.16 5.06
N GLY A 28 4.68 7.56 5.35
CA GLY A 28 5.62 8.19 6.25
C GLY A 28 6.04 9.56 5.79
N ARG A 29 6.06 9.77 4.48
CA ARG A 29 6.45 11.06 3.92
C ARG A 29 5.25 12.01 3.85
N ALA A 30 4.10 11.49 3.44
CA ALA A 30 2.89 12.28 3.33
C ALA A 30 2.46 12.81 4.70
N LEU A 31 2.22 11.90 5.63
CA LEU A 31 1.79 12.27 6.98
C LEU A 31 2.97 12.22 7.94
N GLY A 32 3.49 11.02 8.17
CA GLY A 32 4.61 10.85 9.08
C GLY A 32 4.75 9.43 9.58
N ILE A 33 5.94 8.86 9.41
CA ILE A 33 6.19 7.50 9.85
C ILE A 33 5.46 7.18 11.15
N SER A 34 5.56 8.11 12.11
CA SER A 34 4.90 7.93 13.40
C SER A 34 3.42 7.61 13.23
N HIS A 35 2.74 8.41 12.42
CA HIS A 35 1.31 8.21 12.17
C HIS A 35 1.09 6.95 11.34
N ALA A 36 1.83 6.83 10.24
CA ALA A 36 1.70 5.68 9.35
C ALA A 36 1.47 4.40 10.15
N LYS A 37 2.20 4.26 11.26
CA LYS A 37 2.07 3.09 12.12
C LYS A 37 0.64 2.59 12.16
N ASP A 38 -0.25 3.41 12.71
CA ASP A 38 -1.66 3.07 12.82
C ASP A 38 -2.30 2.98 11.44
N LYS A 39 -2.05 3.98 10.61
CA LYS A 39 -2.60 4.02 9.27
C LYS A 39 -2.58 2.65 8.62
N LEU A 40 -1.43 1.97 8.73
CA LEU A 40 -1.27 0.64 8.16
C LEU A 40 -1.44 -0.43 9.23
N VAL A 41 -2.53 -1.18 9.13
CA VAL A 41 -2.82 -2.25 10.09
C VAL A 41 -2.75 -3.62 9.42
N TYR A 42 -2.19 -4.59 10.13
CA TYR A 42 -2.07 -5.95 9.60
C TYR A 42 -2.85 -6.94 10.46
N VAL A 43 -3.79 -7.65 9.85
CA VAL A 43 -4.60 -8.63 10.56
C VAL A 43 -4.23 -10.05 10.16
N HIS A 44 -3.55 -10.75 11.06
CA HIS A 44 -3.12 -12.13 10.80
C HIS A 44 -4.25 -13.11 11.13
N THR A 45 -4.26 -14.24 10.42
CA THR A 45 -5.28 -15.26 10.64
C THR A 45 -4.65 -16.63 10.82
N ASN A 46 -5.36 -17.51 11.53
CA ASN A 46 -4.86 -18.86 11.77
C ASN A 46 -5.95 -19.90 11.48
N GLY A 47 -5.55 -21.02 10.90
CA GLY A 47 -6.51 -22.08 10.59
C GLY A 47 -6.18 -22.79 9.30
N PRO A 48 -6.27 -22.05 8.18
CA PRO A 48 -5.99 -22.61 6.85
C PRO A 48 -4.51 -22.91 6.64
N LYS A 49 -4.22 -23.87 5.77
CA LYS A 49 -2.85 -24.25 5.48
C LYS A 49 -1.94 -23.03 5.39
N LYS A 50 -2.21 -22.18 4.40
CA LYS A 50 -1.42 -20.96 4.20
C LYS A 50 -1.92 -19.84 5.11
N LYS A 51 -1.02 -18.93 5.45
CA LYS A 51 -1.37 -17.80 6.31
C LYS A 51 -1.88 -16.62 5.48
N LYS A 52 -2.84 -15.89 6.03
CA LYS A 52 -3.41 -14.73 5.34
C LYS A 52 -3.34 -13.49 6.22
N VAL A 53 -2.97 -12.36 5.61
CA VAL A 53 -2.88 -11.11 6.35
C VAL A 53 -3.60 -9.99 5.61
N THR A 54 -4.60 -9.41 6.27
CA THR A 54 -5.37 -8.32 5.68
C THR A 54 -4.83 -6.96 6.09
N LEU A 55 -4.17 -6.29 5.16
CA LEU A 55 -3.59 -4.98 5.43
C LEU A 55 -4.66 -3.89 5.32
N HIS A 56 -5.10 -3.38 6.47
CA HIS A 56 -6.12 -2.33 6.51
C HIS A 56 -5.47 -0.96 6.41
N ILE A 57 -5.52 -0.37 5.22
CA ILE A 57 -4.94 0.95 4.98
C ILE A 57 -5.99 2.04 5.14
N LYS A 58 -5.56 3.22 5.56
CA LYS A 58 -6.46 4.35 5.75
C LYS A 58 -6.10 5.49 4.80
N TRP A 59 -4.81 5.74 4.65
CA TRP A 59 -4.34 6.81 3.77
C TRP A 59 -3.86 6.24 2.44
N PRO A 60 -4.21 6.92 1.34
CA PRO A 60 -5.01 8.16 1.39
C PRO A 60 -6.45 7.89 1.81
N LYS A 61 -7.03 6.82 1.27
CA LYS A 61 -8.41 6.45 1.59
C LYS A 61 -8.45 5.15 2.38
N SER A 62 -9.63 4.81 2.90
CA SER A 62 -9.81 3.60 3.68
C SER A 62 -9.91 2.38 2.77
N VAL A 63 -8.82 1.64 2.66
CA VAL A 63 -8.77 0.45 1.82
C VAL A 63 -8.16 -0.73 2.56
N GLU A 64 -8.31 -1.92 2.00
CA GLU A 64 -7.77 -3.13 2.61
C GLU A 64 -7.35 -4.15 1.54
N VAL A 65 -6.26 -4.86 1.81
CA VAL A 65 -5.76 -5.85 0.88
C VAL A 65 -5.36 -7.14 1.61
N GLU A 66 -5.39 -8.25 0.89
CA GLU A 66 -5.02 -9.54 1.46
C GLU A 66 -3.58 -9.91 1.11
N GLY A 67 -2.95 -10.67 1.99
CA GLY A 67 -1.57 -11.08 1.76
C GLY A 67 -1.34 -12.54 2.08
N TYR A 68 -0.83 -13.29 1.11
CA TYR A 68 -0.56 -14.71 1.29
C TYR A 68 0.94 -14.98 1.29
N GLY A 69 1.31 -16.17 1.77
CA GLY A 69 2.71 -16.55 1.81
C GLY A 69 2.95 -17.78 2.64
N SER A 70 4.13 -18.39 2.49
CA SER A 70 4.48 -19.59 3.23
C SER A 70 4.46 -19.33 4.73
N LYS A 71 5.30 -18.41 5.18
CA LYS A 71 5.38 -18.06 6.59
C LYS A 71 4.60 -16.78 6.87
N LYS A 72 4.51 -16.42 8.15
CA LYS A 72 3.80 -15.21 8.57
C LYS A 72 4.41 -13.97 7.92
N ILE A 73 5.74 -13.94 7.86
CA ILE A 73 6.45 -12.81 7.26
C ILE A 73 6.09 -12.66 5.78
N ASP A 74 5.82 -13.79 5.13
CA ASP A 74 5.47 -13.79 3.71
C ASP A 74 4.08 -13.22 3.51
N ALA A 75 3.12 -13.70 4.28
CA ALA A 75 1.74 -13.24 4.19
C ALA A 75 1.67 -11.72 4.30
N GLU A 76 2.56 -11.14 5.09
CA GLU A 76 2.59 -9.70 5.29
C GLU A 76 3.14 -8.99 4.05
N ARG A 77 4.39 -9.28 3.72
CA ARG A 77 5.04 -8.68 2.56
C ARG A 77 4.06 -8.56 1.39
N GLN A 78 3.30 -9.62 1.16
CA GLN A 78 2.32 -9.64 0.08
C GLN A 78 1.24 -8.59 0.30
N ALA A 79 0.62 -8.63 1.48
CA ALA A 79 -0.44 -7.68 1.81
C ALA A 79 -0.06 -6.26 1.38
N ALA A 80 1.15 -5.85 1.75
CA ALA A 80 1.64 -4.51 1.40
C ALA A 80 1.77 -4.36 -0.10
N ALA A 81 2.39 -5.34 -0.75
CA ALA A 81 2.58 -5.31 -2.19
C ALA A 81 1.26 -5.11 -2.92
N ALA A 82 0.20 -5.75 -2.42
CA ALA A 82 -1.12 -5.64 -3.02
C ALA A 82 -1.61 -4.20 -2.99
N ALA A 83 -1.15 -3.43 -2.00
CA ALA A 83 -1.56 -2.04 -1.86
C ALA A 83 -0.67 -1.13 -2.72
N CYS A 84 0.62 -1.44 -2.76
CA CYS A 84 1.57 -0.65 -3.54
C CYS A 84 0.99 -0.30 -4.90
N GLN A 85 0.41 -1.31 -5.57
CA GLN A 85 -0.18 -1.11 -6.88
C GLN A 85 -1.19 0.04 -6.87
N LEU A 86 -1.97 0.11 -5.80
CA LEU A 86 -2.98 1.16 -5.66
C LEU A 86 -2.33 2.54 -5.62
N PHE A 87 -1.26 2.67 -4.82
CA PHE A 87 -0.56 3.93 -4.70
C PHE A 87 0.03 4.36 -6.03
N LYS A 88 0.63 3.41 -6.75
CA LYS A 88 1.23 3.68 -8.04
C LYS A 88 0.19 4.22 -9.03
N GLY A 89 -0.87 3.44 -9.24
CA GLY A 89 -1.91 3.86 -10.15
C GLY A 89 -2.52 5.20 -9.78
N TRP A 90 -2.82 5.36 -8.49
CA TRP A 90 -3.41 6.61 -8.01
C TRP A 90 -2.54 7.81 -8.38
N GLY A 91 -1.22 7.62 -8.30
CA GLY A 91 -0.30 8.70 -8.63
C GLY A 91 0.44 9.22 -7.42
N LEU A 92 0.64 8.35 -6.43
CA LEU A 92 1.33 8.74 -5.20
C LEU A 92 2.84 8.49 -5.33
N LEU A 93 3.19 7.45 -6.08
CA LEU A 93 4.60 7.11 -6.28
C LEU A 93 5.05 7.48 -7.69
N GLY A 94 4.46 6.82 -8.68
CA GLY A 94 4.82 7.10 -10.07
C GLY A 94 5.16 5.84 -10.83
N PRO A 95 5.83 6.01 -11.98
CA PRO A 95 6.23 4.90 -12.85
C PRO A 95 7.34 4.05 -12.22
N ARG A 96 8.36 4.73 -11.71
CA ARG A 96 9.49 4.04 -11.07
C ARG A 96 9.43 4.18 -9.56
N ASN A 97 8.23 4.05 -9.00
CA ASN A 97 8.04 4.16 -7.56
C ASN A 97 8.90 5.28 -6.98
N GLU A 98 8.78 6.46 -7.57
CA GLU A 98 9.55 7.62 -7.11
C GLU A 98 8.68 8.56 -6.27
N LEU A 99 8.82 8.48 -4.96
CA LEU A 99 8.05 9.31 -4.04
C LEU A 99 8.00 10.75 -4.54
N PHE A 100 7.08 11.54 -4.00
CA PHE A 100 6.92 12.93 -4.39
C PHE A 100 7.23 13.86 -3.22
N ASP A 101 7.17 15.16 -3.47
CA ASP A 101 7.44 16.16 -2.43
C ASP A 101 6.32 16.19 -1.41
N ALA A 102 6.68 16.22 -0.13
CA ALA A 102 5.71 16.24 0.95
C ALA A 102 4.52 17.14 0.59
N ALA A 103 4.82 18.29 0.01
CA ALA A 103 3.78 19.24 -0.37
C ALA A 103 2.77 18.58 -1.32
N LYS A 104 3.25 18.11 -2.47
CA LYS A 104 2.39 17.46 -3.45
C LYS A 104 1.51 16.41 -2.79
N TYR A 105 2.09 15.63 -1.89
CA TYR A 105 1.36 14.58 -1.19
C TYR A 105 0.16 15.16 -0.44
N ARG A 106 0.41 16.21 0.34
CA ARG A 106 -0.66 16.85 1.10
C ARG A 106 -1.87 17.11 0.22
N VAL A 107 -1.64 17.44 -1.04
CA VAL A 107 -2.71 17.71 -1.99
C VAL A 107 -3.28 16.41 -2.56
N LEU A 108 -2.40 15.50 -2.93
CA LEU A 108 -2.81 14.21 -3.48
C LEU A 108 -3.84 13.54 -2.59
N ALA A 109 -3.68 13.70 -1.28
CA ALA A 109 -4.60 13.11 -0.31
C ALA A 109 -5.87 13.93 -0.19
N ASP A 110 -5.74 15.24 -0.39
CA ASP A 110 -6.90 16.13 -0.31
C ASP A 110 -7.97 15.73 -1.31
N ARG A 111 -7.62 15.73 -2.59
CA ARG A 111 -8.56 15.38 -3.64
C ARG A 111 -9.28 14.07 -3.31
N PHE A 112 -8.62 13.22 -2.54
CA PHE A 112 -9.20 11.94 -2.14
C PHE A 112 -10.16 12.12 -0.98
N GLY A 113 -9.79 12.97 -0.02
CA GLY A 113 -10.63 13.22 1.13
C GLY A 113 -10.37 14.56 1.76
N SER A 114 -9.77 14.55 2.96
CA SER A 114 -9.46 15.78 3.67
C SER A 114 -8.52 15.52 4.83
N GLY A 115 -7.73 16.54 5.19
CA GLY A 115 -6.78 16.39 6.28
C GLY A 115 -6.57 17.69 7.03
N PRO A 116 -7.39 17.93 8.05
CA PRO A 116 -7.30 19.14 8.88
C PRO A 116 -6.04 19.16 9.75
N SER A 117 -5.22 20.19 9.55
CA SER A 117 -3.98 20.33 10.32
C SER A 117 -4.28 20.53 11.80
N SER A 118 -4.12 19.47 12.58
CA SER A 118 -4.37 19.53 14.02
C SER A 118 -3.11 19.92 14.78
N GLY A 119 -2.01 19.26 14.46
CA GLY A 119 -0.75 19.56 15.12
C GLY A 119 0.44 19.38 14.21
N GLY A 1 -15.24 -15.62 -27.18
CA GLY A 1 -15.03 -14.49 -26.30
C GLY A 1 -15.42 -13.18 -26.96
N SER A 2 -15.89 -12.23 -26.14
CA SER A 2 -16.30 -10.92 -26.66
C SER A 2 -15.73 -9.80 -25.80
N SER A 3 -15.87 -9.93 -24.49
CA SER A 3 -15.37 -8.92 -23.55
C SER A 3 -14.49 -9.56 -22.50
N GLY A 4 -13.25 -9.09 -22.39
CA GLY A 4 -12.32 -9.62 -21.42
C GLY A 4 -12.06 -8.65 -20.28
N SER A 5 -13.03 -8.54 -19.37
CA SER A 5 -12.92 -7.65 -18.23
C SER A 5 -12.38 -8.38 -17.01
N SER A 6 -11.05 -8.48 -16.92
CA SER A 6 -10.42 -9.16 -15.79
C SER A 6 -8.95 -8.75 -15.66
N GLY A 7 -8.40 -8.93 -14.47
CA GLY A 7 -7.01 -8.58 -14.24
C GLY A 7 -6.23 -9.69 -13.55
N ALA A 8 -5.54 -10.50 -14.34
CA ALA A 8 -4.76 -11.60 -13.79
C ALA A 8 -3.46 -11.09 -13.18
N SER A 9 -3.56 -10.41 -12.05
CA SER A 9 -2.39 -9.88 -11.37
C SER A 9 -1.92 -10.82 -10.26
N ARG A 10 -0.73 -11.37 -10.44
CA ARG A 10 -0.16 -12.29 -9.46
C ARG A 10 1.33 -12.03 -9.27
N ASP A 11 1.83 -12.37 -8.09
CA ASP A 11 3.24 -12.18 -7.77
C ASP A 11 3.61 -10.69 -7.84
N LEU A 12 2.68 -9.84 -7.46
CA LEU A 12 2.91 -8.40 -7.47
C LEU A 12 4.32 -8.06 -7.03
N LEU A 13 4.89 -8.92 -6.18
CA LEU A 13 6.24 -8.72 -5.67
C LEU A 13 7.20 -8.37 -6.82
N LYS A 14 7.10 -9.09 -7.92
CA LYS A 14 7.95 -8.87 -9.08
C LYS A 14 8.14 -7.37 -9.32
N GLU A 15 7.03 -6.63 -9.26
CA GLU A 15 7.07 -5.19 -9.48
C GLU A 15 7.61 -4.46 -8.25
N PHE A 16 7.15 -4.89 -7.08
CA PHE A 16 7.59 -4.28 -5.82
C PHE A 16 8.44 -5.26 -5.01
N PRO A 17 9.75 -5.02 -4.99
CA PRO A 17 10.70 -5.87 -4.26
C PRO A 17 10.56 -5.73 -2.75
N GLN A 18 10.47 -4.49 -2.28
CA GLN A 18 10.34 -4.22 -0.86
C GLN A 18 9.05 -3.45 -0.57
N PRO A 19 7.92 -4.17 -0.54
CA PRO A 19 6.61 -3.58 -0.27
C PRO A 19 6.46 -3.10 1.17
N LYS A 20 7.24 -3.70 2.06
CA LYS A 20 7.20 -3.33 3.47
C LYS A 20 7.80 -1.95 3.69
N ASN A 21 8.88 -1.66 2.98
CA ASN A 21 9.55 -0.37 3.10
C ASN A 21 8.93 0.65 2.14
N LEU A 22 8.60 0.20 0.94
CA LEU A 22 8.02 1.06 -0.07
C LEU A 22 6.72 1.69 0.44
N LEU A 23 5.71 0.85 0.66
CA LEU A 23 4.42 1.32 1.16
C LEU A 23 4.60 2.22 2.37
N ASN A 24 5.24 1.70 3.40
CA ASN A 24 5.47 2.45 4.63
C ASN A 24 6.10 3.81 4.32
N SER A 25 7.10 3.80 3.44
CA SER A 25 7.78 5.04 3.06
C SER A 25 6.79 6.08 2.55
N VAL A 26 5.86 5.63 1.70
CA VAL A 26 4.85 6.51 1.14
C VAL A 26 4.15 7.32 2.22
N ILE A 27 3.38 6.62 3.05
CA ILE A 27 2.65 7.26 4.13
C ILE A 27 3.61 7.96 5.11
N GLY A 28 4.81 7.39 5.25
CA GLY A 28 5.79 7.96 6.15
C GLY A 28 6.24 9.34 5.71
N ARG A 29 6.06 9.64 4.43
CA ARG A 29 6.46 10.93 3.88
C ARG A 29 5.27 11.88 3.83
N ALA A 30 4.11 11.36 3.46
CA ALA A 30 2.89 12.16 3.38
C ALA A 30 2.47 12.65 4.76
N LEU A 31 2.22 11.72 5.67
CA LEU A 31 1.81 12.07 7.03
C LEU A 31 2.99 12.01 7.99
N GLY A 32 3.57 10.83 8.14
CA GLY A 32 4.71 10.67 9.02
C GLY A 32 4.86 9.23 9.52
N ILE A 33 6.05 8.68 9.35
CA ILE A 33 6.33 7.32 9.78
C ILE A 33 5.65 7.01 11.12
N SER A 34 5.63 8.01 12.00
CA SER A 34 5.01 7.85 13.31
C SER A 34 3.53 7.51 13.17
N HIS A 35 2.81 8.37 12.45
CA HIS A 35 1.37 8.18 12.25
C HIS A 35 1.11 6.93 11.42
N ALA A 36 1.90 6.76 10.36
CA ALA A 36 1.75 5.61 9.47
C ALA A 36 1.44 4.35 10.27
N LYS A 37 1.97 4.27 11.48
CA LYS A 37 1.74 3.11 12.35
C LYS A 37 0.34 2.56 12.17
N ASP A 38 -0.66 3.38 12.53
CA ASP A 38 -2.05 2.98 12.42
C ASP A 38 -2.49 2.94 10.96
N LYS A 39 -2.17 4.01 10.22
CA LYS A 39 -2.53 4.10 8.81
C LYS A 39 -2.47 2.73 8.14
N LEU A 40 -1.50 1.92 8.54
CA LEU A 40 -1.33 0.59 7.98
C LEU A 40 -1.53 -0.48 9.06
N VAL A 41 -2.67 -1.15 9.02
CA VAL A 41 -2.98 -2.20 9.99
C VAL A 41 -2.89 -3.57 9.35
N TYR A 42 -2.38 -4.54 10.10
CA TYR A 42 -2.24 -5.91 9.61
C TYR A 42 -3.08 -6.88 10.44
N VAL A 43 -3.98 -7.59 9.78
CA VAL A 43 -4.84 -8.56 10.46
C VAL A 43 -4.41 -9.98 10.14
N HIS A 44 -3.82 -10.66 11.13
CA HIS A 44 -3.37 -12.03 10.96
C HIS A 44 -4.54 -13.00 11.07
N THR A 45 -4.44 -14.13 10.37
CA THR A 45 -5.49 -15.14 10.39
C THR A 45 -4.93 -16.52 10.72
N ASN A 46 -5.79 -17.43 11.14
CA ASN A 46 -5.38 -18.78 11.48
C ASN A 46 -6.45 -19.79 11.09
N GLY A 47 -6.01 -20.97 10.64
CA GLY A 47 -6.94 -22.01 10.24
C GLY A 47 -6.42 -22.84 9.08
N PRO A 48 -6.40 -22.22 7.89
CA PRO A 48 -5.94 -22.88 6.66
C PRO A 48 -4.42 -23.13 6.68
N LYS A 49 -3.99 -24.16 5.97
CA LYS A 49 -2.57 -24.50 5.90
C LYS A 49 -1.72 -23.24 5.68
N LYS A 50 -2.14 -22.41 4.73
CA LYS A 50 -1.43 -21.18 4.42
C LYS A 50 -1.90 -20.03 5.31
N LYS A 51 -1.03 -19.06 5.52
CA LYS A 51 -1.36 -17.91 6.35
C LYS A 51 -1.85 -16.74 5.50
N LYS A 52 -2.78 -15.96 6.05
CA LYS A 52 -3.32 -14.82 5.33
C LYS A 52 -3.28 -13.57 6.21
N VAL A 53 -3.01 -12.42 5.59
CA VAL A 53 -2.93 -11.16 6.31
C VAL A 53 -3.62 -10.05 5.52
N THR A 54 -4.64 -9.44 6.13
CA THR A 54 -5.38 -8.36 5.49
C THR A 54 -4.86 -7.00 5.94
N LEU A 55 -4.18 -6.31 5.03
CA LEU A 55 -3.63 -5.00 5.33
C LEU A 55 -4.70 -3.91 5.20
N HIS A 56 -5.17 -3.41 6.35
CA HIS A 56 -6.19 -2.38 6.37
C HIS A 56 -5.56 -0.99 6.32
N ILE A 57 -5.60 -0.36 5.15
CA ILE A 57 -5.03 0.96 4.97
C ILE A 57 -6.09 2.04 5.11
N LYS A 58 -5.69 3.22 5.59
CA LYS A 58 -6.61 4.33 5.77
C LYS A 58 -6.23 5.50 4.87
N TRP A 59 -4.93 5.76 4.75
CA TRP A 59 -4.43 6.84 3.91
C TRP A 59 -3.94 6.32 2.57
N PRO A 60 -4.26 7.04 1.49
CA PRO A 60 -5.06 8.27 1.57
C PRO A 60 -6.51 7.99 1.96
N LYS A 61 -7.08 6.94 1.38
CA LYS A 61 -8.47 6.58 1.66
C LYS A 61 -8.54 5.24 2.40
N SER A 62 -9.72 4.90 2.88
CA SER A 62 -9.92 3.65 3.61
C SER A 62 -9.99 2.47 2.66
N VAL A 63 -8.93 1.67 2.65
CA VAL A 63 -8.85 0.49 1.78
C VAL A 63 -8.23 -0.68 2.51
N GLU A 64 -8.34 -1.87 1.90
CA GLU A 64 -7.79 -3.08 2.49
C GLU A 64 -7.31 -4.05 1.41
N VAL A 65 -6.30 -4.84 1.73
CA VAL A 65 -5.76 -5.81 0.79
C VAL A 65 -5.39 -7.12 1.49
N GLU A 66 -5.43 -8.22 0.74
CA GLU A 66 -5.10 -9.53 1.28
C GLU A 66 -3.68 -9.93 0.92
N GLY A 67 -2.96 -10.50 1.88
CA GLY A 67 -1.60 -10.93 1.64
C GLY A 67 -1.37 -12.38 2.03
N TYR A 68 -0.82 -13.15 1.11
CA TYR A 68 -0.54 -14.56 1.35
C TYR A 68 0.96 -14.83 1.41
N GLY A 69 1.33 -15.97 1.99
CA GLY A 69 2.73 -16.33 2.09
C GLY A 69 2.97 -17.52 2.98
N SER A 70 4.22 -17.94 3.11
CA SER A 70 4.58 -19.08 3.93
C SER A 70 4.77 -18.66 5.38
N LYS A 71 5.70 -17.74 5.61
CA LYS A 71 5.99 -17.25 6.95
C LYS A 71 5.32 -15.90 7.19
N LYS A 72 5.32 -15.45 8.44
CA LYS A 72 4.72 -14.18 8.80
C LYS A 72 5.17 -13.07 7.86
N ILE A 73 6.48 -13.03 7.62
CA ILE A 73 7.05 -12.01 6.73
C ILE A 73 6.51 -12.16 5.31
N ASP A 74 6.38 -13.42 4.87
CA ASP A 74 5.88 -13.69 3.52
C ASP A 74 4.42 -13.25 3.38
N ALA A 75 3.60 -13.61 4.36
CA ALA A 75 2.19 -13.25 4.34
C ALA A 75 2.01 -11.74 4.38
N GLU A 76 2.69 -11.10 5.32
CA GLU A 76 2.61 -9.64 5.46
C GLU A 76 3.16 -8.94 4.23
N ARG A 77 4.34 -9.38 3.77
CA ARG A 77 4.97 -8.80 2.61
C ARG A 77 3.97 -8.62 1.46
N GLN A 78 3.32 -9.71 1.09
CA GLN A 78 2.34 -9.67 0.01
C GLN A 78 1.31 -8.56 0.25
N ALA A 79 0.60 -8.65 1.36
CA ALA A 79 -0.41 -7.65 1.70
C ALA A 79 0.02 -6.26 1.25
N ALA A 80 1.15 -5.79 1.79
CA ALA A 80 1.67 -4.47 1.43
C ALA A 80 1.77 -4.31 -0.08
N ALA A 81 2.51 -5.22 -0.71
CA ALA A 81 2.69 -5.18 -2.16
C ALA A 81 1.35 -5.02 -2.88
N ALA A 82 0.35 -5.75 -2.40
CA ALA A 82 -0.99 -5.69 -3.00
C ALA A 82 -1.52 -4.26 -3.01
N ALA A 83 -1.02 -3.43 -2.11
CA ALA A 83 -1.44 -2.04 -2.02
C ALA A 83 -0.55 -1.14 -2.86
N CYS A 84 0.72 -1.52 -3.00
CA CYS A 84 1.67 -0.75 -3.79
C CYS A 84 1.09 -0.40 -5.16
N GLN A 85 0.37 -1.35 -5.75
CA GLN A 85 -0.23 -1.14 -7.06
C GLN A 85 -1.28 -0.04 -7.00
N LEU A 86 -1.94 0.09 -5.85
CA LEU A 86 -2.96 1.10 -5.67
C LEU A 86 -2.34 2.49 -5.56
N PHE A 87 -1.23 2.58 -4.85
CA PHE A 87 -0.53 3.86 -4.68
C PHE A 87 0.12 4.30 -5.99
N LYS A 88 0.47 3.34 -6.83
CA LYS A 88 1.10 3.63 -8.11
C LYS A 88 0.11 4.24 -9.08
N GLY A 89 -1.06 3.60 -9.23
CA GLY A 89 -2.07 4.10 -10.13
C GLY A 89 -2.65 5.42 -9.67
N TRP A 90 -2.92 5.54 -8.38
CA TRP A 90 -3.48 6.76 -7.82
C TRP A 90 -2.59 7.96 -8.14
N GLY A 91 -1.29 7.73 -8.22
CA GLY A 91 -0.35 8.79 -8.53
C GLY A 91 0.41 9.25 -7.31
N LEU A 92 0.71 8.32 -6.41
CA LEU A 92 1.44 8.64 -5.19
C LEU A 92 2.93 8.33 -5.35
N LEU A 93 3.24 7.34 -6.17
CA LEU A 93 4.63 6.94 -6.42
C LEU A 93 5.03 7.26 -7.85
N GLY A 94 4.40 6.57 -8.81
CA GLY A 94 4.71 6.80 -10.20
C GLY A 94 5.22 5.55 -10.89
N PRO A 95 5.81 5.73 -12.09
CA PRO A 95 6.34 4.62 -12.88
C PRO A 95 7.59 4.01 -12.25
N ARG A 96 8.48 4.88 -11.76
CA ARG A 96 9.72 4.44 -11.13
C ARG A 96 9.61 4.48 -9.61
N ASN A 97 8.40 4.25 -9.11
CA ASN A 97 8.16 4.27 -7.66
C ASN A 97 8.91 5.42 -7.00
N GLU A 98 9.01 6.53 -7.71
CA GLU A 98 9.70 7.71 -7.20
C GLU A 98 8.76 8.57 -6.36
N LEU A 99 8.98 8.58 -5.05
CA LEU A 99 8.16 9.36 -4.13
C LEU A 99 8.16 10.83 -4.53
N PHE A 100 7.48 11.65 -3.73
CA PHE A 100 7.40 13.08 -3.99
C PHE A 100 7.55 13.87 -2.69
N ASP A 101 7.55 15.21 -2.82
CA ASP A 101 7.69 16.07 -1.66
C ASP A 101 6.38 16.14 -0.87
N ALA A 102 6.50 16.22 0.45
CA ALA A 102 5.32 16.28 1.32
C ALA A 102 4.23 17.13 0.68
N ALA A 103 4.55 18.39 0.39
CA ALA A 103 3.60 19.30 -0.21
C ALA A 103 2.69 18.57 -1.20
N LYS A 104 3.29 17.85 -2.13
CA LYS A 104 2.54 17.11 -3.13
C LYS A 104 1.59 16.13 -2.47
N TYR A 105 2.11 15.31 -1.56
CA TYR A 105 1.29 14.33 -0.86
C TYR A 105 0.14 15.00 -0.12
N ARG A 106 0.41 16.15 0.48
CA ARG A 106 -0.61 16.89 1.21
C ARG A 106 -1.81 17.21 0.31
N VAL A 107 -1.53 17.62 -0.92
CA VAL A 107 -2.57 17.94 -1.87
C VAL A 107 -3.21 16.69 -2.44
N LEU A 108 -2.40 15.66 -2.65
CA LEU A 108 -2.89 14.39 -3.20
C LEU A 108 -4.00 13.82 -2.31
N ALA A 109 -3.75 13.76 -1.01
CA ALA A 109 -4.72 13.24 -0.07
C ALA A 109 -5.99 14.08 -0.07
N ASP A 110 -5.83 15.38 -0.29
CA ASP A 110 -6.96 16.29 -0.31
C ASP A 110 -8.02 15.84 -1.32
N ARG A 111 -7.62 15.76 -2.58
CA ARG A 111 -8.52 15.34 -3.65
C ARG A 111 -9.26 14.07 -3.26
N PHE A 112 -8.67 13.32 -2.33
CA PHE A 112 -9.28 12.07 -1.87
C PHE A 112 -10.16 12.31 -0.65
N GLY A 113 -9.80 13.31 0.14
CA GLY A 113 -10.58 13.62 1.33
C GLY A 113 -10.65 12.46 2.31
N SER A 114 -10.22 12.71 3.54
CA SER A 114 -10.23 11.67 4.57
C SER A 114 -11.58 11.62 5.27
N GLY A 115 -12.19 12.78 5.48
CA GLY A 115 -13.48 12.84 6.14
C GLY A 115 -13.46 13.73 7.38
N PRO A 116 -13.25 13.11 8.55
CA PRO A 116 -13.21 13.83 9.82
C PRO A 116 -11.96 14.71 9.94
N SER A 117 -12.14 16.01 9.72
CA SER A 117 -11.02 16.96 9.80
C SER A 117 -11.46 18.23 10.51
N SER A 118 -10.70 18.63 11.53
CA SER A 118 -11.01 19.82 12.30
C SER A 118 -11.54 20.92 11.39
N GLY A 119 -12.72 21.44 11.72
CA GLY A 119 -13.33 22.49 10.92
C GLY A 119 -13.40 23.82 11.66
N GLY A 1 14.17 -3.74 -10.69
CA GLY A 1 14.50 -3.62 -12.09
C GLY A 1 15.41 -4.73 -12.58
N SER A 2 15.12 -5.96 -12.16
CA SER A 2 15.93 -7.11 -12.55
C SER A 2 15.04 -8.29 -12.94
N SER A 3 15.56 -9.14 -13.83
CA SER A 3 14.82 -10.30 -14.28
C SER A 3 15.70 -11.54 -14.31
N GLY A 4 15.10 -12.70 -14.08
CA GLY A 4 15.86 -13.94 -14.07
C GLY A 4 15.27 -14.98 -15.02
N SER A 5 15.67 -16.23 -14.84
CA SER A 5 15.19 -17.32 -15.67
C SER A 5 13.72 -17.61 -15.39
N SER A 6 13.01 -18.11 -16.40
CA SER A 6 11.59 -18.43 -16.25
C SER A 6 11.36 -19.31 -15.02
N GLY A 7 10.51 -18.83 -14.11
CA GLY A 7 10.22 -19.58 -12.91
C GLY A 7 9.13 -18.94 -12.07
N ALA A 8 9.36 -17.69 -11.67
CA ALA A 8 8.40 -16.96 -10.86
C ALA A 8 7.04 -16.88 -11.55
N SER A 9 5.97 -16.86 -10.76
CA SER A 9 4.62 -16.80 -11.30
C SER A 9 4.13 -15.35 -11.36
N ARG A 10 2.94 -15.17 -11.92
CA ARG A 10 2.35 -13.84 -12.03
C ARG A 10 2.04 -13.25 -10.66
N ASP A 11 3.03 -12.57 -10.08
CA ASP A 11 2.86 -11.96 -8.76
C ASP A 11 3.14 -10.46 -8.82
N LEU A 12 2.88 -9.77 -7.72
CA LEU A 12 3.11 -8.33 -7.65
C LEU A 12 4.52 -8.03 -7.15
N LEU A 13 4.99 -8.81 -6.19
CA LEU A 13 6.32 -8.63 -5.63
C LEU A 13 7.34 -8.38 -6.74
N LYS A 14 7.16 -9.05 -7.87
CA LYS A 14 8.07 -8.90 -9.01
C LYS A 14 8.36 -7.42 -9.28
N GLU A 15 7.31 -6.60 -9.21
CA GLU A 15 7.45 -5.16 -9.45
C GLU A 15 7.94 -4.45 -8.19
N PHE A 16 7.37 -4.81 -7.05
CA PHE A 16 7.75 -4.21 -5.79
C PHE A 16 8.67 -5.13 -4.98
N PRO A 17 9.97 -4.83 -4.99
CA PRO A 17 10.97 -5.62 -4.28
C PRO A 17 10.85 -5.48 -2.77
N GLN A 18 10.60 -4.26 -2.30
CA GLN A 18 10.46 -4.00 -0.87
C GLN A 18 9.20 -3.20 -0.59
N PRO A 19 8.05 -3.90 -0.55
CA PRO A 19 6.75 -3.27 -0.28
C PRO A 19 6.62 -2.79 1.15
N LYS A 20 7.20 -3.54 2.08
CA LYS A 20 7.15 -3.19 3.49
C LYS A 20 7.86 -1.87 3.75
N ASN A 21 8.88 -1.58 2.95
CA ASN A 21 9.65 -0.35 3.10
C ASN A 21 9.11 0.73 2.16
N LEU A 22 8.67 0.31 0.97
CA LEU A 22 8.13 1.24 -0.01
C LEU A 22 6.82 1.85 0.47
N LEU A 23 5.83 1.01 0.71
CA LEU A 23 4.53 1.47 1.18
C LEU A 23 4.68 2.39 2.39
N ASN A 24 5.29 1.87 3.45
CA ASN A 24 5.50 2.64 4.66
C ASN A 24 6.13 4.00 4.35
N SER A 25 7.18 3.98 3.54
CA SER A 25 7.87 5.21 3.16
C SER A 25 6.88 6.25 2.64
N VAL A 26 5.97 5.82 1.77
CA VAL A 26 4.98 6.71 1.20
C VAL A 26 4.29 7.53 2.29
N ILE A 27 3.46 6.87 3.09
CA ILE A 27 2.73 7.54 4.16
C ILE A 27 3.71 8.20 5.14
N GLY A 28 4.85 7.58 5.34
CA GLY A 28 5.85 8.11 6.25
C GLY A 28 6.37 9.47 5.79
N ARG A 29 6.23 9.75 4.51
CA ARG A 29 6.69 11.01 3.95
C ARG A 29 5.56 12.04 3.92
N ALA A 30 4.35 11.57 3.60
CA ALA A 30 3.18 12.44 3.53
C ALA A 30 2.74 12.87 4.94
N LEU A 31 2.40 11.90 5.77
CA LEU A 31 1.96 12.18 7.13
C LEU A 31 3.13 12.10 8.11
N GLY A 32 3.67 10.90 8.28
CA GLY A 32 4.79 10.72 9.19
C GLY A 32 5.01 9.27 9.56
N ILE A 33 6.21 8.76 9.30
CA ILE A 33 6.54 7.37 9.59
C ILE A 33 5.88 6.93 10.89
N SER A 34 5.81 7.84 11.87
CA SER A 34 5.21 7.53 13.16
C SER A 34 3.71 7.29 13.01
N HIS A 35 3.04 8.20 12.32
CA HIS A 35 1.60 8.08 12.12
C HIS A 35 1.28 6.85 11.27
N ALA A 36 2.06 6.63 10.21
CA ALA A 36 1.86 5.50 9.34
C ALA A 36 1.54 4.23 10.13
N LYS A 37 2.24 4.04 11.24
CA LYS A 37 2.05 2.88 12.08
C LYS A 37 0.57 2.48 12.13
N ASP A 38 -0.27 3.41 12.55
CA ASP A 38 -1.71 3.16 12.64
C ASP A 38 -2.32 3.07 11.24
N LYS A 39 -1.96 4.00 10.37
CA LYS A 39 -2.47 4.03 9.01
C LYS A 39 -2.41 2.64 8.38
N LEU A 40 -1.32 1.93 8.61
CA LEU A 40 -1.15 0.59 8.07
C LEU A 40 -1.37 -0.46 9.15
N VAL A 41 -2.49 -1.18 9.04
CA VAL A 41 -2.83 -2.22 10.00
C VAL A 41 -2.75 -3.60 9.36
N TYR A 42 -2.24 -4.57 10.12
CA TYR A 42 -2.12 -5.94 9.62
C TYR A 42 -2.93 -6.91 10.49
N VAL A 43 -3.83 -7.64 9.85
CA VAL A 43 -4.66 -8.61 10.56
C VAL A 43 -4.44 -10.02 10.03
N HIS A 44 -3.78 -10.85 10.83
CA HIS A 44 -3.50 -12.23 10.45
C HIS A 44 -4.72 -13.12 10.68
N THR A 45 -4.94 -14.05 9.76
CA THR A 45 -6.08 -14.97 9.87
C THR A 45 -5.61 -16.41 10.01
N ASN A 46 -6.07 -17.07 11.08
CA ASN A 46 -5.69 -18.46 11.34
C ASN A 46 -6.83 -19.40 10.96
N GLY A 47 -6.49 -20.67 10.77
CA GLY A 47 -7.50 -21.66 10.40
C GLY A 47 -7.05 -22.56 9.28
N PRO A 48 -6.94 -21.99 8.07
CA PRO A 48 -6.51 -22.73 6.88
C PRO A 48 -5.04 -23.13 6.93
N LYS A 49 -4.61 -23.93 5.97
CA LYS A 49 -3.22 -24.37 5.90
C LYS A 49 -2.27 -23.19 5.76
N LYS A 50 -2.47 -22.40 4.70
CA LYS A 50 -1.65 -21.23 4.45
C LYS A 50 -2.14 -20.03 5.24
N LYS A 51 -1.20 -19.19 5.68
CA LYS A 51 -1.54 -18.00 6.44
C LYS A 51 -1.95 -16.85 5.52
N LYS A 52 -2.83 -16.00 6.01
CA LYS A 52 -3.30 -14.86 5.23
C LYS A 52 -3.41 -13.60 6.10
N VAL A 53 -2.79 -12.53 5.64
CA VAL A 53 -2.82 -11.26 6.37
C VAL A 53 -3.59 -10.19 5.61
N THR A 54 -4.45 -9.48 6.32
CA THR A 54 -5.25 -8.43 5.72
C THR A 54 -4.74 -7.05 6.09
N LEU A 55 -4.08 -6.39 5.15
CA LEU A 55 -3.54 -5.06 5.39
C LEU A 55 -4.62 -3.99 5.24
N HIS A 56 -5.06 -3.45 6.37
CA HIS A 56 -6.09 -2.41 6.37
C HIS A 56 -5.47 -1.02 6.29
N ILE A 57 -5.52 -0.42 5.12
CA ILE A 57 -4.96 0.91 4.91
C ILE A 57 -6.03 1.99 5.04
N LYS A 58 -5.64 3.16 5.51
CA LYS A 58 -6.57 4.28 5.69
C LYS A 58 -6.18 5.43 4.78
N TRP A 59 -4.89 5.73 4.69
CA TRP A 59 -4.41 6.82 3.86
C TRP A 59 -3.86 6.28 2.54
N PRO A 60 -4.16 6.98 1.44
CA PRO A 60 -4.99 8.20 1.48
C PRO A 60 -6.44 7.90 1.81
N LYS A 61 -6.96 6.82 1.24
CA LYS A 61 -8.35 6.42 1.48
C LYS A 61 -8.41 5.10 2.23
N SER A 62 -9.60 4.74 2.72
CA SER A 62 -9.79 3.50 3.45
C SER A 62 -9.85 2.31 2.49
N VAL A 63 -8.82 1.48 2.53
CA VAL A 63 -8.76 0.30 1.66
C VAL A 63 -8.09 -0.87 2.38
N GLU A 64 -8.21 -2.06 1.80
CA GLU A 64 -7.61 -3.25 2.38
C GLU A 64 -7.15 -4.22 1.29
N VAL A 65 -6.13 -5.02 1.61
CA VAL A 65 -5.60 -5.98 0.66
C VAL A 65 -5.26 -7.30 1.34
N GLU A 66 -5.10 -8.36 0.55
CA GLU A 66 -4.77 -9.68 1.09
C GLU A 66 -3.29 -9.99 0.86
N GLY A 67 -2.69 -10.68 1.84
CA GLY A 67 -1.29 -11.02 1.74
C GLY A 67 -1.03 -12.48 2.12
N TYR A 68 -0.58 -13.27 1.16
CA TYR A 68 -0.30 -14.67 1.40
C TYR A 68 1.21 -14.91 1.58
N GLY A 69 1.55 -16.06 2.15
CA GLY A 69 2.95 -16.38 2.37
C GLY A 69 3.14 -17.59 3.27
N SER A 70 4.21 -18.34 3.04
CA SER A 70 4.49 -19.52 3.83
C SER A 70 4.53 -19.19 5.32
N LYS A 71 5.32 -18.18 5.67
CA LYS A 71 5.45 -17.74 7.06
C LYS A 71 4.73 -16.43 7.29
N LYS A 72 4.66 -16.02 8.55
CA LYS A 72 3.99 -14.77 8.92
C LYS A 72 4.55 -13.60 8.10
N ILE A 73 5.86 -13.41 8.17
CA ILE A 73 6.52 -12.34 7.45
C ILE A 73 6.13 -12.35 5.98
N ASP A 74 6.34 -13.49 5.33
CA ASP A 74 6.01 -13.64 3.92
C ASP A 74 4.60 -13.17 3.63
N ALA A 75 3.68 -13.50 4.54
CA ALA A 75 2.28 -13.11 4.39
C ALA A 75 2.13 -11.59 4.46
N GLU A 76 2.72 -10.99 5.48
CA GLU A 76 2.64 -9.54 5.66
C GLU A 76 3.26 -8.81 4.47
N ARG A 77 4.23 -9.46 3.82
CA ARG A 77 4.91 -8.88 2.67
C ARG A 77 3.93 -8.68 1.51
N GLN A 78 3.24 -9.75 1.14
CA GLN A 78 2.27 -9.68 0.04
C GLN A 78 1.22 -8.61 0.29
N ALA A 79 0.64 -8.63 1.49
CA ALA A 79 -0.37 -7.65 1.86
C ALA A 79 0.04 -6.24 1.44
N ALA A 80 1.23 -5.82 1.85
CA ALA A 80 1.73 -4.50 1.50
C ALA A 80 1.88 -4.34 0.00
N ALA A 81 2.59 -5.28 -0.63
CA ALA A 81 2.80 -5.24 -2.07
C ALA A 81 1.48 -5.14 -2.81
N ALA A 82 0.43 -5.73 -2.24
CA ALA A 82 -0.89 -5.71 -2.85
C ALA A 82 -1.45 -4.29 -2.90
N ALA A 83 -0.96 -3.43 -2.01
CA ALA A 83 -1.40 -2.05 -1.94
C ALA A 83 -0.51 -1.14 -2.78
N CYS A 84 0.76 -1.52 -2.89
CA CYS A 84 1.73 -0.74 -3.66
C CYS A 84 1.20 -0.45 -5.07
N GLN A 85 0.44 -1.39 -5.61
CA GLN A 85 -0.11 -1.25 -6.95
C GLN A 85 -1.17 -0.15 -6.98
N LEU A 86 -1.88 0.01 -5.87
CA LEU A 86 -2.91 1.04 -5.77
C LEU A 86 -2.29 2.43 -5.69
N PHE A 87 -1.24 2.57 -4.90
CA PHE A 87 -0.56 3.85 -4.74
C PHE A 87 0.04 4.31 -6.07
N LYS A 88 0.62 3.37 -6.81
CA LYS A 88 1.23 3.68 -8.09
C LYS A 88 0.18 4.16 -9.09
N GLY A 89 -0.82 3.32 -9.36
CA GLY A 89 -1.87 3.68 -10.28
C GLY A 89 -2.56 4.98 -9.90
N TRP A 90 -2.79 5.16 -8.60
CA TRP A 90 -3.46 6.36 -8.11
C TRP A 90 -2.67 7.61 -8.49
N GLY A 91 -1.35 7.50 -8.48
CA GLY A 91 -0.52 8.63 -8.82
C GLY A 91 0.20 9.22 -7.62
N LEU A 92 0.48 8.37 -6.63
CA LEU A 92 1.16 8.81 -5.42
C LEU A 92 2.67 8.67 -5.57
N LEU A 93 3.11 7.61 -6.24
CA LEU A 93 4.52 7.37 -6.45
C LEU A 93 4.93 7.73 -7.87
N GLY A 94 4.25 7.14 -8.86
CA GLY A 94 4.56 7.41 -10.25
C GLY A 94 4.92 6.16 -11.02
N PRO A 95 5.41 6.34 -12.25
CA PRO A 95 5.80 5.22 -13.12
C PRO A 95 7.05 4.50 -12.61
N ARG A 96 7.95 5.25 -11.98
CA ARG A 96 9.18 4.68 -11.45
C ARG A 96 9.17 4.68 -9.92
N ASN A 97 7.97 4.61 -9.35
CA ASN A 97 7.82 4.60 -7.90
C ASN A 97 8.72 5.66 -7.25
N GLU A 98 8.64 6.88 -7.77
CA GLU A 98 9.44 7.98 -7.25
C GLU A 98 8.61 8.87 -6.32
N LEU A 99 8.89 8.79 -5.02
CA LEU A 99 8.17 9.59 -4.03
C LEU A 99 8.09 11.04 -4.46
N PHE A 100 7.13 11.76 -3.90
CA PHE A 100 6.95 13.18 -4.22
C PHE A 100 7.25 14.06 -3.01
N ASP A 101 7.10 15.37 -3.19
CA ASP A 101 7.36 16.31 -2.11
C ASP A 101 6.22 16.30 -1.09
N ALA A 102 6.57 16.21 0.18
CA ALA A 102 5.58 16.20 1.25
C ALA A 102 4.40 17.12 0.92
N ALA A 103 4.71 18.32 0.44
CA ALA A 103 3.68 19.28 0.08
C ALA A 103 2.69 18.69 -0.91
N LYS A 104 3.20 18.18 -2.02
CA LYS A 104 2.37 17.57 -3.05
C LYS A 104 1.47 16.49 -2.46
N TYR A 105 2.03 15.70 -1.55
CA TYR A 105 1.28 14.62 -0.91
C TYR A 105 0.07 15.17 -0.16
N ARG A 106 0.30 16.20 0.66
CA ARG A 106 -0.77 16.80 1.43
C ARG A 106 -1.97 17.12 0.54
N VAL A 107 -1.70 17.58 -0.67
CA VAL A 107 -2.75 17.92 -1.62
C VAL A 107 -3.33 16.67 -2.27
N LEU A 108 -2.46 15.73 -2.62
CA LEU A 108 -2.88 14.48 -3.24
C LEU A 108 -3.92 13.77 -2.39
N ALA A 109 -3.61 13.58 -1.11
CA ALA A 109 -4.51 12.92 -0.19
C ALA A 109 -5.87 13.62 -0.16
N ASP A 110 -5.86 14.94 -0.29
CA ASP A 110 -7.08 15.72 -0.27
C ASP A 110 -8.09 15.17 -1.28
N ARG A 111 -7.67 15.05 -2.52
CA ARG A 111 -8.52 14.54 -3.59
C ARG A 111 -9.34 13.35 -3.10
N PHE A 112 -8.75 12.55 -2.20
CA PHE A 112 -9.43 11.38 -1.65
C PHE A 112 -10.36 11.78 -0.51
N GLY A 113 -9.94 12.78 0.27
CA GLY A 113 -10.75 13.24 1.38
C GLY A 113 -10.47 14.68 1.76
N SER A 114 -9.77 14.88 2.86
CA SER A 114 -9.43 16.23 3.33
C SER A 114 -8.03 16.26 3.91
N GLY A 115 -7.54 17.46 4.18
CA GLY A 115 -6.20 17.63 4.72
C GLY A 115 -6.18 17.55 6.24
N PRO A 116 -5.15 16.91 6.79
CA PRO A 116 -5.00 16.77 8.25
C PRO A 116 -4.68 18.08 8.94
N SER A 117 -4.26 19.07 8.15
CA SER A 117 -3.91 20.38 8.69
C SER A 117 -4.95 20.83 9.71
N SER A 118 -4.47 21.28 10.88
CA SER A 118 -5.35 21.74 11.94
C SER A 118 -6.20 22.92 11.47
N GLY A 119 -5.55 23.90 10.86
CA GLY A 119 -6.26 25.08 10.37
C GLY A 119 -7.64 24.73 9.84
N GLY A 1 -10.37 -5.05 -28.22
CA GLY A 1 -9.73 -4.68 -26.97
C GLY A 1 -8.89 -5.79 -26.40
N SER A 2 -8.77 -5.83 -25.08
CA SER A 2 -7.98 -6.86 -24.40
C SER A 2 -8.88 -7.93 -23.82
N SER A 3 -9.89 -8.34 -24.58
CA SER A 3 -10.82 -9.37 -24.13
C SER A 3 -10.11 -10.45 -23.33
N GLY A 4 -10.75 -10.91 -22.26
CA GLY A 4 -10.15 -11.94 -21.44
C GLY A 4 -9.91 -11.48 -20.01
N SER A 5 -9.20 -12.29 -19.23
CA SER A 5 -8.91 -11.96 -17.85
C SER A 5 -7.54 -12.50 -17.44
N SER A 6 -7.08 -12.09 -16.27
CA SER A 6 -5.77 -12.52 -15.76
C SER A 6 -5.81 -13.99 -15.35
N GLY A 7 -5.23 -14.85 -16.19
CA GLY A 7 -5.21 -16.27 -15.90
C GLY A 7 -4.42 -16.59 -14.65
N ALA A 8 -3.22 -17.12 -14.83
CA ALA A 8 -2.35 -17.48 -13.72
C ALA A 8 -2.12 -16.28 -12.80
N SER A 9 -2.10 -16.54 -11.49
CA SER A 9 -1.90 -15.48 -10.52
C SER A 9 -0.84 -14.49 -10.99
N ARG A 10 -0.97 -13.23 -10.59
CA ARG A 10 -0.04 -12.20 -10.97
C ARG A 10 0.85 -11.79 -9.79
N ASP A 11 2.09 -12.27 -9.80
CA ASP A 11 3.04 -11.95 -8.74
C ASP A 11 3.37 -10.46 -8.72
N LEU A 12 2.81 -9.76 -7.74
CA LEU A 12 3.05 -8.33 -7.60
C LEU A 12 4.45 -8.05 -7.07
N LEU A 13 4.88 -8.87 -6.13
CA LEU A 13 6.21 -8.72 -5.53
C LEU A 13 7.26 -8.44 -6.59
N LYS A 14 7.19 -9.18 -7.70
CA LYS A 14 8.13 -9.00 -8.79
C LYS A 14 8.37 -7.52 -9.08
N GLU A 15 7.29 -6.75 -9.08
CA GLU A 15 7.38 -5.32 -9.34
C GLU A 15 7.85 -4.57 -8.09
N PHE A 16 7.28 -4.93 -6.95
CA PHE A 16 7.63 -4.29 -5.69
C PHE A 16 8.49 -5.22 -4.82
N PRO A 17 9.79 -4.95 -4.76
CA PRO A 17 10.74 -5.75 -3.98
C PRO A 17 10.54 -5.58 -2.48
N GLN A 18 10.47 -4.33 -2.04
CA GLN A 18 10.28 -4.03 -0.62
C GLN A 18 8.96 -3.31 -0.39
N PRO A 19 7.86 -4.07 -0.40
CA PRO A 19 6.52 -3.52 -0.20
C PRO A 19 6.29 -3.06 1.24
N LYS A 20 7.02 -3.66 2.16
CA LYS A 20 6.91 -3.30 3.58
C LYS A 20 7.59 -1.97 3.86
N ASN A 21 8.66 -1.68 3.13
CA ASN A 21 9.39 -0.44 3.31
C ASN A 21 8.85 0.65 2.38
N LEU A 22 8.59 0.28 1.14
CA LEU A 22 8.07 1.21 0.15
C LEU A 22 6.75 1.83 0.63
N LEU A 23 5.74 0.99 0.80
CA LEU A 23 4.43 1.45 1.26
C LEU A 23 4.57 2.41 2.43
N ASN A 24 5.18 1.91 3.51
CA ASN A 24 5.38 2.73 4.71
C ASN A 24 6.00 4.07 4.36
N SER A 25 7.14 4.04 3.67
CA SER A 25 7.83 5.25 3.27
C SER A 25 6.86 6.28 2.71
N VAL A 26 5.95 5.82 1.84
CA VAL A 26 4.96 6.70 1.24
C VAL A 26 4.23 7.52 2.30
N ILE A 27 3.38 6.85 3.07
CA ILE A 27 2.61 7.51 4.11
C ILE A 27 3.54 8.25 5.09
N GLY A 28 4.77 7.75 5.21
CA GLY A 28 5.73 8.38 6.10
C GLY A 28 6.08 9.79 5.68
N ARG A 29 6.05 10.05 4.38
CA ARG A 29 6.36 11.37 3.86
C ARG A 29 5.13 12.26 3.86
N ALA A 30 4.02 11.75 3.34
CA ALA A 30 2.78 12.50 3.28
C ALA A 30 2.35 12.95 4.68
N LEU A 31 2.14 11.99 5.57
CA LEU A 31 1.72 12.29 6.94
C LEU A 31 2.92 12.26 7.88
N GLY A 32 3.47 11.06 8.10
CA GLY A 32 4.60 10.92 8.98
C GLY A 32 4.82 9.49 9.43
N ILE A 33 6.04 9.01 9.29
CA ILE A 33 6.37 7.64 9.69
C ILE A 33 5.70 7.28 11.01
N SER A 34 5.62 8.25 11.92
CA SER A 34 5.00 8.03 13.22
C SER A 34 3.52 7.70 13.07
N HIS A 35 2.79 8.55 12.36
CA HIS A 35 1.37 8.35 12.13
C HIS A 35 1.12 7.09 11.31
N ALA A 36 1.82 6.97 10.18
CA ALA A 36 1.68 5.82 9.31
C ALA A 36 1.54 4.53 10.12
N LYS A 37 2.24 4.46 11.24
CA LYS A 37 2.19 3.29 12.10
C LYS A 37 0.78 2.69 12.13
N ASP A 38 -0.17 3.47 12.63
CA ASP A 38 -1.56 3.02 12.72
C ASP A 38 -2.19 2.94 11.33
N LYS A 39 -1.95 3.97 10.52
CA LYS A 39 -2.50 4.02 9.17
C LYS A 39 -2.50 2.64 8.53
N LEU A 40 -1.40 1.92 8.70
CA LEU A 40 -1.27 0.58 8.15
C LEU A 40 -1.46 -0.49 9.22
N VAL A 41 -2.57 -1.23 9.13
CA VAL A 41 -2.87 -2.28 10.09
C VAL A 41 -2.79 -3.66 9.45
N TYR A 42 -2.18 -4.60 10.16
CA TYR A 42 -2.03 -5.96 9.66
C TYR A 42 -2.88 -6.93 10.46
N VAL A 43 -3.79 -7.63 9.78
CA VAL A 43 -4.66 -8.59 10.44
C VAL A 43 -4.34 -10.02 10.00
N HIS A 44 -3.78 -10.80 10.91
CA HIS A 44 -3.42 -12.19 10.61
C HIS A 44 -4.61 -13.12 10.85
N THR A 45 -4.75 -14.12 9.98
CA THR A 45 -5.85 -15.07 10.09
C THR A 45 -5.32 -16.49 10.32
N ASN A 46 -6.17 -17.34 10.88
CA ASN A 46 -5.79 -18.72 11.16
C ASN A 46 -6.90 -19.68 10.75
N GLY A 47 -6.56 -20.68 9.95
CA GLY A 47 -7.54 -21.65 9.50
C GLY A 47 -7.02 -22.51 8.36
N PRO A 48 -6.88 -21.90 7.17
CA PRO A 48 -6.40 -22.60 5.97
C PRO A 48 -4.92 -22.95 6.07
N LYS A 49 -4.49 -23.89 5.22
CA LYS A 49 -3.09 -24.32 5.21
C LYS A 49 -2.15 -23.12 5.16
N LYS A 50 -2.36 -22.25 4.18
CA LYS A 50 -1.53 -21.06 4.02
C LYS A 50 -2.06 -19.92 4.88
N LYS A 51 -1.14 -19.10 5.39
CA LYS A 51 -1.50 -17.97 6.24
C LYS A 51 -1.76 -16.73 5.39
N LYS A 52 -2.76 -15.95 5.80
CA LYS A 52 -3.11 -14.72 5.08
C LYS A 52 -3.10 -13.52 6.02
N VAL A 53 -2.83 -12.34 5.46
CA VAL A 53 -2.80 -11.12 6.25
C VAL A 53 -3.52 -9.98 5.53
N THR A 54 -4.55 -9.44 6.17
CA THR A 54 -5.32 -8.35 5.59
C THR A 54 -4.78 -6.99 6.05
N LEU A 55 -4.08 -6.32 5.15
CA LEU A 55 -3.51 -5.01 5.44
C LEU A 55 -4.56 -3.91 5.30
N HIS A 56 -5.04 -3.41 6.43
CA HIS A 56 -6.06 -2.35 6.42
C HIS A 56 -5.39 -0.98 6.33
N ILE A 57 -5.46 -0.36 5.15
CA ILE A 57 -4.87 0.95 4.94
C ILE A 57 -5.93 2.04 5.05
N LYS A 58 -5.52 3.21 5.56
CA LYS A 58 -6.42 4.33 5.71
C LYS A 58 -6.03 5.48 4.78
N TRP A 59 -4.73 5.74 4.70
CA TRP A 59 -4.23 6.81 3.84
C TRP A 59 -3.69 6.24 2.53
N PRO A 60 -3.99 6.94 1.42
CA PRO A 60 -4.80 8.16 1.45
C PRO A 60 -6.26 7.88 1.80
N LYS A 61 -6.81 6.81 1.23
CA LYS A 61 -8.19 6.44 1.49
C LYS A 61 -8.27 5.12 2.26
N SER A 62 -9.46 4.80 2.75
CA SER A 62 -9.67 3.57 3.50
C SER A 62 -9.74 2.37 2.56
N VAL A 63 -8.64 1.61 2.50
CA VAL A 63 -8.57 0.43 1.65
C VAL A 63 -7.99 -0.77 2.40
N GLU A 64 -8.08 -1.95 1.80
CA GLU A 64 -7.57 -3.16 2.41
C GLU A 64 -7.09 -4.14 1.35
N VAL A 65 -6.04 -4.89 1.67
CA VAL A 65 -5.48 -5.87 0.75
C VAL A 65 -5.10 -7.15 1.47
N GLU A 66 -5.03 -8.25 0.72
CA GLU A 66 -4.68 -9.54 1.29
C GLU A 66 -3.21 -9.88 1.01
N GLY A 67 -2.61 -10.64 1.92
CA GLY A 67 -1.22 -11.03 1.76
C GLY A 67 -0.98 -12.49 2.06
N TYR A 68 -0.52 -13.23 1.06
CA TYR A 68 -0.25 -14.66 1.22
C TYR A 68 1.24 -14.92 1.41
N GLY A 69 1.57 -16.09 1.93
CA GLY A 69 2.96 -16.45 2.16
C GLY A 69 3.11 -17.70 2.99
N SER A 70 4.34 -18.20 3.10
CA SER A 70 4.62 -19.41 3.86
C SER A 70 4.65 -19.11 5.35
N LYS A 71 5.44 -18.11 5.74
CA LYS A 71 5.56 -17.73 7.14
C LYS A 71 4.82 -16.42 7.40
N LYS A 72 4.94 -15.91 8.63
CA LYS A 72 4.28 -14.66 9.01
C LYS A 72 4.81 -13.50 8.17
N ILE A 73 6.11 -13.26 8.25
CA ILE A 73 6.73 -12.17 7.50
C ILE A 73 6.42 -12.28 6.02
N ASP A 74 6.39 -13.50 5.50
CA ASP A 74 6.10 -13.75 4.10
C ASP A 74 4.69 -13.26 3.75
N ALA A 75 3.71 -13.69 4.54
CA ALA A 75 2.33 -13.29 4.32
C ALA A 75 2.17 -11.78 4.35
N GLU A 76 2.83 -11.14 5.30
CA GLU A 76 2.76 -9.69 5.45
C GLU A 76 3.29 -9.00 4.19
N ARG A 77 4.51 -9.36 3.80
CA ARG A 77 5.13 -8.77 2.61
C ARG A 77 4.11 -8.62 1.48
N GLN A 78 3.43 -9.72 1.16
CA GLN A 78 2.44 -9.70 0.10
C GLN A 78 1.36 -8.65 0.36
N ALA A 79 0.80 -8.68 1.56
CA ALA A 79 -0.24 -7.72 1.94
C ALA A 79 0.15 -6.31 1.54
N ALA A 80 1.32 -5.87 1.97
CA ALA A 80 1.81 -4.54 1.64
C ALA A 80 1.92 -4.34 0.13
N ALA A 81 2.60 -5.28 -0.53
CA ALA A 81 2.77 -5.21 -1.97
C ALA A 81 1.43 -5.02 -2.68
N ALA A 82 0.42 -5.73 -2.20
CA ALA A 82 -0.92 -5.64 -2.78
C ALA A 82 -1.42 -4.21 -2.80
N ALA A 83 -0.86 -3.39 -1.93
CA ALA A 83 -1.26 -1.99 -1.84
C ALA A 83 -0.36 -1.11 -2.71
N CYS A 84 0.90 -1.50 -2.82
CA CYS A 84 1.87 -0.74 -3.63
C CYS A 84 1.29 -0.42 -5.00
N GLN A 85 0.57 -1.38 -5.58
CA GLN A 85 -0.03 -1.20 -6.89
C GLN A 85 -1.11 -0.12 -6.85
N LEU A 86 -1.84 -0.06 -5.74
CA LEU A 86 -2.90 0.93 -5.58
C LEU A 86 -2.33 2.33 -5.49
N PHE A 87 -1.22 2.48 -4.78
CA PHE A 87 -0.57 3.78 -4.62
C PHE A 87 0.06 4.24 -5.94
N LYS A 88 0.43 3.28 -6.78
CA LYS A 88 1.04 3.58 -8.06
C LYS A 88 -0.01 4.07 -9.06
N GLY A 89 -1.14 3.37 -9.11
CA GLY A 89 -2.20 3.74 -10.02
C GLY A 89 -2.83 5.07 -9.66
N TRP A 90 -3.11 5.26 -8.37
CA TRP A 90 -3.72 6.48 -7.89
C TRP A 90 -2.87 7.70 -8.27
N GLY A 91 -1.56 7.50 -8.30
CA GLY A 91 -0.66 8.60 -8.65
C GLY A 91 0.07 9.15 -7.45
N LEU A 92 0.44 8.27 -6.53
CA LEU A 92 1.15 8.68 -5.32
C LEU A 92 2.65 8.42 -5.45
N LEU A 93 3.00 7.44 -6.28
CA LEU A 93 4.39 7.08 -6.50
C LEU A 93 4.84 7.48 -7.91
N GLY A 94 4.28 6.81 -8.92
CA GLY A 94 4.63 7.10 -10.29
C GLY A 94 5.04 5.87 -11.06
N PRO A 95 5.65 6.07 -12.24
CA PRO A 95 6.10 4.97 -13.09
C PRO A 95 7.28 4.22 -12.50
N ARG A 96 8.30 4.97 -12.07
CA ARG A 96 9.50 4.37 -11.48
C ARG A 96 9.36 4.27 -9.97
N ASN A 97 8.13 4.10 -9.50
CA ASN A 97 7.86 3.99 -8.06
C ASN A 97 8.73 4.97 -7.28
N GLU A 98 8.67 6.24 -7.67
CA GLU A 98 9.44 7.28 -7.00
C GLU A 98 8.52 8.22 -6.23
N LEU A 99 8.65 8.21 -4.90
CA LEU A 99 7.84 9.06 -4.05
C LEU A 99 7.77 10.48 -4.59
N PHE A 100 6.89 11.29 -4.01
CA PHE A 100 6.73 12.67 -4.44
C PHE A 100 7.13 13.64 -3.33
N ASP A 101 6.91 14.94 -3.57
CA ASP A 101 7.25 15.96 -2.59
C ASP A 101 6.18 16.05 -1.51
N ALA A 102 6.62 16.12 -0.26
CA ALA A 102 5.70 16.22 0.87
C ALA A 102 4.52 17.11 0.54
N ALA A 103 4.81 18.28 0.00
CA ALA A 103 3.76 19.25 -0.37
C ALA A 103 2.71 18.59 -1.25
N LYS A 104 3.14 18.03 -2.37
CA LYS A 104 2.24 17.38 -3.31
C LYS A 104 1.41 16.30 -2.60
N TYR A 105 2.06 15.55 -1.72
CA TYR A 105 1.39 14.49 -0.97
C TYR A 105 0.23 15.05 -0.15
N ARG A 106 0.50 16.12 0.58
CA ARG A 106 -0.53 16.75 1.41
C ARG A 106 -1.79 17.03 0.60
N VAL A 107 -1.60 17.44 -0.65
CA VAL A 107 -2.71 17.75 -1.53
C VAL A 107 -3.33 16.48 -2.10
N LEU A 108 -2.48 15.54 -2.50
CA LEU A 108 -2.93 14.27 -3.06
C LEU A 108 -3.94 13.60 -2.14
N ALA A 109 -3.71 13.71 -0.84
CA ALA A 109 -4.61 13.13 0.15
C ALA A 109 -5.86 13.98 0.34
N ASP A 110 -5.72 15.27 0.10
CA ASP A 110 -6.84 16.21 0.24
C ASP A 110 -7.97 15.84 -0.72
N ARG A 111 -7.67 15.84 -2.00
CA ARG A 111 -8.67 15.52 -3.02
C ARG A 111 -9.35 14.20 -2.71
N PHE A 112 -8.64 13.32 -2.00
CA PHE A 112 -9.19 12.02 -1.64
C PHE A 112 -10.11 12.13 -0.43
N GLY A 113 -9.72 12.98 0.53
CA GLY A 113 -10.51 13.16 1.73
C GLY A 113 -10.62 14.62 2.13
N SER A 114 -11.84 15.16 2.08
CA SER A 114 -12.07 16.55 2.44
C SER A 114 -11.28 16.94 3.68
N GLY A 115 -11.47 16.18 4.76
CA GLY A 115 -10.76 16.46 5.99
C GLY A 115 -10.97 17.87 6.48
N PRO A 116 -10.49 18.17 7.69
CA PRO A 116 -10.62 19.50 8.29
C PRO A 116 -9.76 20.55 7.59
N SER A 117 -10.16 21.81 7.71
CA SER A 117 -9.43 22.90 7.06
C SER A 117 -8.00 22.98 7.60
N SER A 118 -7.13 23.67 6.86
CA SER A 118 -5.74 23.82 7.25
C SER A 118 -5.38 25.29 7.41
N GLY A 119 -5.76 26.10 6.43
CA GLY A 119 -5.47 27.52 6.47
C GLY A 119 -6.04 28.19 7.71
N GLY A 1 -13.26 0.51 -30.42
CA GLY A 1 -12.85 -0.70 -31.10
C GLY A 1 -11.40 -1.07 -30.78
N SER A 2 -11.17 -1.53 -29.56
CA SER A 2 -9.82 -1.90 -29.13
C SER A 2 -9.87 -3.06 -28.15
N SER A 3 -8.84 -3.90 -28.17
CA SER A 3 -8.77 -5.05 -27.28
C SER A 3 -8.53 -4.62 -25.83
N GLY A 4 -8.87 -5.49 -24.89
CA GLY A 4 -8.68 -5.18 -23.49
C GLY A 4 -7.99 -6.29 -22.73
N SER A 5 -6.76 -6.61 -23.13
CA SER A 5 -5.99 -7.66 -22.49
C SER A 5 -4.65 -7.14 -22.01
N SER A 6 -4.63 -6.55 -20.82
CA SER A 6 -3.40 -6.00 -20.26
C SER A 6 -2.91 -6.87 -19.11
N GLY A 7 -1.64 -6.68 -18.74
CA GLY A 7 -1.06 -7.45 -17.65
C GLY A 7 -0.25 -8.63 -18.14
N ALA A 8 1.07 -8.57 -17.94
CA ALA A 8 1.96 -9.63 -18.37
C ALA A 8 1.93 -10.81 -17.39
N SER A 9 2.19 -10.51 -16.12
CA SER A 9 2.20 -11.54 -15.09
C SER A 9 1.53 -11.03 -13.81
N ARG A 10 0.64 -11.84 -13.26
CA ARG A 10 -0.07 -11.47 -12.04
C ARG A 10 0.90 -11.08 -10.94
N ASP A 11 1.95 -11.88 -10.76
CA ASP A 11 2.96 -11.62 -9.75
C ASP A 11 3.19 -10.12 -9.58
N LEU A 12 2.77 -9.58 -8.45
CA LEU A 12 2.91 -8.15 -8.17
C LEU A 12 4.31 -7.85 -7.62
N LEU A 13 4.76 -8.68 -6.68
CA LEU A 13 6.07 -8.51 -6.08
C LEU A 13 7.13 -8.17 -7.14
N LYS A 14 7.01 -8.82 -8.29
CA LYS A 14 7.94 -8.58 -9.39
C LYS A 14 8.26 -7.10 -9.53
N GLU A 15 7.23 -6.27 -9.44
CA GLU A 15 7.40 -4.82 -9.55
C GLU A 15 7.79 -4.20 -8.21
N PHE A 16 7.08 -4.62 -7.16
CA PHE A 16 7.35 -4.12 -5.82
C PHE A 16 8.10 -5.15 -4.98
N PRO A 17 9.43 -5.04 -4.97
CA PRO A 17 10.31 -5.95 -4.23
C PRO A 17 10.18 -5.76 -2.71
N GLN A 18 10.21 -4.50 -2.28
CA GLN A 18 10.11 -4.19 -0.87
C GLN A 18 8.86 -3.35 -0.58
N PRO A 19 7.69 -4.02 -0.56
CA PRO A 19 6.41 -3.36 -0.31
C PRO A 19 6.28 -2.89 1.14
N LYS A 20 6.89 -3.63 2.06
CA LYS A 20 6.84 -3.28 3.47
C LYS A 20 7.54 -1.94 3.73
N ASN A 21 8.68 -1.75 3.08
CA ASN A 21 9.44 -0.52 3.24
C ASN A 21 8.96 0.55 2.26
N LEU A 22 8.69 0.15 1.03
CA LEU A 22 8.22 1.07 0.00
C LEU A 22 6.91 1.71 0.41
N LEU A 23 5.90 0.88 0.67
CA LEU A 23 4.59 1.36 1.08
C LEU A 23 4.70 2.29 2.28
N ASN A 24 5.26 1.77 3.37
CA ASN A 24 5.43 2.56 4.59
C ASN A 24 6.11 3.89 4.29
N SER A 25 7.23 3.84 3.57
CA SER A 25 7.97 5.04 3.21
C SER A 25 7.04 6.11 2.63
N VAL A 26 6.13 5.67 1.77
CA VAL A 26 5.18 6.59 1.14
C VAL A 26 4.44 7.41 2.19
N ILE A 27 3.55 6.76 2.93
CA ILE A 27 2.77 7.43 3.96
C ILE A 27 3.69 8.13 4.97
N GLY A 28 4.84 7.51 5.24
CA GLY A 28 5.77 8.09 6.18
C GLY A 28 6.23 9.48 5.77
N ARG A 29 6.18 9.76 4.47
CA ARG A 29 6.58 11.06 3.96
C ARG A 29 5.39 12.02 3.91
N ALA A 30 4.25 11.51 3.47
CA ALA A 30 3.04 12.33 3.37
C ALA A 30 2.60 12.82 4.74
N LEU A 31 2.33 11.88 5.64
CA LEU A 31 1.90 12.21 7.00
C LEU A 31 3.08 12.16 7.96
N GLY A 32 3.63 10.97 8.17
CA GLY A 32 4.75 10.82 9.08
C GLY A 32 4.94 9.38 9.52
N ILE A 33 6.15 8.86 9.32
CA ILE A 33 6.46 7.49 9.70
C ILE A 33 5.78 7.12 11.02
N SER A 34 5.71 8.08 11.93
CA SER A 34 5.09 7.86 13.23
C SER A 34 3.61 7.51 13.08
N HIS A 35 2.89 8.34 12.32
CA HIS A 35 1.47 8.12 12.09
C HIS A 35 1.24 6.88 11.22
N ALA A 36 2.03 6.76 10.16
CA ALA A 36 1.91 5.64 9.25
C ALA A 36 1.65 4.34 10.01
N LYS A 37 2.25 4.22 11.19
CA LYS A 37 2.08 3.03 12.02
C LYS A 37 0.62 2.61 12.07
N ASP A 38 -0.25 3.53 12.48
CA ASP A 38 -1.68 3.25 12.56
C ASP A 38 -2.31 3.21 11.17
N LYS A 39 -1.83 4.09 10.29
CA LYS A 39 -2.35 4.15 8.93
C LYS A 39 -2.37 2.77 8.29
N LEU A 40 -1.28 2.03 8.45
CA LEU A 40 -1.16 0.69 7.88
C LEU A 40 -1.35 -0.37 8.97
N VAL A 41 -2.46 -1.09 8.91
CA VAL A 41 -2.74 -2.15 9.88
C VAL A 41 -2.65 -3.52 9.24
N TYR A 42 -2.15 -4.49 10.00
CA TYR A 42 -2.03 -5.86 9.50
C TYR A 42 -2.83 -6.83 10.35
N VAL A 43 -3.80 -7.50 9.72
CA VAL A 43 -4.65 -8.45 10.40
C VAL A 43 -4.30 -9.88 10.03
N HIS A 44 -3.81 -10.65 10.99
CA HIS A 44 -3.44 -12.03 10.76
C HIS A 44 -4.63 -12.97 10.97
N THR A 45 -4.89 -13.83 9.99
CA THR A 45 -6.00 -14.77 10.06
C THR A 45 -5.50 -16.19 10.26
N ASN A 46 -6.22 -16.96 11.07
CA ASN A 46 -5.85 -18.33 11.34
C ASN A 46 -6.94 -19.30 10.87
N GLY A 47 -6.55 -20.54 10.60
CA GLY A 47 -7.51 -21.53 10.14
C GLY A 47 -6.98 -22.38 9.01
N PRO A 48 -6.75 -21.75 7.85
CA PRO A 48 -6.24 -22.44 6.66
C PRO A 48 -4.78 -22.86 6.83
N LYS A 49 -4.39 -23.90 6.09
CA LYS A 49 -3.02 -24.40 6.15
C LYS A 49 -2.01 -23.26 6.06
N LYS A 50 -2.23 -22.35 5.12
CA LYS A 50 -1.34 -21.21 4.93
C LYS A 50 -1.82 -20.01 5.75
N LYS A 51 -0.93 -19.04 5.92
CA LYS A 51 -1.26 -17.83 6.69
C LYS A 51 -1.64 -16.69 5.75
N LYS A 52 -2.65 -15.92 6.15
CA LYS A 52 -3.10 -14.78 5.35
C LYS A 52 -3.18 -13.53 6.21
N VAL A 53 -2.61 -12.44 5.70
CA VAL A 53 -2.63 -11.17 6.41
C VAL A 53 -3.36 -10.09 5.61
N THR A 54 -4.35 -9.46 6.23
CA THR A 54 -5.12 -8.43 5.58
C THR A 54 -4.62 -7.03 5.95
N LEU A 55 -3.99 -6.36 5.00
CA LEU A 55 -3.46 -5.02 5.23
C LEU A 55 -4.55 -3.96 5.11
N HIS A 56 -4.97 -3.42 6.24
CA HIS A 56 -6.02 -2.40 6.26
C HIS A 56 -5.41 -1.00 6.19
N ILE A 57 -5.45 -0.40 5.00
CA ILE A 57 -4.90 0.94 4.81
C ILE A 57 -5.97 2.00 4.98
N LYS A 58 -5.57 3.18 5.45
CA LYS A 58 -6.49 4.29 5.65
C LYS A 58 -6.15 5.46 4.74
N TRP A 59 -4.86 5.76 4.64
CA TRP A 59 -4.40 6.87 3.80
C TRP A 59 -3.87 6.35 2.47
N PRO A 60 -4.21 7.05 1.38
CA PRO A 60 -5.05 8.24 1.44
C PRO A 60 -6.49 7.92 1.80
N LYS A 61 -7.02 6.85 1.22
CA LYS A 61 -8.38 6.42 1.48
C LYS A 61 -8.41 5.10 2.24
N SER A 62 -9.59 4.72 2.73
CA SER A 62 -9.76 3.49 3.47
C SER A 62 -9.84 2.30 2.53
N VAL A 63 -8.75 1.54 2.44
CA VAL A 63 -8.70 0.36 1.57
C VAL A 63 -8.05 -0.81 2.29
N GLU A 64 -8.16 -2.00 1.69
CA GLU A 64 -7.59 -3.20 2.28
C GLU A 64 -7.14 -4.17 1.18
N VAL A 65 -6.14 -5.00 1.50
CA VAL A 65 -5.62 -5.97 0.56
C VAL A 65 -5.28 -7.28 1.24
N GLU A 66 -5.07 -8.33 0.44
CA GLU A 66 -4.73 -9.64 0.98
C GLU A 66 -3.25 -9.93 0.82
N GLY A 67 -2.68 -10.64 1.80
CA GLY A 67 -1.27 -10.98 1.75
C GLY A 67 -0.99 -12.40 2.19
N TYR A 68 -0.66 -13.26 1.24
CA TYR A 68 -0.38 -14.66 1.54
C TYR A 68 1.13 -14.89 1.69
N GLY A 69 1.49 -16.01 2.30
CA GLY A 69 2.88 -16.34 2.50
C GLY A 69 3.09 -17.49 3.46
N SER A 70 3.97 -18.42 3.08
CA SER A 70 4.24 -19.59 3.91
C SER A 70 4.65 -19.17 5.32
N LYS A 71 5.45 -18.12 5.41
CA LYS A 71 5.93 -17.62 6.69
C LYS A 71 5.18 -16.33 7.08
N LYS A 72 5.38 -15.90 8.32
CA LYS A 72 4.72 -14.69 8.81
C LYS A 72 5.07 -13.50 7.93
N ILE A 73 6.36 -13.22 7.78
CA ILE A 73 6.81 -12.11 6.97
C ILE A 73 6.28 -12.21 5.55
N ASP A 74 6.30 -13.42 4.99
CA ASP A 74 5.82 -13.66 3.64
C ASP A 74 4.38 -13.17 3.48
N ALA A 75 3.54 -13.50 4.46
CA ALA A 75 2.14 -13.09 4.42
C ALA A 75 2.01 -11.58 4.35
N GLU A 76 2.54 -10.90 5.36
CA GLU A 76 2.48 -9.44 5.41
C GLU A 76 3.09 -8.83 4.16
N ARG A 77 4.30 -9.26 3.82
CA ARG A 77 4.99 -8.75 2.64
C ARG A 77 4.03 -8.66 1.44
N GLN A 78 3.30 -9.74 1.21
CA GLN A 78 2.35 -9.78 0.10
C GLN A 78 1.27 -8.72 0.26
N ALA A 79 0.64 -8.69 1.43
CA ALA A 79 -0.41 -7.72 1.71
C ALA A 79 0.00 -6.33 1.26
N ALA A 80 1.18 -5.88 1.68
CA ALA A 80 1.68 -4.57 1.32
C ALA A 80 1.79 -4.43 -0.19
N ALA A 81 2.46 -5.38 -0.83
CA ALA A 81 2.64 -5.36 -2.27
C ALA A 81 1.30 -5.20 -2.99
N ALA A 82 0.28 -5.89 -2.48
CA ALA A 82 -1.06 -5.83 -3.07
C ALA A 82 -1.58 -4.39 -3.08
N ALA A 83 -1.02 -3.56 -2.21
CA ALA A 83 -1.44 -2.17 -2.12
C ALA A 83 -0.54 -1.27 -2.98
N CYS A 84 0.72 -1.66 -3.11
CA CYS A 84 1.68 -0.89 -3.89
C CYS A 84 1.11 -0.55 -5.27
N GLN A 85 0.38 -1.51 -5.85
CA GLN A 85 -0.21 -1.32 -7.17
C GLN A 85 -1.19 -0.15 -7.15
N LEU A 86 -1.91 0.00 -6.05
CA LEU A 86 -2.89 1.07 -5.90
C LEU A 86 -2.20 2.43 -5.85
N PHE A 87 -1.20 2.55 -4.97
CA PHE A 87 -0.46 3.79 -4.82
C PHE A 87 0.07 4.27 -6.16
N LYS A 88 0.78 3.38 -6.87
CA LYS A 88 1.34 3.72 -8.16
C LYS A 88 0.31 4.37 -9.06
N GLY A 89 -0.80 3.67 -9.31
CA GLY A 89 -1.86 4.20 -10.15
C GLY A 89 -2.44 5.49 -9.59
N TRP A 90 -2.70 5.51 -8.29
CA TRP A 90 -3.26 6.68 -7.64
C TRP A 90 -2.34 7.90 -7.80
N GLY A 91 -1.11 7.64 -8.21
CA GLY A 91 -0.15 8.71 -8.40
C GLY A 91 0.44 9.21 -7.09
N LEU A 92 0.65 8.28 -6.16
CA LEU A 92 1.21 8.63 -4.86
C LEU A 92 2.72 8.39 -4.84
N LEU A 93 3.16 7.37 -5.56
CA LEU A 93 4.58 7.04 -5.62
C LEU A 93 5.14 7.28 -7.02
N GLY A 94 4.33 6.98 -8.04
CA GLY A 94 4.75 7.19 -9.41
C GLY A 94 4.96 5.88 -10.14
N PRO A 95 5.52 5.97 -11.37
CA PRO A 95 5.76 4.80 -12.21
C PRO A 95 6.88 3.91 -11.65
N ARG A 96 7.96 4.54 -11.21
CA ARG A 96 9.09 3.82 -10.65
C ARG A 96 9.24 4.08 -9.16
N ASN A 97 8.11 4.07 -8.46
CA ASN A 97 8.10 4.32 -7.02
C ASN A 97 8.93 5.55 -6.67
N GLU A 98 8.75 6.62 -7.44
CA GLU A 98 9.49 7.85 -7.22
C GLU A 98 8.70 8.80 -6.30
N LEU A 99 8.85 8.59 -4.99
CA LEU A 99 8.15 9.42 -4.01
C LEU A 99 8.10 10.88 -4.46
N PHE A 100 7.16 11.64 -3.91
CA PHE A 100 7.02 13.04 -4.26
C PHE A 100 7.27 13.93 -3.04
N ASP A 101 7.13 15.24 -3.23
CA ASP A 101 7.34 16.19 -2.14
C ASP A 101 6.20 16.13 -1.14
N ALA A 102 6.52 16.35 0.13
CA ALA A 102 5.53 16.32 1.19
C ALA A 102 4.32 17.18 0.83
N ALA A 103 4.58 18.42 0.43
CA ALA A 103 3.52 19.35 0.06
C ALA A 103 2.53 18.69 -0.90
N LYS A 104 3.05 18.18 -2.02
CA LYS A 104 2.21 17.53 -3.02
C LYS A 104 1.36 16.43 -2.38
N TYR A 105 1.99 15.60 -1.56
CA TYR A 105 1.29 14.51 -0.89
C TYR A 105 0.08 15.03 -0.14
N ARG A 106 0.26 16.10 0.63
CA ARG A 106 -0.82 16.69 1.40
C ARG A 106 -2.04 16.94 0.53
N VAL A 107 -1.80 17.31 -0.73
CA VAL A 107 -2.87 17.58 -1.67
C VAL A 107 -3.38 16.29 -2.31
N LEU A 108 -2.46 15.43 -2.70
CA LEU A 108 -2.80 14.15 -3.32
C LEU A 108 -3.85 13.41 -2.50
N ALA A 109 -3.76 13.56 -1.18
CA ALA A 109 -4.69 12.91 -0.27
C ALA A 109 -6.03 13.65 -0.23
N ASP A 110 -5.96 14.98 -0.18
CA ASP A 110 -7.16 15.80 -0.13
C ASP A 110 -8.16 15.36 -1.20
N ARG A 111 -7.69 15.21 -2.42
CA ARG A 111 -8.55 14.78 -3.53
C ARG A 111 -9.33 13.53 -3.16
N PHE A 112 -8.71 12.65 -2.39
CA PHE A 112 -9.34 11.41 -1.96
C PHE A 112 -10.26 11.66 -0.76
N GLY A 113 -10.03 12.77 -0.06
CA GLY A 113 -10.83 13.09 1.10
C GLY A 113 -9.99 13.29 2.35
N SER A 114 -9.68 14.53 2.66
CA SER A 114 -8.86 14.86 3.83
C SER A 114 -9.00 16.34 4.19
N GLY A 115 -8.85 16.64 5.48
CA GLY A 115 -8.96 18.01 5.93
C GLY A 115 -8.13 18.27 7.17
N PRO A 116 -8.52 19.30 7.95
CA PRO A 116 -7.83 19.67 9.18
C PRO A 116 -8.00 18.63 10.29
N SER A 117 -7.00 17.78 10.45
CA SER A 117 -7.04 16.73 11.47
C SER A 117 -7.77 17.21 12.71
N SER A 118 -8.85 16.53 13.06
CA SER A 118 -9.65 16.89 14.23
C SER A 118 -9.14 16.17 15.48
N GLY A 119 -9.06 14.85 15.40
CA GLY A 119 -8.58 14.07 16.52
C GLY A 119 -9.69 13.24 17.15
N GLY A 1 -3.68 4.52 -31.25
CA GLY A 1 -3.76 3.91 -29.93
C GLY A 1 -4.10 2.43 -30.00
N SER A 2 -3.08 1.59 -29.89
CA SER A 2 -3.27 0.14 -29.95
C SER A 2 -4.06 -0.34 -28.75
N SER A 3 -4.44 -1.61 -28.77
CA SER A 3 -5.21 -2.20 -27.68
C SER A 3 -4.62 -1.84 -26.32
N GLY A 4 -3.36 -2.21 -26.12
CA GLY A 4 -2.69 -1.91 -24.87
C GLY A 4 -3.59 -2.10 -23.67
N SER A 5 -4.17 -3.29 -23.55
CA SER A 5 -5.06 -3.60 -22.44
C SER A 5 -4.41 -4.60 -21.48
N SER A 6 -4.07 -4.13 -20.29
CA SER A 6 -3.44 -4.97 -19.28
C SER A 6 -4.20 -6.28 -19.12
N GLY A 7 -3.57 -7.37 -19.57
CA GLY A 7 -4.20 -8.68 -19.48
C GLY A 7 -3.98 -9.32 -18.12
N ALA A 8 -3.88 -10.65 -18.12
CA ALA A 8 -3.66 -11.39 -16.87
C ALA A 8 -2.45 -10.85 -16.12
N SER A 9 -2.71 -9.96 -15.17
CA SER A 9 -1.63 -9.36 -14.37
C SER A 9 -0.62 -10.42 -13.96
N ARG A 10 0.59 -9.97 -13.60
CA ARG A 10 1.65 -10.87 -13.19
C ARG A 10 2.08 -10.58 -11.75
N ASP A 11 2.94 -11.44 -11.21
CA ASP A 11 3.43 -11.26 -9.85
C ASP A 11 3.67 -9.79 -9.53
N LEU A 12 2.96 -9.29 -8.54
CA LEU A 12 3.09 -7.89 -8.14
C LEU A 12 4.48 -7.61 -7.57
N LEU A 13 4.91 -8.47 -6.65
CA LEU A 13 6.22 -8.33 -6.02
C LEU A 13 7.29 -7.99 -7.06
N LYS A 14 7.13 -8.56 -8.26
CA LYS A 14 8.07 -8.33 -9.34
C LYS A 14 8.44 -6.85 -9.44
N GLU A 15 7.43 -5.98 -9.31
CA GLU A 15 7.64 -4.54 -9.38
C GLU A 15 7.98 -3.97 -8.01
N PHE A 16 7.29 -4.47 -6.98
CA PHE A 16 7.50 -4.01 -5.62
C PHE A 16 8.26 -5.06 -4.80
N PRO A 17 9.60 -5.00 -4.86
CA PRO A 17 10.46 -5.94 -4.13
C PRO A 17 10.42 -5.71 -2.62
N GLN A 18 10.44 -4.45 -2.22
CA GLN A 18 10.40 -4.10 -0.80
C GLN A 18 9.13 -3.33 -0.46
N PRO A 19 8.00 -4.04 -0.41
CA PRO A 19 6.70 -3.43 -0.09
C PRO A 19 6.61 -2.98 1.36
N LYS A 20 7.41 -3.58 2.21
CA LYS A 20 7.42 -3.24 3.63
C LYS A 20 7.99 -1.85 3.85
N ASN A 21 9.00 -1.49 3.08
CA ASN A 21 9.63 -0.18 3.19
C ASN A 21 8.99 0.81 2.20
N LEU A 22 8.64 0.33 1.02
CA LEU A 22 8.03 1.16 0.00
C LEU A 22 6.73 1.77 0.52
N LEU A 23 5.74 0.93 0.77
CA LEU A 23 4.45 1.39 1.27
C LEU A 23 4.61 2.30 2.47
N ASN A 24 5.27 1.79 3.51
CA ASN A 24 5.51 2.58 4.71
C ASN A 24 6.14 3.92 4.39
N SER A 25 7.19 3.89 3.56
CA SER A 25 7.89 5.11 3.17
C SER A 25 6.90 6.16 2.67
N VAL A 26 5.93 5.72 1.89
CA VAL A 26 4.92 6.63 1.34
C VAL A 26 4.23 7.41 2.45
N ILE A 27 3.35 6.75 3.18
CA ILE A 27 2.63 7.39 4.28
C ILE A 27 3.59 8.03 5.27
N GLY A 28 4.82 7.55 5.30
CA GLY A 28 5.82 8.10 6.20
C GLY A 28 6.33 9.45 5.75
N ARG A 29 6.25 9.70 4.45
CA ARG A 29 6.71 10.97 3.88
C ARG A 29 5.56 11.96 3.77
N ALA A 30 4.37 11.44 3.47
CA ALA A 30 3.19 12.29 3.34
C ALA A 30 2.72 12.80 4.70
N LEU A 31 2.43 11.87 5.61
CA LEU A 31 1.97 12.23 6.94
C LEU A 31 3.11 12.16 7.95
N GLY A 32 3.65 10.96 8.14
CA GLY A 32 4.75 10.77 9.07
C GLY A 32 4.89 9.33 9.51
N ILE A 33 6.08 8.78 9.34
CA ILE A 33 6.35 7.40 9.74
C ILE A 33 5.64 7.05 11.05
N SER A 34 5.64 7.99 11.98
CA SER A 34 5.00 7.79 13.28
C SER A 34 3.51 7.51 13.10
N HIS A 35 2.84 8.39 12.36
CA HIS A 35 1.40 8.25 12.12
C HIS A 35 1.12 7.02 11.27
N ALA A 36 1.90 6.83 10.22
CA ALA A 36 1.74 5.68 9.34
C ALA A 36 1.50 4.40 10.13
N LYS A 37 2.21 4.25 11.24
CA LYS A 37 2.07 3.08 12.09
C LYS A 37 0.62 2.63 12.17
N ASP A 38 -0.24 3.51 12.69
CA ASP A 38 -1.65 3.21 12.81
C ASP A 38 -2.32 3.10 11.44
N LYS A 39 -2.02 4.05 10.57
CA LYS A 39 -2.58 4.08 9.23
C LYS A 39 -2.53 2.68 8.60
N LEU A 40 -1.38 2.02 8.74
CA LEU A 40 -1.21 0.69 8.18
C LEU A 40 -1.38 -0.38 9.26
N VAL A 41 -2.51 -1.08 9.21
CA VAL A 41 -2.81 -2.13 10.18
C VAL A 41 -2.71 -3.51 9.54
N TYR A 42 -2.14 -4.46 10.29
CA TYR A 42 -1.98 -5.82 9.78
C TYR A 42 -2.75 -6.81 10.66
N VAL A 43 -3.79 -7.41 10.09
CA VAL A 43 -4.60 -8.39 10.82
C VAL A 43 -4.17 -9.81 10.49
N HIS A 44 -3.54 -10.47 11.46
CA HIS A 44 -3.08 -11.84 11.28
C HIS A 44 -4.25 -12.82 11.32
N THR A 45 -4.41 -13.60 10.26
CA THR A 45 -5.49 -14.57 10.18
C THR A 45 -4.95 -15.99 10.01
N ASN A 46 -5.82 -16.97 10.17
CA ASN A 46 -5.42 -18.37 10.04
C ASN A 46 -6.44 -19.15 9.21
N GLY A 47 -6.00 -19.62 8.05
CA GLY A 47 -6.88 -20.37 7.17
C GLY A 47 -6.47 -21.82 7.04
N PRO A 48 -6.82 -22.44 5.91
CA PRO A 48 -6.49 -23.85 5.64
C PRO A 48 -5.00 -24.07 5.41
N LYS A 49 -4.30 -24.48 6.46
CA LYS A 49 -2.87 -24.74 6.38
C LYS A 49 -2.17 -23.61 5.62
N LYS A 50 -2.71 -22.41 5.72
CA LYS A 50 -2.14 -21.24 5.05
C LYS A 50 -2.28 -20.00 5.90
N LYS A 51 -1.26 -19.14 5.87
CA LYS A 51 -1.26 -17.91 6.64
C LYS A 51 -1.66 -16.72 5.77
N LYS A 52 -2.54 -15.88 6.30
CA LYS A 52 -3.01 -14.70 5.58
C LYS A 52 -2.91 -13.45 6.44
N VAL A 53 -2.86 -12.29 5.80
CA VAL A 53 -2.77 -11.02 6.50
C VAL A 53 -3.51 -9.91 5.76
N THR A 54 -4.51 -9.34 6.41
CA THR A 54 -5.30 -8.27 5.81
C THR A 54 -4.76 -6.90 6.21
N LEU A 55 -4.10 -6.23 5.28
CA LEU A 55 -3.53 -4.91 5.53
C LEU A 55 -4.60 -3.82 5.39
N HIS A 56 -5.06 -3.30 6.53
CA HIS A 56 -6.07 -2.26 6.53
C HIS A 56 -5.43 -0.88 6.43
N ILE A 57 -5.50 -0.29 5.24
CA ILE A 57 -4.93 1.03 5.01
C ILE A 57 -5.99 2.12 5.11
N LYS A 58 -5.58 3.30 5.56
CA LYS A 58 -6.50 4.42 5.71
C LYS A 58 -6.11 5.56 4.77
N TRP A 59 -4.82 5.85 4.69
CA TRP A 59 -4.32 6.90 3.84
C TRP A 59 -3.76 6.34 2.52
N PRO A 60 -4.06 7.03 1.41
CA PRO A 60 -4.86 8.25 1.43
C PRO A 60 -6.32 7.97 1.76
N LYS A 61 -6.86 6.89 1.20
CA LYS A 61 -8.25 6.51 1.45
C LYS A 61 -8.33 5.21 2.22
N SER A 62 -9.53 4.88 2.70
CA SER A 62 -9.73 3.65 3.47
C SER A 62 -9.79 2.44 2.55
N VAL A 63 -8.75 1.63 2.58
CA VAL A 63 -8.68 0.42 1.76
C VAL A 63 -8.07 -0.74 2.52
N GLU A 64 -8.19 -1.93 1.97
CA GLU A 64 -7.65 -3.13 2.60
C GLU A 64 -7.20 -4.15 1.55
N VAL A 65 -6.19 -4.93 1.90
CA VAL A 65 -5.66 -5.95 0.99
C VAL A 65 -5.26 -7.21 1.74
N GLU A 66 -5.32 -8.35 1.06
CA GLU A 66 -4.98 -9.63 1.65
C GLU A 66 -3.55 -10.03 1.29
N GLY A 67 -2.90 -10.77 2.18
CA GLY A 67 -1.54 -11.21 1.93
C GLY A 67 -1.27 -12.60 2.47
N TYR A 68 -1.09 -13.56 1.58
CA TYR A 68 -0.83 -14.94 1.97
C TYR A 68 0.67 -15.24 1.95
N GLY A 69 1.06 -16.32 2.63
CA GLY A 69 2.46 -16.69 2.69
C GLY A 69 2.73 -17.78 3.71
N SER A 70 3.87 -18.44 3.58
CA SER A 70 4.24 -19.51 4.49
C SER A 70 4.51 -18.97 5.88
N LYS A 71 5.38 -17.97 5.97
CA LYS A 71 5.71 -17.35 7.25
C LYS A 71 5.06 -15.98 7.38
N LYS A 72 5.12 -15.41 8.59
CA LYS A 72 4.53 -14.10 8.85
C LYS A 72 5.06 -13.06 7.86
N ILE A 73 6.38 -12.99 7.73
CA ILE A 73 7.00 -12.05 6.81
C ILE A 73 6.56 -12.29 5.38
N ASP A 74 6.26 -13.55 5.06
CA ASP A 74 5.83 -13.92 3.72
C ASP A 74 4.44 -13.35 3.43
N ALA A 75 3.51 -13.58 4.34
CA ALA A 75 2.15 -13.08 4.17
C ALA A 75 2.09 -11.56 4.30
N GLU A 76 2.64 -11.05 5.40
CA GLU A 76 2.64 -9.62 5.64
C GLU A 76 3.17 -8.86 4.43
N ARG A 77 4.19 -9.41 3.79
CA ARG A 77 4.79 -8.80 2.62
C ARG A 77 3.77 -8.67 1.49
N GLN A 78 3.12 -9.78 1.17
CA GLN A 78 2.12 -9.79 0.10
C GLN A 78 1.07 -8.70 0.32
N ALA A 79 0.47 -8.71 1.50
CA ALA A 79 -0.56 -7.72 1.84
C ALA A 79 -0.11 -6.32 1.43
N ALA A 80 1.07 -5.92 1.89
CA ALA A 80 1.61 -4.61 1.56
C ALA A 80 1.76 -4.41 0.06
N ALA A 81 2.40 -5.38 -0.59
CA ALA A 81 2.59 -5.32 -2.04
C ALA A 81 1.27 -5.13 -2.76
N ALA A 82 0.24 -5.85 -2.32
CA ALA A 82 -1.07 -5.75 -2.93
C ALA A 82 -1.58 -4.32 -2.93
N ALA A 83 -1.02 -3.50 -2.04
CA ALA A 83 -1.42 -2.10 -1.94
C ALA A 83 -0.52 -1.21 -2.78
N CYS A 84 0.77 -1.55 -2.82
CA CYS A 84 1.74 -0.78 -3.59
C CYS A 84 1.20 -0.47 -4.98
N GLN A 85 0.47 -1.42 -5.56
CA GLN A 85 -0.10 -1.25 -6.89
C GLN A 85 -1.19 -0.18 -6.88
N LEU A 86 -1.94 -0.11 -5.79
CA LEU A 86 -3.01 0.87 -5.66
C LEU A 86 -2.44 2.29 -5.59
N PHE A 87 -1.32 2.42 -4.90
CA PHE A 87 -0.67 3.73 -4.75
C PHE A 87 -0.07 4.19 -6.07
N LYS A 88 0.42 3.24 -6.86
CA LYS A 88 1.02 3.55 -8.15
C LYS A 88 -0.04 4.08 -9.13
N GLY A 89 -1.13 3.35 -9.27
CA GLY A 89 -2.19 3.76 -10.17
C GLY A 89 -2.77 5.11 -9.80
N TRP A 90 -3.04 5.30 -8.51
CA TRP A 90 -3.60 6.56 -8.02
C TRP A 90 -2.71 7.73 -8.41
N GLY A 91 -1.40 7.50 -8.46
CA GLY A 91 -0.47 8.55 -8.82
C GLY A 91 0.28 9.10 -7.62
N LEU A 92 0.56 8.23 -6.65
CA LEU A 92 1.27 8.63 -5.44
C LEU A 92 2.76 8.33 -5.57
N LEU A 93 3.11 7.42 -6.47
CA LEU A 93 4.50 7.04 -6.68
C LEU A 93 4.95 7.41 -8.09
N GLY A 94 4.33 6.80 -9.09
CA GLY A 94 4.67 7.09 -10.47
C GLY A 94 5.10 5.84 -11.23
N PRO A 95 5.76 6.05 -12.37
CA PRO A 95 6.24 4.94 -13.22
C PRO A 95 7.39 4.18 -12.57
N ARG A 96 8.34 4.91 -11.99
CA ARG A 96 9.50 4.30 -11.35
C ARG A 96 9.39 4.42 -9.83
N ASN A 97 8.16 4.26 -9.31
CA ASN A 97 7.93 4.34 -7.87
C ASN A 97 8.73 5.49 -7.26
N GLU A 98 8.62 6.67 -7.86
CA GLU A 98 9.33 7.85 -7.37
C GLU A 98 8.44 8.70 -6.48
N LEU A 99 8.57 8.54 -5.17
CA LEU A 99 7.77 9.29 -4.21
C LEU A 99 7.75 10.77 -4.58
N PHE A 100 6.94 11.54 -3.85
CA PHE A 100 6.81 12.98 -4.11
C PHE A 100 7.10 13.76 -2.84
N ASP A 101 7.20 15.09 -2.98
CA ASP A 101 7.47 15.96 -1.84
C ASP A 101 6.30 15.97 -0.87
N ALA A 102 6.59 15.86 0.42
CA ALA A 102 5.56 15.87 1.44
C ALA A 102 4.40 16.78 1.05
N ALA A 103 4.72 18.03 0.74
CA ALA A 103 3.71 19.00 0.35
C ALA A 103 2.74 18.42 -0.68
N LYS A 104 3.27 18.08 -1.85
CA LYS A 104 2.44 17.51 -2.91
C LYS A 104 1.53 16.43 -2.36
N TYR A 105 2.10 15.51 -1.60
CA TYR A 105 1.33 14.41 -1.01
C TYR A 105 0.11 14.94 -0.26
N ARG A 106 0.33 15.99 0.54
CA ARG A 106 -0.74 16.59 1.32
C ARG A 106 -1.95 16.89 0.44
N VAL A 107 -1.68 17.40 -0.76
CA VAL A 107 -2.73 17.74 -1.70
C VAL A 107 -3.28 16.50 -2.39
N LEU A 108 -2.40 15.55 -2.68
CA LEU A 108 -2.78 14.31 -3.34
C LEU A 108 -3.84 13.57 -2.52
N ALA A 109 -3.55 13.36 -1.24
CA ALA A 109 -4.47 12.67 -0.34
C ALA A 109 -5.82 13.36 -0.31
N ASP A 110 -5.81 14.69 -0.20
CA ASP A 110 -7.03 15.46 -0.16
C ASP A 110 -8.01 15.01 -1.24
N ARG A 111 -7.55 15.05 -2.49
CA ARG A 111 -8.38 14.65 -3.62
C ARG A 111 -9.24 13.45 -3.25
N PHE A 112 -8.67 12.53 -2.47
CA PHE A 112 -9.39 11.33 -2.05
C PHE A 112 -10.28 11.62 -0.85
N GLY A 113 -9.80 12.47 0.05
CA GLY A 113 -10.57 12.82 1.24
C GLY A 113 -11.35 14.10 1.06
N SER A 114 -11.50 14.85 2.14
CA SER A 114 -12.25 16.10 2.11
C SER A 114 -11.72 17.09 3.15
N GLY A 115 -12.30 18.29 3.18
CA GLY A 115 -11.86 19.29 4.12
C GLY A 115 -10.92 20.31 3.50
N PRO A 116 -11.50 21.33 2.85
CA PRO A 116 -10.73 22.39 2.19
C PRO A 116 -10.04 23.30 3.20
N SER A 117 -8.97 23.96 2.76
CA SER A 117 -8.22 24.87 3.62
C SER A 117 -7.66 26.04 2.82
N SER A 118 -7.61 27.21 3.45
CA SER A 118 -7.10 28.41 2.79
C SER A 118 -5.65 28.68 3.21
N GLY A 119 -4.85 27.61 3.27
CA GLY A 119 -3.46 27.74 3.65
C GLY A 119 -3.30 28.38 5.02
N GLY A 1 -5.27 -9.50 -28.23
CA GLY A 1 -4.07 -9.32 -27.42
C GLY A 1 -2.95 -10.25 -27.86
N SER A 2 -1.81 -9.67 -28.22
CA SER A 2 -0.66 -10.45 -28.66
C SER A 2 0.41 -10.50 -27.58
N SER A 3 0.37 -9.53 -26.67
CA SER A 3 1.34 -9.46 -25.58
C SER A 3 0.64 -9.22 -24.25
N GLY A 4 0.55 -10.28 -23.43
CA GLY A 4 -0.10 -10.16 -22.14
C GLY A 4 -0.77 -11.44 -21.71
N SER A 5 -0.34 -11.99 -20.57
CA SER A 5 -0.91 -13.23 -20.05
C SER A 5 -2.16 -12.95 -19.24
N SER A 6 -2.06 -12.05 -18.27
CA SER A 6 -3.19 -11.70 -17.42
C SER A 6 -3.28 -10.19 -17.22
N GLY A 7 -4.48 -9.65 -17.32
CA GLY A 7 -4.68 -8.22 -17.14
C GLY A 7 -3.77 -7.64 -16.07
N ALA A 8 -3.75 -8.28 -14.92
CA ALA A 8 -2.92 -7.83 -13.80
C ALA A 8 -1.64 -8.65 -13.69
N SER A 9 -0.54 -8.00 -13.35
CA SER A 9 0.74 -8.68 -13.21
C SER A 9 0.62 -9.90 -12.31
N ARG A 10 0.70 -11.08 -12.92
CA ARG A 10 0.59 -12.34 -12.17
C ARG A 10 1.31 -12.22 -10.83
N ASP A 11 2.49 -11.63 -10.84
CA ASP A 11 3.29 -11.46 -9.63
C ASP A 11 3.51 -9.99 -9.32
N LEU A 12 2.76 -9.47 -8.34
CA LEU A 12 2.88 -8.08 -7.95
C LEU A 12 4.26 -7.77 -7.39
N LEU A 13 4.72 -8.62 -6.46
CA LEU A 13 6.02 -8.46 -5.84
C LEU A 13 7.10 -8.20 -6.89
N LYS A 14 6.90 -8.76 -8.08
CA LYS A 14 7.85 -8.60 -9.18
C LYS A 14 8.25 -7.13 -9.33
N GLU A 15 7.25 -6.25 -9.32
CA GLU A 15 7.50 -4.82 -9.46
C GLU A 15 7.89 -4.21 -8.13
N PHE A 16 7.28 -4.68 -7.05
CA PHE A 16 7.56 -4.17 -5.71
C PHE A 16 8.42 -5.16 -4.94
N PRO A 17 9.75 -4.93 -4.97
CA PRO A 17 10.71 -5.79 -4.28
C PRO A 17 10.63 -5.65 -2.76
N GLN A 18 10.56 -4.40 -2.29
CA GLN A 18 10.47 -4.13 -0.86
C GLN A 18 9.25 -3.27 -0.54
N PRO A 19 8.07 -3.91 -0.49
CA PRO A 19 6.81 -3.22 -0.20
C PRO A 19 6.72 -2.76 1.26
N LYS A 20 7.20 -3.60 2.16
CA LYS A 20 7.18 -3.27 3.59
C LYS A 20 7.82 -1.90 3.84
N ASN A 21 8.86 -1.59 3.07
CA ASN A 21 9.55 -0.32 3.20
C ASN A 21 8.96 0.73 2.26
N LEU A 22 8.55 0.28 1.08
CA LEU A 22 7.97 1.18 0.09
C LEU A 22 6.66 1.79 0.60
N LEU A 23 5.70 0.93 0.91
CA LEU A 23 4.40 1.39 1.41
C LEU A 23 4.58 2.31 2.61
N ASN A 24 5.24 1.82 3.65
CA ASN A 24 5.48 2.60 4.86
C ASN A 24 6.16 3.92 4.51
N SER A 25 7.20 3.86 3.69
CA SER A 25 7.94 5.04 3.29
C SER A 25 6.99 6.11 2.75
N VAL A 26 6.01 5.69 1.97
CA VAL A 26 5.03 6.61 1.40
C VAL A 26 4.37 7.47 2.48
N ILE A 27 3.47 6.87 3.24
CA ILE A 27 2.78 7.57 4.31
C ILE A 27 3.77 8.27 5.24
N GLY A 28 4.93 7.66 5.41
CA GLY A 28 5.94 8.25 6.26
C GLY A 28 6.41 9.60 5.78
N ARG A 29 6.40 9.79 4.47
CA ARG A 29 6.83 11.05 3.87
C ARG A 29 5.68 12.06 3.83
N ALA A 30 4.47 11.55 3.56
CA ALA A 30 3.29 12.40 3.50
C ALA A 30 2.84 12.83 4.89
N LEU A 31 2.55 11.86 5.74
CA LEU A 31 2.12 12.15 7.10
C LEU A 31 3.28 12.06 8.08
N GLY A 32 3.80 10.85 8.28
CA GLY A 32 4.91 10.66 9.19
C GLY A 32 5.05 9.21 9.62
N ILE A 33 6.24 8.65 9.44
CA ILE A 33 6.50 7.27 9.82
C ILE A 33 5.78 6.92 11.12
N SER A 34 5.81 7.83 12.07
CA SER A 34 5.16 7.62 13.37
C SER A 34 3.67 7.39 13.20
N HIS A 35 3.04 8.21 12.35
CA HIS A 35 1.61 8.10 12.09
C HIS A 35 1.31 6.86 11.27
N ALA A 36 2.10 6.63 10.23
CA ALA A 36 1.91 5.47 9.36
C ALA A 36 1.63 4.21 10.18
N LYS A 37 2.32 4.09 11.31
CA LYS A 37 2.15 2.93 12.19
C LYS A 37 0.68 2.54 12.30
N ASP A 38 -0.16 3.52 12.64
CA ASP A 38 -1.59 3.28 12.78
C ASP A 38 -2.26 3.19 11.42
N LYS A 39 -1.86 4.08 10.51
CA LYS A 39 -2.43 4.11 9.17
C LYS A 39 -2.44 2.71 8.55
N LEU A 40 -1.32 2.01 8.68
CA LEU A 40 -1.20 0.66 8.15
C LEU A 40 -1.40 -0.38 9.23
N VAL A 41 -2.50 -1.13 9.14
CA VAL A 41 -2.80 -2.16 10.12
C VAL A 41 -2.75 -3.55 9.49
N TYR A 42 -2.21 -4.51 10.21
CA TYR A 42 -2.11 -5.88 9.72
C TYR A 42 -2.94 -6.83 10.57
N VAL A 43 -3.93 -7.46 9.95
CA VAL A 43 -4.80 -8.40 10.65
C VAL A 43 -4.56 -9.82 10.17
N HIS A 44 -3.86 -10.61 10.98
CA HIS A 44 -3.57 -12.00 10.64
C HIS A 44 -4.85 -12.83 10.63
N THR A 45 -5.07 -13.54 9.53
CA THR A 45 -6.25 -14.39 9.40
C THR A 45 -5.87 -15.86 9.28
N ASN A 46 -6.69 -16.73 9.85
CA ASN A 46 -6.45 -18.16 9.82
C ASN A 46 -7.33 -18.84 8.77
N GLY A 47 -6.75 -19.81 8.06
CA GLY A 47 -7.49 -20.52 7.04
C GLY A 47 -6.75 -21.74 6.53
N PRO A 48 -6.48 -21.76 5.21
CA PRO A 48 -5.78 -22.87 4.57
C PRO A 48 -4.30 -22.91 4.96
N LYS A 49 -3.64 -24.01 4.60
CA LYS A 49 -2.23 -24.19 4.91
C LYS A 49 -1.48 -22.87 4.80
N LYS A 50 -1.88 -22.03 3.85
CA LYS A 50 -1.26 -20.72 3.65
C LYS A 50 -1.89 -19.67 4.56
N LYS A 51 -1.05 -18.83 5.15
CA LYS A 51 -1.51 -17.78 6.04
C LYS A 51 -1.86 -16.51 5.25
N LYS A 52 -2.94 -15.85 5.65
CA LYS A 52 -3.38 -14.63 4.97
C LYS A 52 -3.41 -13.46 5.95
N VAL A 53 -2.98 -12.29 5.49
CA VAL A 53 -2.96 -11.10 6.32
C VAL A 53 -3.73 -9.95 5.65
N THR A 54 -4.70 -9.40 6.37
CA THR A 54 -5.51 -8.31 5.86
C THR A 54 -4.92 -6.96 6.26
N LEU A 55 -4.24 -6.32 5.31
CA LEU A 55 -3.63 -5.01 5.57
C LEU A 55 -4.67 -3.89 5.45
N HIS A 56 -5.14 -3.42 6.60
CA HIS A 56 -6.13 -2.35 6.63
C HIS A 56 -5.47 -0.98 6.49
N ILE A 57 -5.53 -0.41 5.30
CA ILE A 57 -4.94 0.89 5.04
C ILE A 57 -5.97 2.01 5.15
N LYS A 58 -5.54 3.17 5.64
CA LYS A 58 -6.42 4.31 5.78
C LYS A 58 -6.02 5.44 4.85
N TRP A 59 -4.71 5.68 4.75
CA TRP A 59 -4.20 6.73 3.88
C TRP A 59 -3.68 6.16 2.57
N PRO A 60 -3.97 6.85 1.46
CA PRO A 60 -4.75 8.08 1.49
C PRO A 60 -6.22 7.84 1.84
N LYS A 61 -6.79 6.77 1.29
CA LYS A 61 -8.18 6.43 1.56
C LYS A 61 -8.28 5.12 2.34
N SER A 62 -9.48 4.80 2.81
CA SER A 62 -9.70 3.59 3.57
C SER A 62 -9.79 2.38 2.65
N VAL A 63 -8.70 1.60 2.62
CA VAL A 63 -8.65 0.40 1.79
C VAL A 63 -8.10 -0.79 2.56
N GLU A 64 -8.26 -1.99 1.99
CA GLU A 64 -7.79 -3.20 2.63
C GLU A 64 -7.33 -4.23 1.59
N VAL A 65 -6.26 -4.94 1.90
CA VAL A 65 -5.72 -5.94 1.00
C VAL A 65 -5.28 -7.19 1.76
N GLU A 66 -5.09 -8.29 1.03
CA GLU A 66 -4.68 -9.54 1.64
C GLU A 66 -3.22 -9.87 1.29
N GLY A 67 -2.55 -10.59 2.17
CA GLY A 67 -1.16 -10.95 1.93
C GLY A 67 -0.86 -12.37 2.35
N TYR A 68 -0.29 -13.14 1.44
CA TYR A 68 0.06 -14.53 1.72
C TYR A 68 1.54 -14.68 2.05
N GLY A 69 1.87 -15.75 2.77
CA GLY A 69 3.26 -15.98 3.14
C GLY A 69 3.41 -17.07 4.18
N SER A 70 4.31 -18.01 3.94
CA SER A 70 4.53 -19.12 4.86
C SER A 70 4.79 -18.60 6.27
N LYS A 71 5.66 -17.60 6.38
CA LYS A 71 5.99 -17.01 7.68
C LYS A 71 5.23 -15.71 7.89
N LYS A 72 5.21 -15.23 9.13
CA LYS A 72 4.53 -13.99 9.47
C LYS A 72 4.94 -12.87 8.53
N ILE A 73 6.23 -12.53 8.55
CA ILE A 73 6.75 -11.48 7.68
C ILE A 73 6.34 -11.70 6.23
N ASP A 74 6.52 -12.93 5.75
CA ASP A 74 6.18 -13.28 4.38
C ASP A 74 4.74 -12.87 4.06
N ALA A 75 3.83 -13.18 4.98
CA ALA A 75 2.42 -12.84 4.79
C ALA A 75 2.22 -11.34 4.72
N GLU A 76 2.51 -10.66 5.83
CA GLU A 76 2.35 -9.21 5.88
C GLU A 76 2.96 -8.54 4.65
N ARG A 77 4.11 -9.05 4.23
CA ARG A 77 4.80 -8.51 3.06
C ARG A 77 3.86 -8.44 1.86
N GLN A 78 3.31 -9.58 1.48
CA GLN A 78 2.38 -9.65 0.36
C GLN A 78 1.30 -8.58 0.46
N ALA A 79 0.69 -8.49 1.64
CA ALA A 79 -0.36 -7.51 1.87
C ALA A 79 0.08 -6.12 1.43
N ALA A 80 1.23 -5.68 1.92
CA ALA A 80 1.76 -4.37 1.57
C ALA A 80 1.89 -4.21 0.06
N ALA A 81 2.52 -5.19 -0.57
CA ALA A 81 2.72 -5.17 -2.02
C ALA A 81 1.37 -5.05 -2.75
N ALA A 82 0.40 -5.84 -2.31
CA ALA A 82 -0.93 -5.82 -2.91
C ALA A 82 -1.49 -4.41 -2.97
N ALA A 83 -1.13 -3.59 -1.99
CA ALA A 83 -1.59 -2.21 -1.93
C ALA A 83 -0.68 -1.28 -2.73
N CYS A 84 0.60 -1.63 -2.79
CA CYS A 84 1.57 -0.83 -3.53
C CYS A 84 1.07 -0.53 -4.94
N GLN A 85 0.33 -1.47 -5.52
CA GLN A 85 -0.20 -1.30 -6.86
C GLN A 85 -1.28 -0.22 -6.88
N LEU A 86 -2.04 -0.12 -5.80
CA LEU A 86 -3.10 0.87 -5.70
C LEU A 86 -2.53 2.28 -5.55
N PHE A 87 -1.42 2.38 -4.80
CA PHE A 87 -0.78 3.67 -4.59
C PHE A 87 -0.20 4.22 -5.88
N LYS A 88 0.57 3.40 -6.59
CA LYS A 88 1.18 3.80 -7.85
C LYS A 88 0.11 4.16 -8.88
N GLY A 89 -0.99 3.41 -8.86
CA GLY A 89 -2.07 3.67 -9.80
C GLY A 89 -2.77 4.98 -9.53
N TRP A 90 -3.03 5.26 -8.26
CA TRP A 90 -3.70 6.49 -7.87
C TRP A 90 -2.87 7.72 -8.25
N GLY A 91 -1.55 7.55 -8.26
CA GLY A 91 -0.67 8.64 -8.61
C GLY A 91 0.17 9.12 -7.43
N LEU A 92 0.45 8.21 -6.51
CA LEU A 92 1.25 8.53 -5.33
C LEU A 92 2.71 8.18 -5.55
N LEU A 93 2.95 7.11 -6.30
CA LEU A 93 4.31 6.65 -6.59
C LEU A 93 4.68 6.93 -8.05
N GLY A 94 3.97 6.27 -8.96
CA GLY A 94 4.24 6.45 -10.37
C GLY A 94 4.60 5.16 -11.07
N PRO A 95 5.12 5.26 -12.30
CA PRO A 95 5.51 4.10 -13.10
C PRO A 95 6.75 3.40 -12.54
N ARG A 96 7.70 4.20 -12.07
CA ARG A 96 8.94 3.67 -11.51
C ARG A 96 8.92 3.75 -9.98
N ASN A 97 7.73 3.69 -9.40
CA ASN A 97 7.58 3.76 -7.96
C ASN A 97 8.49 4.84 -7.37
N GLU A 98 8.38 6.05 -7.92
CA GLU A 98 9.18 7.17 -7.45
C GLU A 98 8.36 8.11 -6.58
N LEU A 99 8.64 8.12 -5.28
CA LEU A 99 7.92 8.97 -4.34
C LEU A 99 7.87 10.40 -4.84
N PHE A 100 7.20 11.26 -4.08
CA PHE A 100 7.07 12.67 -4.44
C PHE A 100 7.37 13.57 -3.25
N ASP A 101 7.18 14.87 -3.43
CA ASP A 101 7.43 15.84 -2.37
C ASP A 101 6.33 15.79 -1.32
N ALA A 102 6.68 16.11 -0.08
CA ALA A 102 5.72 16.11 1.01
C ALA A 102 4.50 16.95 0.67
N ALA A 103 4.74 18.15 0.14
CA ALA A 103 3.65 19.05 -0.23
C ALA A 103 2.65 18.35 -1.15
N LYS A 104 3.10 17.96 -2.33
CA LYS A 104 2.25 17.28 -3.30
C LYS A 104 1.40 16.22 -2.61
N TYR A 105 2.03 15.44 -1.73
CA TYR A 105 1.34 14.38 -1.01
C TYR A 105 0.14 14.93 -0.25
N ARG A 106 0.36 16.01 0.50
CA ARG A 106 -0.70 16.64 1.27
C ARG A 106 -1.95 16.84 0.42
N VAL A 107 -1.75 17.21 -0.84
CA VAL A 107 -2.86 17.44 -1.75
C VAL A 107 -3.37 16.13 -2.33
N LEU A 108 -2.46 15.23 -2.66
CA LEU A 108 -2.82 13.92 -3.22
C LEU A 108 -3.78 13.19 -2.29
N ALA A 109 -3.62 13.40 -0.99
CA ALA A 109 -4.48 12.76 0.01
C ALA A 109 -5.80 13.49 0.15
N ASP A 110 -5.76 14.81 -0.02
CA ASP A 110 -6.96 15.63 0.09
C ASP A 110 -8.04 15.15 -0.89
N ARG A 111 -7.70 15.15 -2.17
CA ARG A 111 -8.63 14.72 -3.20
C ARG A 111 -9.39 13.47 -2.77
N PHE A 112 -8.73 12.63 -1.98
CA PHE A 112 -9.33 11.39 -1.49
C PHE A 112 -10.14 11.65 -0.23
N GLY A 113 -9.60 12.48 0.65
CA GLY A 113 -10.28 12.79 1.91
C GLY A 113 -10.09 14.23 2.31
N SER A 114 -11.18 14.99 2.35
CA SER A 114 -11.13 16.39 2.72
C SER A 114 -10.96 16.55 4.23
N GLY A 115 -10.81 17.79 4.68
CA GLY A 115 -10.63 18.05 6.10
C GLY A 115 -9.89 19.34 6.36
N PRO A 116 -9.15 19.38 7.48
CA PRO A 116 -8.37 20.56 7.88
C PRO A 116 -7.16 20.78 6.97
N SER A 117 -7.01 22.01 6.48
CA SER A 117 -5.90 22.35 5.60
C SER A 117 -5.00 23.40 6.25
N SER A 118 -3.97 23.81 5.52
CA SER A 118 -3.03 24.81 6.03
C SER A 118 -3.48 26.21 5.65
N GLY A 119 -3.36 27.15 6.59
CA GLY A 119 -3.76 28.52 6.34
C GLY A 119 -3.38 28.98 4.95
#